data_9FG9
#
_entry.id   9FG9
#
_cell.length_a   1.00
_cell.length_b   1.00
_cell.length_c   1.00
_cell.angle_alpha   90.00
_cell.angle_beta   90.00
_cell.angle_gamma   90.00
#
_symmetry.space_group_name_H-M   'P 1'
#
loop_
_entity.id
_entity.type
_entity.pdbx_description
1 polymer 'Gamma-aminobutyric acid receptor subunit alpha-1'
2 polymer 'Gamma-aminobutyric acid receptor subunit beta-3'
3 polymer 'Gamma-aminobutyric acid receptor subunit gamma-2'
4 branched alpha-D-mannopyranose-(1-2)-alpha-D-mannopyranose-(1-2)-alpha-D-mannopyranose-(1-3)-[alpha-D-mannopyranose-(1-2)-alpha-D-mannopyranose-(1-6)-[alpha-D-mannopyranose-(1-3)]alpha-D-mannopyranose-(1-6)]beta-D-mannopyranose-(1-4)-2-acetamido-2-deoxy-beta-D-glucopyranose-(1-4)-2-acetamido-2-deoxy-beta-D-glucopyranose
5 branched 2-acetamido-2-deoxy-beta-D-glucopyranose-(1-4)-2-acetamido-2-deoxy-beta-D-glucopyranose
6 branched alpha-D-mannopyranose-(1-3)-alpha-D-mannopyranose-(1-6)-[alpha-D-mannopyranose-(1-3)]beta-D-mannopyranose-(1-4)-2-acetamido-2-deoxy-beta-D-glucopyranose-(1-4)-2-acetamido-2-deoxy-beta-D-glucopyranose
7 branched alpha-D-mannopyranose-(1-3)-[alpha-D-mannopyranose-(1-6)]beta-D-mannopyranose-(1-4)-2-acetamido-2-deoxy-beta-D-glucopyranose-(1-4)-2-acetamido-2-deoxy-beta-D-glucopyranose
8 non-polymer 'CHLORIDE ION'
9 non-polymer '[(2R)-2-octanoyloxy-3-[oxidanyl-[(1R,2R,3S,4R,5R,6S)-2,3,6-tris(oxidanyl)-4,5-diphosphonooxy-cyclohexyl]oxy-phosphoryl]oxy-propyl] octanoate'
10 non-polymer DECANE
11 non-polymer 1-palmitoyl-2-oleoyl-sn-glycero-3-phosphocholine
12 non-polymer HEXADECANE
13 non-polymer 'GAMMA-AMINO-BUTANOIC ACID'
14 non-polymer Etomidate
15 water water
#
loop_
_entity_poly.entity_id
_entity_poly.type
_entity_poly.pdbx_seq_one_letter_code
_entity_poly.pdbx_strand_id
1 'polypeptide(L)'
;MKKSPGLSDYLWAWTLFLSTLTGRSYGDYKDDDDKQPSLQDELKDNTTVFTRILDRLLDGYDNRLRPGLGERVTEVKTDI
FVTSFGPVSDHDMEYTIDVFFRQSWKDERLKFKGPMTVLRLNNLMASKIWTPDTFFHNGKKSVAHNMTMPNKLLRITEDG
TLLYTMRLTVRAECPMHLEDFPMDAHACPLKFGSYAYTRAEVVYEWTREPARSVVVAEDGSRLNQYDLLGQTVDSGIVQS
STGEYVVMTTHFHLKRKIGYFVIQTYLPCIMTVILSQVSFWLNRESVPARTVFGVTTVLTMTTLSISARNSLPKVAYATA
MDWFIAVCYAFVFSALIEFATVNYFTKRGYAWDGKSVVPEKPKKVKDPLIKKNNTYAPTATSYTPNLARGDPGLATIAKS
ATIEPKEVKPETKPPEPKKTFNSVSKIDRLSRIAFPLLFGIFNLVYWATYLNREPQLKAPTPHQ
;
A,D
2 'polypeptide(L)'
;MCSGLLELLLPIWLSWTLGTRGSEPRSVNDPGNMSFVKETVDKLLKGYDIRLRPDFGGPPVCVGMNIDIASIDMVSEVNM
DYTLTMYFQQYWRDKRLAYSGIPLNLTLDNRVADQLWVPDTYFLNDKKSFVHGVTVKNRMIRLHPDGTVLYGLRITTTAA
CMMDLRRYPLDEQNCTLEIESYGYTTDDIEFYWRGGDKAVTGVERIELPQFSIVEHRLVSRNVVFATGAYPRLSLSFRLK
RNIGYFILQTYMPSILITILSWVSFWINYDASAARVALGITTVLTMTTINTHLRETLPKIPYVKAIDMYLMGCFVFVFLA
LLEYAFVNYIFFGRGPQRQKKLAEKTAKAKNDRSKSESNRVDAHGNILLTSLEVHNEMNEVSGGIGDTRNSAISFDNSGI
QYRKQSMPREGHGRFLGDRSLPHKKTHLRRRSSQLKIKIPDLTDVNAIDRWSRIVFPFTFSLFNLVYWLYYVN
;
B,E
3 'polypeptide(L)'
;MSSPNIWSTGSSVYSTPVFSQKMTVWILLLLSLYPGFTSQKSDDDYEDYASNKTWVLTPKVPEGDVTVILNNLLEGYDNK
LRPDIGVKPTLIHTDMYVNSIGPVNAINMEYTIDIFFAQTWYDRRLKFNSTIKVLRLNSNMVGKIWIPDTFFRNSKKADA
HWITTPNRMLRIWNDGRVLYTLRLTIDAECQLQLHNFPMDEHSCPLEFSSYGYPREEIVYQWKRSSVEVGDTRSWRLYQF
SFVGLRNTTEVVKTTSGDYVVMSVYFDLSRRMGYFTIQTYIPCTLIVVLSWVSFWINKDAVPARTSLGITTVLTMTTLST
IARKSLPKVSYVTAMDLFVSVCFIFVFSALVEYGTLHYFVSNRKPSKDKDKKKKNPLLRMFSFKAPTIDIRPRSATIQMN
NATHLQERDEEYGYECLDGKDCASFFCCFEDCRTGAWRHGRIHIRIAKMDSYARIFFPTAFCLFNLVYWVSYLYLGGSGG
SGGSGKTETSQVAPA
;
C
#
# COMPACT_ATOMS: atom_id res chain seq x y z
N THR A 47 0.03 -52.66 10.14
CA THR A 47 0.61 -51.32 10.05
C THR A 47 2.00 -51.32 10.69
N THR A 48 2.23 -52.26 11.59
CA THR A 48 3.53 -52.39 12.23
C THR A 48 4.62 -52.77 11.24
N VAL A 49 4.27 -53.39 10.13
CA VAL A 49 5.26 -53.74 9.12
C VAL A 49 5.93 -52.48 8.57
N PHE A 50 5.12 -51.49 8.23
CA PHE A 50 5.67 -50.26 7.66
C PHE A 50 6.25 -49.34 8.74
N THR A 51 5.72 -49.41 9.96
CA THR A 51 6.31 -48.66 11.06
C THR A 51 7.71 -49.17 11.37
N ARG A 52 7.90 -50.49 11.37
CA ARG A 52 9.21 -51.05 11.65
C ARG A 52 10.22 -50.70 10.55
N ILE A 53 9.75 -50.55 9.32
CA ILE A 53 10.65 -50.15 8.24
C ILE A 53 11.11 -48.72 8.44
N LEU A 54 10.19 -47.81 8.72
CA LEU A 54 10.57 -46.41 8.90
C LEU A 54 11.47 -46.22 10.12
N ASP A 55 11.17 -46.92 11.20
CA ASP A 55 12.01 -46.82 12.40
C ASP A 55 13.41 -47.33 12.11
N ARG A 56 13.52 -48.41 11.34
CA ARG A 56 14.84 -48.93 11.01
CA ARG A 56 14.84 -48.94 11.00
C ARG A 56 15.64 -47.96 10.15
N LEU A 57 14.97 -47.31 9.19
CA LEU A 57 15.66 -46.36 8.32
C LEU A 57 16.25 -45.21 9.13
N LEU A 58 15.49 -44.68 10.08
CA LEU A 58 15.92 -43.52 10.83
C LEU A 58 16.79 -43.87 12.03
N ASP A 59 17.03 -45.15 12.29
CA ASP A 59 17.85 -45.55 13.43
C ASP A 59 19.32 -45.39 13.08
N GLY A 60 20.00 -44.46 13.76
CA GLY A 60 21.38 -44.17 13.44
C GLY A 60 21.57 -43.32 12.21
N TYR A 61 20.55 -42.61 11.79
CA TYR A 61 20.60 -41.76 10.61
C TYR A 61 20.93 -40.33 11.02
N ASP A 62 21.92 -39.75 10.37
CA ASP A 62 22.39 -38.41 10.70
C ASP A 62 22.02 -37.49 9.54
N ASN A 63 20.98 -36.68 9.74
CA ASN A 63 20.50 -35.81 8.67
C ASN A 63 21.33 -34.54 8.54
N ARG A 64 22.38 -34.38 9.34
CA ARG A 64 23.34 -33.32 9.13
C ARG A 64 24.35 -33.65 8.04
N LEU A 65 24.42 -34.91 7.63
CA LEU A 65 25.40 -35.39 6.67
C LEU A 65 24.73 -35.69 5.35
N ARG A 66 25.28 -35.16 4.26
CA ARG A 66 24.73 -35.40 2.95
C ARG A 66 25.06 -36.82 2.49
N PRO A 67 24.23 -37.41 1.63
CA PRO A 67 24.51 -38.77 1.15
C PRO A 67 25.81 -38.82 0.36
N GLY A 68 26.71 -39.71 0.76
CA GLY A 68 28.00 -39.80 0.13
C GLY A 68 29.04 -38.84 0.66
N LEU A 69 28.77 -38.22 1.81
CA LEU A 69 29.72 -37.26 2.38
C LEU A 69 31.03 -37.95 2.68
N GLY A 70 32.09 -37.52 2.00
CA GLY A 70 33.40 -38.13 2.13
C GLY A 70 33.68 -39.24 1.14
N GLU A 71 32.70 -39.64 0.33
CA GLU A 71 32.92 -40.65 -0.69
C GLU A 71 32.72 -40.12 -2.09
N ARG A 72 31.60 -39.46 -2.38
CA ARG A 72 31.28 -39.06 -3.73
C ARG A 72 30.52 -37.73 -3.68
N VAL A 73 30.12 -37.25 -4.86
CA VAL A 73 29.32 -36.05 -5.00
C VAL A 73 27.85 -36.45 -4.98
N THR A 74 27.05 -35.78 -4.16
CA THR A 74 25.60 -35.97 -4.22
C THR A 74 25.06 -35.33 -5.49
N GLU A 75 24.29 -36.08 -6.26
CA GLU A 75 23.73 -35.62 -7.51
CA GLU A 75 23.73 -35.62 -7.51
C GLU A 75 22.23 -35.47 -7.36
N VAL A 76 21.73 -34.25 -7.57
CA VAL A 76 20.32 -33.93 -7.40
C VAL A 76 19.73 -33.68 -8.77
N LYS A 77 18.80 -34.53 -9.18
CA LYS A 77 18.05 -34.31 -10.42
C LYS A 77 16.91 -33.35 -10.14
N THR A 78 16.77 -32.34 -10.98
CA THR A 78 15.79 -31.29 -10.75
C THR A 78 14.93 -31.10 -11.99
N ASP A 79 13.64 -30.87 -11.78
CA ASP A 79 12.78 -30.35 -12.81
C ASP A 79 11.77 -29.41 -12.17
N ILE A 80 11.18 -28.56 -12.99
CA ILE A 80 10.25 -27.54 -12.53
C ILE A 80 8.97 -27.67 -13.34
N PHE A 81 7.83 -27.65 -12.65
CA PHE A 81 6.53 -27.52 -13.30
C PHE A 81 5.95 -26.17 -12.89
N VAL A 82 5.78 -25.29 -13.87
CA VAL A 82 5.28 -23.95 -13.61
C VAL A 82 3.76 -23.99 -13.65
N THR A 83 3.15 -23.87 -12.47
CA THR A 83 1.69 -23.88 -12.40
C THR A 83 1.10 -22.54 -12.81
N SER A 84 1.86 -21.46 -12.68
CA SER A 84 1.41 -20.16 -13.15
C SER A 84 2.60 -19.21 -13.22
N PHE A 85 2.80 -18.57 -14.36
CA PHE A 85 3.82 -17.54 -14.50
C PHE A 85 3.16 -16.21 -14.14
N GLY A 86 3.46 -15.73 -12.95
CA GLY A 86 2.70 -14.66 -12.36
C GLY A 86 3.01 -13.33 -12.98
N PRO A 87 2.42 -12.29 -12.40
CA PRO A 87 2.56 -10.95 -13.00
C PRO A 87 3.98 -10.46 -12.95
N VAL A 88 4.32 -9.64 -13.92
CA VAL A 88 5.63 -8.98 -13.98
C VAL A 88 5.45 -7.58 -13.45
N SER A 89 6.33 -7.18 -12.53
CA SER A 89 6.32 -5.84 -11.97
C SER A 89 7.47 -5.06 -12.60
N ASP A 90 7.14 -4.11 -13.48
CA ASP A 90 8.16 -3.24 -14.05
C ASP A 90 8.81 -2.37 -13.00
N HIS A 91 8.01 -1.83 -12.07
CA HIS A 91 8.56 -0.88 -11.12
C HIS A 91 9.58 -1.53 -10.19
N ASP A 92 9.32 -2.75 -9.75
CA ASP A 92 10.24 -3.48 -8.89
C ASP A 92 11.22 -4.33 -9.68
N MET A 93 11.10 -4.37 -11.00
CA MET A 93 11.98 -5.17 -11.85
C MET A 93 12.01 -6.63 -11.41
N GLU A 94 10.85 -7.17 -11.07
CA GLU A 94 10.73 -8.52 -10.57
C GLU A 94 9.56 -9.22 -11.28
N TYR A 95 9.35 -10.48 -10.93
CA TYR A 95 8.20 -11.22 -11.40
C TYR A 95 7.91 -12.33 -10.40
N THR A 96 6.70 -12.87 -10.48
CA THR A 96 6.28 -13.96 -9.61
C THR A 96 6.09 -15.22 -10.44
N ILE A 97 6.45 -16.35 -9.86
CA ILE A 97 6.30 -17.64 -10.52
C ILE A 97 5.88 -18.66 -9.47
N ASP A 98 4.92 -19.51 -9.83
CA ASP A 98 4.44 -20.58 -8.97
C ASP A 98 4.89 -21.91 -9.57
N VAL A 99 5.59 -22.71 -8.80
CA VAL A 99 6.21 -23.91 -9.33
C VAL A 99 5.95 -25.10 -8.42
N PHE A 100 5.91 -26.28 -9.04
CA PHE A 100 6.16 -27.54 -8.36
C PHE A 100 7.65 -27.81 -8.55
N PHE A 101 8.43 -27.55 -7.51
CA PHE A 101 9.88 -27.69 -7.58
C PHE A 101 10.29 -29.09 -7.16
N ARG A 102 10.78 -29.88 -8.10
CA ARG A 102 11.04 -31.29 -7.88
C ARG A 102 12.53 -31.56 -7.80
N GLN A 103 12.94 -32.34 -6.81
CA GLN A 103 14.32 -32.76 -6.66
C GLN A 103 14.37 -34.26 -6.42
N SER A 104 15.42 -34.90 -6.91
CA SER A 104 15.58 -36.33 -6.74
C SER A 104 17.05 -36.66 -6.57
N TRP A 105 17.36 -37.45 -5.54
CA TRP A 105 18.73 -37.85 -5.26
C TRP A 105 18.71 -39.21 -4.60
N LYS A 106 19.88 -39.84 -4.56
CA LYS A 106 20.03 -41.18 -4.03
C LYS A 106 20.64 -41.12 -2.64
N ASP A 107 20.05 -41.86 -1.70
CA ASP A 107 20.55 -41.96 -0.34
C ASP A 107 20.61 -43.43 0.05
N GLU A 108 21.81 -44.01 0.03
CA GLU A 108 21.97 -45.42 0.31
C GLU A 108 21.63 -45.79 1.75
N ARG A 109 21.54 -44.80 2.64
CA ARG A 109 21.08 -45.07 4.00
C ARG A 109 19.60 -45.39 4.07
N LEU A 110 18.84 -45.13 3.00
CA LEU A 110 17.40 -45.28 3.00
C LEU A 110 16.94 -46.44 2.13
N LYS A 111 17.79 -47.42 1.87
CA LYS A 111 17.35 -48.63 1.19
C LYS A 111 16.51 -49.48 2.12
N PHE A 112 15.51 -50.16 1.55
CA PHE A 112 14.65 -51.02 2.35
C PHE A 112 14.09 -52.14 1.49
N LYS A 113 13.58 -53.16 2.14
CA LYS A 113 12.86 -54.24 1.50
C LYS A 113 11.56 -54.47 2.25
N GLY A 114 10.45 -54.46 1.53
CA GLY A 114 9.16 -54.59 2.17
C GLY A 114 8.05 -54.93 1.20
N PRO A 115 6.81 -54.85 1.67
CA PRO A 115 5.68 -55.16 0.80
C PRO A 115 5.53 -54.20 -0.37
N MET A 116 6.10 -53.00 -0.30
CA MET A 116 5.96 -52.00 -1.33
C MET A 116 7.32 -51.60 -1.87
N THR A 117 7.35 -51.12 -3.11
CA THR A 117 8.57 -50.64 -3.72
C THR A 117 8.76 -49.14 -3.60
N VAL A 118 7.69 -48.39 -3.31
CA VAL A 118 7.78 -46.94 -3.10
C VAL A 118 7.01 -46.61 -1.83
N LEU A 119 7.65 -45.88 -0.92
CA LEU A 119 7.01 -45.43 0.30
C LEU A 119 6.57 -43.98 0.09
N ARG A 120 5.27 -43.77 -0.09
CA ARG A 120 4.71 -42.44 -0.23
C ARG A 120 4.35 -41.94 1.17
N LEU A 121 5.18 -41.07 1.71
CA LEU A 121 5.07 -40.60 3.08
C LEU A 121 4.65 -39.14 3.09
N ASN A 122 4.09 -38.71 4.23
CA ASN A 122 3.77 -37.30 4.36
C ASN A 122 5.05 -36.49 4.55
N ASN A 123 4.91 -35.17 4.43
CA ASN A 123 6.07 -34.30 4.35
C ASN A 123 6.88 -34.27 5.66
N LEU A 124 6.29 -34.63 6.79
CA LEU A 124 7.06 -34.54 8.03
C LEU A 124 8.22 -35.52 8.07
N MET A 125 8.19 -36.55 7.22
CA MET A 125 9.35 -37.42 7.08
C MET A 125 10.50 -36.71 6.38
N ALA A 126 10.20 -35.72 5.54
CA ALA A 126 11.26 -35.00 4.84
C ALA A 126 12.15 -34.24 5.82
N SER A 127 11.58 -33.70 6.89
CA SER A 127 12.39 -33.00 7.88
C SER A 127 13.24 -33.95 8.71
N LYS A 128 12.99 -35.25 8.63
CA LYS A 128 13.77 -36.22 9.39
C LYS A 128 15.02 -36.68 8.67
N ILE A 129 15.11 -36.47 7.35
CA ILE A 129 16.24 -36.94 6.56
C ILE A 129 17.01 -35.76 6.01
N TRP A 130 18.07 -36.03 5.28
CA TRP A 130 18.80 -34.99 4.58
C TRP A 130 18.07 -34.60 3.31
N THR A 131 17.88 -33.30 3.11
CA THR A 131 17.37 -32.78 1.85
C THR A 131 18.33 -31.73 1.35
N PRO A 132 18.38 -31.50 0.04
CA PRO A 132 19.25 -30.45 -0.49
C PRO A 132 18.83 -29.07 0.01
N ASP A 133 19.81 -28.19 0.17
CA ASP A 133 19.55 -26.83 0.62
C ASP A 133 19.43 -25.87 -0.56
N THR A 134 18.58 -26.22 -1.51
CA THR A 134 18.43 -25.42 -2.72
C THR A 134 17.82 -24.07 -2.40
N PHE A 135 18.29 -23.04 -3.07
CA PHE A 135 17.79 -21.69 -2.93
C PHE A 135 17.89 -21.00 -4.27
N PHE A 136 17.13 -19.93 -4.44
CA PHE A 136 17.06 -19.21 -5.70
C PHE A 136 17.95 -17.98 -5.63
N HIS A 137 18.93 -17.92 -6.53
CA HIS A 137 19.95 -16.88 -6.47
C HIS A 137 19.36 -15.49 -6.70
N ASN A 138 18.44 -15.36 -7.64
CA ASN A 138 17.81 -14.08 -7.92
C ASN A 138 16.47 -13.92 -7.24
N GLY A 139 16.14 -14.81 -6.29
CA GLY A 139 14.88 -14.69 -5.59
C GLY A 139 14.87 -13.56 -4.58
N LYS A 140 13.68 -13.01 -4.34
CA LYS A 140 13.52 -11.87 -3.45
C LYS A 140 12.75 -12.24 -2.18
N LYS A 141 11.53 -12.73 -2.32
CA LYS A 141 10.73 -13.13 -1.16
C LYS A 141 9.87 -14.30 -1.59
N SER A 142 10.34 -15.50 -1.32
CA SER A 142 9.69 -16.71 -1.78
C SER A 142 8.88 -17.34 -0.66
N VAL A 143 7.81 -18.02 -1.04
CA VAL A 143 6.90 -18.67 -0.11
C VAL A 143 6.89 -20.15 -0.40
N ALA A 144 7.18 -20.96 0.61
CA ALA A 144 6.93 -22.39 0.57
C ALA A 144 5.57 -22.61 1.24
N HIS A 145 4.55 -22.85 0.43
CA HIS A 145 3.18 -22.90 0.92
C HIS A 145 2.99 -24.04 1.89
N ASN A 146 2.21 -23.78 2.95
CA ASN A 146 1.90 -24.82 3.93
C ASN A 146 0.45 -24.73 4.37
N MET A 147 -0.46 -24.55 3.42
CA MET A 147 -1.89 -24.60 3.65
C MET A 147 -2.48 -25.74 2.84
N THR A 148 -3.16 -26.67 3.50
CA THR A 148 -3.41 -26.63 4.93
C THR A 148 -2.29 -27.32 5.71
N MET A 149 -1.44 -28.03 4.99
CA MET A 149 -0.24 -28.67 5.50
C MET A 149 0.91 -28.27 4.58
N PRO A 150 2.16 -28.46 5.03
CA PRO A 150 3.29 -28.21 4.12
C PRO A 150 3.12 -28.89 2.78
N ASN A 151 3.08 -28.09 1.70
CA ASN A 151 2.83 -28.62 0.36
C ASN A 151 4.11 -29.27 -0.15
N LYS A 152 4.46 -30.40 0.45
CA LYS A 152 5.63 -31.16 0.09
C LYS A 152 5.26 -32.63 0.01
N LEU A 153 5.92 -33.35 -0.88
CA LEU A 153 5.78 -34.80 -0.96
C LEU A 153 7.15 -35.43 -0.91
N LEU A 154 7.26 -36.52 -0.16
CA LEU A 154 8.49 -37.30 -0.08
C LEU A 154 8.14 -38.74 -0.43
N ARG A 155 8.89 -39.31 -1.36
CA ARG A 155 8.70 -40.70 -1.76
C ARG A 155 10.05 -41.39 -1.78
N ILE A 156 10.12 -42.54 -1.12
CA ILE A 156 11.36 -43.31 -1.02
C ILE A 156 11.15 -44.63 -1.73
N THR A 157 11.97 -44.89 -2.74
CA THR A 157 11.94 -46.19 -3.38
C THR A 157 12.92 -47.13 -2.70
N GLU A 158 12.76 -48.43 -2.95
CA GLU A 158 13.49 -49.43 -2.21
C GLU A 158 15.00 -49.36 -2.45
N ASP A 159 15.44 -48.78 -3.55
CA ASP A 159 16.86 -48.65 -3.81
C ASP A 159 17.49 -47.41 -3.17
N GLY A 160 16.68 -46.57 -2.54
CA GLY A 160 17.17 -45.38 -1.89
C GLY A 160 16.91 -44.08 -2.64
N THR A 161 16.36 -44.16 -3.83
CA THR A 161 16.05 -42.95 -4.58
C THR A 161 14.93 -42.18 -3.90
N LEU A 162 15.12 -40.88 -3.74
CA LEU A 162 14.14 -40.02 -3.11
C LEU A 162 13.58 -39.05 -4.14
N LEU A 163 12.27 -38.85 -4.07
CA LEU A 163 11.59 -37.81 -4.83
C LEU A 163 11.05 -36.81 -3.82
N TYR A 164 11.36 -35.53 -4.02
CA TYR A 164 11.04 -34.50 -3.05
C TYR A 164 10.61 -33.25 -3.80
N THR A 165 9.31 -33.02 -3.85
CA THR A 165 8.77 -31.85 -4.53
C THR A 165 8.05 -30.96 -3.52
N MET A 166 8.03 -29.67 -3.81
CA MET A 166 7.38 -28.69 -2.95
C MET A 166 6.75 -27.63 -3.82
N ARG A 167 5.63 -27.09 -3.37
CA ARG A 167 4.97 -25.99 -4.05
C ARG A 167 5.57 -24.68 -3.53
N LEU A 168 6.10 -23.89 -4.46
CA LEU A 168 6.78 -22.65 -4.12
C LEU A 168 6.20 -21.50 -4.93
N THR A 169 6.20 -20.32 -4.33
CA THR A 169 5.92 -19.08 -5.04
C THR A 169 7.19 -18.24 -4.93
N VAL A 170 7.92 -18.13 -6.02
CA VAL A 170 9.18 -17.40 -6.05
C VAL A 170 8.93 -16.03 -6.65
N ARG A 171 9.40 -14.99 -5.96
CA ARG A 171 9.47 -13.66 -6.52
C ARG A 171 10.94 -13.40 -6.84
N ALA A 172 11.25 -13.31 -8.13
CA ALA A 172 12.63 -13.28 -8.60
C ALA A 172 12.92 -11.96 -9.30
N GLU A 173 14.19 -11.56 -9.24
CA GLU A 173 14.61 -10.36 -9.93
C GLU A 173 14.67 -10.57 -11.43
N CYS A 174 14.18 -9.58 -12.18
CA CYS A 174 14.30 -9.56 -13.63
C CYS A 174 14.78 -8.17 -14.02
N PRO A 175 16.11 -7.97 -14.10
CA PRO A 175 16.62 -6.68 -14.57
C PRO A 175 16.14 -6.39 -15.98
N MET A 176 15.70 -5.16 -16.21
CA MET A 176 15.10 -4.78 -17.47
C MET A 176 15.87 -3.62 -18.07
N HIS A 177 16.02 -3.65 -19.40
CA HIS A 177 16.48 -2.51 -20.16
C HIS A 177 15.25 -1.94 -20.87
N LEU A 178 14.86 -0.73 -20.50
CA LEU A 178 13.61 -0.16 -20.97
C LEU A 178 13.81 0.86 -22.08
N GLU A 179 14.91 0.78 -22.82
CA GLU A 179 15.13 1.73 -23.91
C GLU A 179 14.04 1.61 -24.98
N ASP A 180 13.63 0.39 -25.28
CA ASP A 180 12.64 0.12 -26.31
C ASP A 180 11.21 0.09 -25.77
N PHE A 181 11.02 0.40 -24.49
CA PHE A 181 9.70 0.40 -23.91
C PHE A 181 8.78 1.34 -24.69
N PRO A 182 7.51 0.97 -24.93
CA PRO A 182 6.81 -0.24 -24.49
C PRO A 182 6.89 -1.38 -25.49
N MET A 183 7.83 -1.33 -26.43
CA MET A 183 8.01 -2.39 -27.41
C MET A 183 9.22 -3.24 -27.08
N ASP A 184 9.45 -3.49 -25.81
CA ASP A 184 10.65 -4.17 -25.32
C ASP A 184 10.37 -5.66 -25.07
N ALA A 185 11.45 -6.41 -24.92
CA ALA A 185 11.40 -7.83 -24.60
C ALA A 185 12.45 -8.12 -23.54
N HIS A 186 12.15 -9.09 -22.68
CA HIS A 186 13.04 -9.41 -21.57
C HIS A 186 13.17 -10.92 -21.43
N ALA A 187 14.32 -11.33 -20.89
CA ALA A 187 14.62 -12.73 -20.57
C ALA A 187 14.79 -12.80 -19.06
N CYS A 188 13.71 -13.12 -18.36
CA CYS A 188 13.73 -13.11 -16.90
C CYS A 188 14.39 -14.38 -16.39
N PRO A 189 15.45 -14.28 -15.60
CA PRO A 189 16.17 -15.48 -15.16
C PRO A 189 15.56 -16.09 -13.90
N LEU A 190 15.78 -17.40 -13.77
CA LEU A 190 15.42 -18.14 -12.55
C LEU A 190 16.59 -19.07 -12.25
N LYS A 191 17.52 -18.60 -11.42
CA LYS A 191 18.71 -19.35 -11.08
C LYS A 191 18.55 -19.97 -9.71
N PHE A 192 19.04 -21.21 -9.55
CA PHE A 192 19.01 -21.84 -8.24
C PHE A 192 20.20 -22.78 -8.11
N GLY A 193 20.47 -23.15 -6.87
CA GLY A 193 21.55 -24.08 -6.58
C GLY A 193 21.67 -24.28 -5.09
N SER A 194 22.68 -25.02 -4.70
CA SER A 194 22.90 -25.29 -3.28
C SER A 194 23.41 -24.04 -2.58
N TYR A 195 22.97 -23.84 -1.34
CA TYR A 195 23.45 -22.67 -0.63
C TYR A 195 24.81 -22.90 -0.01
N ALA A 196 25.02 -24.06 0.62
CA ALA A 196 26.23 -24.32 1.37
C ALA A 196 27.19 -25.27 0.67
N TYR A 197 26.69 -26.23 -0.09
CA TYR A 197 27.52 -27.27 -0.65
C TYR A 197 28.11 -26.83 -1.98
N THR A 198 29.42 -26.94 -2.10
CA THR A 198 30.11 -26.59 -3.34
C THR A 198 29.95 -27.71 -4.36
N ARG A 199 30.40 -27.45 -5.58
CA ARG A 199 30.24 -28.41 -6.67
C ARG A 199 31.04 -29.68 -6.45
N ALA A 200 31.98 -29.68 -5.51
CA ALA A 200 32.67 -30.91 -5.14
C ALA A 200 31.85 -31.78 -4.21
N GLU A 201 30.71 -31.29 -3.72
CA GLU A 201 29.87 -32.04 -2.81
C GLU A 201 28.47 -32.26 -3.37
N VAL A 202 27.86 -31.24 -3.97
CA VAL A 202 26.52 -31.33 -4.51
C VAL A 202 26.52 -30.72 -5.91
N VAL A 203 26.04 -31.48 -6.89
CA VAL A 203 25.82 -30.97 -8.23
C VAL A 203 24.36 -31.19 -8.57
N TYR A 204 23.82 -30.33 -9.43
CA TYR A 204 22.45 -30.43 -9.88
C TYR A 204 22.43 -30.75 -11.37
N GLU A 205 21.48 -31.59 -11.77
CA GLU A 205 21.26 -31.92 -13.16
C GLU A 205 19.77 -31.89 -13.44
N TRP A 206 19.42 -31.62 -14.70
CA TRP A 206 18.03 -31.67 -15.09
C TRP A 206 17.58 -33.11 -15.24
N THR A 207 16.33 -33.38 -14.85
CA THR A 207 15.82 -34.75 -14.83
C THR A 207 15.80 -35.35 -16.23
N ARG A 208 15.43 -34.56 -17.22
CA ARG A 208 15.27 -34.99 -18.60
C ARG A 208 16.14 -34.11 -19.48
N GLU A 209 15.90 -34.15 -20.77
CA GLU A 209 16.46 -33.15 -21.66
C GLU A 209 16.26 -31.77 -21.05
N PRO A 210 17.30 -30.93 -20.99
CA PRO A 210 17.18 -29.66 -20.26
C PRO A 210 16.01 -28.81 -20.73
N ALA A 211 15.72 -28.81 -22.03
CA ALA A 211 14.58 -28.07 -22.52
C ALA A 211 13.27 -28.60 -21.99
N ARG A 212 13.19 -29.91 -21.71
CA ARG A 212 11.97 -30.53 -21.26
C ARG A 212 11.88 -30.65 -19.75
N SER A 213 12.84 -30.13 -19.00
CA SER A 213 12.81 -30.19 -17.55
C SER A 213 12.21 -28.97 -16.91
N VAL A 214 11.81 -27.97 -17.68
CA VAL A 214 10.99 -26.86 -17.20
C VAL A 214 9.74 -26.86 -18.06
N VAL A 215 8.60 -27.14 -17.44
CA VAL A 215 7.34 -27.31 -18.14
C VAL A 215 6.36 -26.29 -17.60
N VAL A 216 5.73 -25.53 -18.50
CA VAL A 216 4.75 -24.53 -18.14
C VAL A 216 3.36 -25.10 -18.40
N ALA A 217 2.46 -24.94 -17.44
CA ALA A 217 1.10 -25.42 -17.58
C ALA A 217 0.36 -24.65 -18.67
N GLU A 218 -0.56 -25.34 -19.33
CA GLU A 218 -1.28 -24.73 -20.45
C GLU A 218 -2.10 -23.53 -20.01
N ASP A 219 -2.80 -23.65 -18.89
CA ASP A 219 -3.64 -22.57 -18.39
C ASP A 219 -2.94 -21.66 -17.40
N GLY A 220 -1.70 -21.98 -17.03
CA GLY A 220 -1.01 -21.24 -15.98
C GLY A 220 -0.31 -19.99 -16.46
N SER A 221 -1.07 -18.92 -16.69
CA SER A 221 -0.50 -17.65 -17.11
C SER A 221 -1.25 -16.54 -16.39
N ARG A 222 -0.55 -15.84 -15.51
CA ARG A 222 -1.10 -14.68 -14.82
C ARG A 222 -0.54 -13.38 -15.36
N LEU A 223 0.11 -13.43 -16.52
CA LEU A 223 0.59 -12.23 -17.18
C LEU A 223 -0.59 -11.41 -17.70
N ASN A 224 -0.51 -10.11 -17.49
CA ASN A 224 -1.49 -9.17 -18.02
C ASN A 224 -1.00 -8.42 -19.24
N GLN A 225 0.27 -8.02 -19.25
CA GLN A 225 0.82 -7.22 -20.35
C GLN A 225 2.05 -7.85 -20.96
N TYR A 226 2.26 -9.15 -20.79
CA TYR A 226 3.39 -9.82 -21.39
C TYR A 226 2.92 -11.13 -22.02
N ASP A 227 3.67 -11.58 -23.01
CA ASP A 227 3.51 -12.90 -23.59
C ASP A 227 4.73 -13.73 -23.25
N LEU A 228 4.50 -14.91 -22.68
CA LEU A 228 5.57 -15.86 -22.42
C LEU A 228 5.85 -16.58 -23.73
N LEU A 229 6.97 -16.26 -24.37
CA LEU A 229 7.29 -16.83 -25.67
C LEU A 229 8.03 -18.15 -25.57
N GLY A 230 8.46 -18.55 -24.39
CA GLY A 230 9.23 -19.77 -24.23
C GLY A 230 10.29 -19.63 -23.16
N GLN A 231 11.06 -20.68 -22.92
CA GLN A 231 12.10 -20.64 -21.91
C GLN A 231 13.33 -21.38 -22.41
N THR A 232 14.50 -20.82 -22.10
CA THR A 232 15.77 -21.47 -22.37
C THR A 232 16.35 -21.94 -21.05
N VAL A 233 16.85 -23.17 -21.03
CA VAL A 233 17.29 -23.84 -19.81
C VAL A 233 18.76 -24.17 -19.94
N ASP A 234 19.56 -23.78 -18.95
CA ASP A 234 21.00 -23.98 -19.03
C ASP A 234 21.52 -24.33 -17.65
N SER A 235 22.81 -24.66 -17.61
CA SER A 235 23.52 -24.99 -16.39
C SER A 235 24.88 -24.33 -16.41
N GLY A 236 25.41 -24.02 -15.22
CA GLY A 236 26.68 -23.34 -15.17
C GLY A 236 27.33 -23.46 -13.81
N ILE A 237 28.41 -22.72 -13.64
CA ILE A 237 29.20 -22.69 -12.41
C ILE A 237 29.34 -21.24 -11.98
N VAL A 238 29.02 -20.97 -10.71
CA VAL A 238 29.22 -19.64 -10.15
C VAL A 238 30.32 -19.73 -9.12
N GLN A 239 31.00 -18.61 -8.90
CA GLN A 239 32.10 -18.52 -7.95
CA GLN A 239 32.10 -18.53 -7.95
C GLN A 239 31.77 -17.49 -6.88
N SER A 240 31.96 -17.89 -5.62
CA SER A 240 31.70 -17.00 -4.50
C SER A 240 32.94 -16.93 -3.62
N SER A 241 32.79 -16.31 -2.46
CA SER A 241 33.87 -16.27 -1.48
C SER A 241 34.04 -17.61 -0.75
N THR A 242 33.13 -18.56 -0.98
CA THR A 242 33.15 -19.83 -0.27
C THR A 242 33.33 -21.03 -1.18
N GLY A 243 33.57 -20.84 -2.47
CA GLY A 243 33.86 -21.95 -3.35
C GLY A 243 33.13 -21.81 -4.66
N GLU A 244 33.11 -22.90 -5.42
CA GLU A 244 32.45 -22.96 -6.72
C GLU A 244 31.14 -23.72 -6.60
N TYR A 245 30.09 -23.18 -7.18
CA TYR A 245 28.75 -23.74 -7.02
C TYR A 245 28.11 -23.99 -8.38
N VAL A 246 27.36 -25.07 -8.47
CA VAL A 246 26.56 -25.35 -9.65
C VAL A 246 25.32 -24.47 -9.62
N VAL A 247 25.03 -23.81 -10.74
CA VAL A 247 23.84 -23.00 -10.90
C VAL A 247 23.01 -23.60 -12.02
N MET A 248 21.72 -23.79 -11.75
CA MET A 248 20.76 -24.18 -12.77
C MET A 248 19.96 -22.95 -13.15
N THR A 249 19.92 -22.63 -14.43
CA THR A 249 19.35 -21.38 -14.91
C THR A 249 18.20 -21.66 -15.85
N THR A 250 17.14 -20.87 -15.72
CA THR A 250 16.05 -20.83 -16.67
C THR A 250 15.82 -19.37 -17.03
N HIS A 251 15.70 -19.09 -18.31
CA HIS A 251 15.37 -17.76 -18.79
C HIS A 251 13.98 -17.81 -19.42
N PHE A 252 13.07 -17.00 -18.91
CA PHE A 252 11.72 -16.92 -19.46
C PHE A 252 11.66 -15.71 -20.37
N HIS A 253 11.38 -15.95 -21.65
CA HIS A 253 11.41 -14.91 -22.66
C HIS A 253 10.04 -14.27 -22.76
N LEU A 254 9.94 -13.02 -22.33
CA LEU A 254 8.69 -12.28 -22.28
C LEU A 254 8.76 -11.12 -23.25
N LYS A 255 7.70 -10.95 -24.05
CA LYS A 255 7.55 -9.78 -24.88
C LYS A 255 6.37 -8.97 -24.38
N ARG A 256 6.57 -7.67 -24.23
CA ARG A 256 5.49 -6.83 -23.74
C ARG A 256 4.40 -6.69 -24.78
N LYS A 257 3.16 -6.71 -24.32
CA LYS A 257 2.01 -6.45 -25.17
C LYS A 257 1.73 -4.96 -25.15
N ILE A 258 1.75 -4.34 -26.33
CA ILE A 258 1.70 -2.89 -26.44
C ILE A 258 0.30 -2.32 -26.33
N GLY A 259 -0.71 -3.17 -26.19
CA GLY A 259 -2.09 -2.71 -26.32
C GLY A 259 -2.47 -1.65 -25.32
N TYR A 260 -2.06 -1.81 -24.06
CA TYR A 260 -2.45 -0.85 -23.03
C TYR A 260 -1.88 0.53 -23.32
N PHE A 261 -0.62 0.60 -23.75
CA PHE A 261 0.02 1.90 -23.93
C PHE A 261 -0.45 2.58 -25.21
N VAL A 262 -0.91 1.81 -26.18
CA VAL A 262 -1.55 2.40 -27.34
C VAL A 262 -2.84 3.10 -26.92
N ILE A 263 -3.64 2.44 -26.08
CA ILE A 263 -4.92 2.99 -25.67
C ILE A 263 -4.72 4.18 -24.73
N GLN A 264 -3.78 4.10 -23.81
CA GLN A 264 -3.69 5.08 -22.74
C GLN A 264 -2.68 6.19 -22.98
N THR A 265 -1.66 5.96 -23.81
CA THR A 265 -0.67 7.00 -24.06
C THR A 265 -0.57 7.39 -25.52
N TYR A 266 -0.38 6.43 -26.42
CA TYR A 266 -0.12 6.78 -27.82
C TYR A 266 -1.33 7.42 -28.47
N LEU A 267 -2.51 6.84 -28.28
CA LEU A 267 -3.72 7.40 -28.86
C LEU A 267 -4.08 8.77 -28.30
N PRO A 268 -4.04 9.01 -26.98
CA PRO A 268 -4.25 10.39 -26.50
C PRO A 268 -3.22 11.39 -27.01
N CYS A 269 -1.96 10.97 -27.20
CA CYS A 269 -0.96 11.88 -27.76
C CYS A 269 -1.26 12.21 -29.21
N ILE A 270 -1.64 11.21 -30.00
CA ILE A 270 -1.94 11.43 -31.41
C ILE A 270 -3.16 12.31 -31.55
N MET A 271 -4.18 12.12 -30.71
CA MET A 271 -5.37 12.94 -30.80
C MET A 271 -5.12 14.37 -30.36
N THR A 272 -4.23 14.57 -29.38
CA THR A 272 -3.85 15.92 -29.00
C THR A 272 -3.11 16.63 -30.13
N VAL A 273 -2.23 15.92 -30.81
CA VAL A 273 -1.50 16.50 -31.93
C VAL A 273 -2.45 16.86 -33.05
N ILE A 274 -3.39 15.96 -33.37
CA ILE A 274 -4.40 16.26 -34.37
C ILE A 274 -5.25 17.44 -33.92
N LEU A 275 -5.57 17.50 -32.63
CA LEU A 275 -6.36 18.61 -32.12
C LEU A 275 -5.62 19.92 -32.25
N SER A 276 -4.31 19.93 -32.00
CA SER A 276 -3.55 21.18 -32.07
C SER A 276 -3.49 21.72 -33.49
N GLN A 277 -3.62 20.85 -34.48
CA GLN A 277 -3.58 21.28 -35.87
C GLN A 277 -4.95 21.68 -36.40
N VAL A 278 -6.01 21.47 -35.64
CA VAL A 278 -7.33 21.95 -36.04
C VAL A 278 -7.34 23.46 -36.15
N SER A 279 -6.55 24.13 -35.30
CA SER A 279 -6.53 25.58 -35.28
C SER A 279 -5.97 26.19 -36.56
N PHE A 280 -5.24 25.42 -37.36
CA PHE A 280 -4.76 25.95 -38.63
C PHE A 280 -5.90 26.27 -39.58
N TRP A 281 -7.08 25.71 -39.35
CA TRP A 281 -8.23 25.94 -40.22
CA TRP A 281 -8.24 25.93 -40.21
C TRP A 281 -9.15 27.04 -39.72
N LEU A 282 -8.82 27.68 -38.61
CA LEU A 282 -9.61 28.79 -38.10
C LEU A 282 -9.04 30.10 -38.65
N ASN A 283 -9.92 31.10 -38.78
CA ASN A 283 -9.48 32.37 -39.32
C ASN A 283 -8.48 33.02 -38.39
N ARG A 284 -7.54 33.76 -38.98
CA ARG A 284 -6.44 34.33 -38.22
C ARG A 284 -6.89 35.41 -37.25
N GLU A 285 -8.13 35.89 -37.35
CA GLU A 285 -8.60 36.91 -36.43
C GLU A 285 -9.21 36.33 -35.17
N SER A 286 -9.39 35.01 -35.09
CA SER A 286 -9.89 34.36 -33.89
C SER A 286 -8.73 34.14 -32.91
N VAL A 287 -8.16 35.26 -32.46
CA VAL A 287 -6.99 35.20 -31.59
C VAL A 287 -7.29 34.51 -30.27
N PRO A 288 -8.36 34.85 -29.53
CA PRO A 288 -8.64 34.08 -28.32
C PRO A 288 -8.94 32.63 -28.58
N ALA A 289 -9.59 32.31 -29.71
CA ALA A 289 -9.94 30.92 -30.00
C ALA A 289 -8.70 30.09 -30.31
N ARG A 290 -7.82 30.60 -31.17
CA ARG A 290 -6.66 29.82 -31.58
C ARG A 290 -5.59 29.78 -30.50
N THR A 291 -5.53 30.80 -29.64
CA THR A 291 -4.63 30.74 -28.50
C THR A 291 -5.04 29.64 -27.52
N VAL A 292 -6.34 29.52 -27.27
CA VAL A 292 -6.82 28.45 -26.40
C VAL A 292 -6.48 27.08 -26.98
N PHE A 293 -6.57 26.95 -28.31
CA PHE A 293 -6.13 25.71 -28.95
C PHE A 293 -4.68 25.40 -28.61
N GLY A 294 -3.79 26.39 -28.79
CA GLY A 294 -2.38 26.14 -28.58
C GLY A 294 -2.05 25.88 -27.12
N VAL A 295 -2.59 26.68 -26.21
CA VAL A 295 -2.22 26.56 -24.81
C VAL A 295 -2.78 25.27 -24.22
N THR A 296 -4.05 24.97 -24.50
CA THR A 296 -4.68 23.78 -23.94
C THR A 296 -3.98 22.51 -24.40
N THR A 297 -3.61 22.44 -25.67
CA THR A 297 -2.96 21.25 -26.18
C THR A 297 -1.59 21.05 -25.57
N VAL A 298 -0.86 22.15 -25.32
CA VAL A 298 0.42 22.05 -24.62
C VAL A 298 0.20 21.58 -23.20
N LEU A 299 -0.82 22.10 -22.52
CA LEU A 299 -1.13 21.66 -21.17
C LEU A 299 -1.51 20.19 -21.14
N THR A 300 -2.27 19.73 -22.14
CA THR A 300 -2.61 18.32 -22.23
C THR A 300 -1.36 17.47 -22.48
N MET A 301 -0.45 17.93 -23.33
CA MET A 301 0.77 17.18 -23.58
C MET A 301 1.64 17.13 -22.34
N THR A 302 1.67 18.20 -21.55
CA THR A 302 2.40 18.17 -20.29
C THR A 302 1.81 17.14 -19.34
N THR A 303 0.49 17.08 -19.25
CA THR A 303 -0.15 16.11 -18.38
C THR A 303 0.10 14.69 -18.86
N LEU A 304 0.04 14.46 -20.17
CA LEU A 304 0.33 13.13 -20.72
C LEU A 304 1.79 12.75 -20.48
N SER A 305 2.71 13.69 -20.69
CA SER A 305 4.13 13.38 -20.54
C SER A 305 4.46 13.02 -19.10
N ILE A 306 3.89 13.75 -18.14
CA ILE A 306 4.21 13.53 -16.74
C ILE A 306 3.61 12.23 -16.25
N SER A 307 2.40 11.91 -16.69
CA SER A 307 1.68 10.75 -16.20
C SER A 307 2.05 9.45 -16.89
N ALA A 308 2.95 9.48 -17.86
CA ALA A 308 3.22 8.31 -18.69
C ALA A 308 4.34 7.43 -18.15
N ARG A 309 5.01 7.82 -17.08
CA ARG A 309 6.08 7.02 -16.51
C ARG A 309 5.74 6.54 -15.11
N ASN A 310 4.45 6.49 -14.78
CA ASN A 310 4.05 6.20 -13.41
C ASN A 310 4.45 4.80 -12.99
N SER A 311 4.30 3.82 -13.86
CA SER A 311 4.56 2.43 -13.52
C SER A 311 5.99 2.01 -13.80
N LEU A 312 6.80 2.88 -14.28
CA LEU A 312 8.15 2.47 -14.62
C LEU A 312 9.12 2.87 -13.53
N PRO A 313 10.23 2.15 -13.40
CA PRO A 313 11.33 2.64 -12.57
C PRO A 313 11.90 3.92 -13.16
N LYS A 314 12.39 4.79 -12.27
CA LYS A 314 12.87 6.11 -12.69
C LYS A 314 14.25 5.95 -13.32
N VAL A 315 14.24 5.46 -14.55
CA VAL A 315 15.48 5.25 -15.30
C VAL A 315 16.00 6.58 -15.81
N ALA A 316 17.31 6.64 -16.03
CA ALA A 316 17.97 7.86 -16.47
C ALA A 316 17.99 8.03 -17.98
N TYR A 317 17.57 7.04 -18.74
CA TYR A 317 17.57 7.12 -20.19
C TYR A 317 16.16 7.41 -20.69
N ALA A 318 16.05 7.58 -21.99
CA ALA A 318 14.77 7.81 -22.64
C ALA A 318 14.26 6.51 -23.23
N THR A 319 13.02 6.17 -22.92
CA THR A 319 12.37 5.03 -23.54
C THR A 319 11.90 5.42 -24.94
N ALA A 320 11.41 4.43 -25.69
CA ALA A 320 10.82 4.73 -26.98
C ALA A 320 9.57 5.58 -26.83
N MET A 321 8.87 5.44 -25.71
CA MET A 321 7.67 6.24 -25.49
CA MET A 321 7.68 6.23 -25.47
C MET A 321 8.03 7.69 -25.16
N ASP A 322 9.12 7.90 -24.43
CA ASP A 322 9.55 9.27 -24.14
C ASP A 322 9.87 10.02 -25.42
N TRP A 323 10.45 9.34 -26.40
CA TRP A 323 10.73 9.98 -27.68
C TRP A 323 9.43 10.33 -28.41
N PHE A 324 8.45 9.43 -28.37
CA PHE A 324 7.18 9.71 -29.04
C PHE A 324 6.48 10.90 -28.41
N ILE A 325 6.46 10.97 -27.08
CA ILE A 325 5.83 12.10 -26.41
C ILE A 325 6.59 13.38 -26.68
N ALA A 326 7.92 13.30 -26.79
CA ALA A 326 8.71 14.48 -27.10
C ALA A 326 8.38 15.04 -28.46
N VAL A 327 8.26 14.18 -29.48
CA VAL A 327 7.92 14.65 -30.82
C VAL A 327 6.48 15.14 -30.87
N CYS A 328 5.58 14.44 -30.17
CA CYS A 328 4.21 14.93 -30.08
C CYS A 328 4.16 16.27 -29.38
N TYR A 329 4.97 16.43 -28.33
CA TYR A 329 5.07 17.72 -27.67
C TYR A 329 5.60 18.78 -28.63
N ALA A 330 6.61 18.44 -29.43
CA ALA A 330 7.17 19.39 -30.36
C ALA A 330 6.16 19.82 -31.42
N PHE A 331 5.38 18.88 -31.94
CA PHE A 331 4.34 19.24 -32.90
C PHE A 331 3.28 20.13 -32.26
N VAL A 332 2.88 19.81 -31.04
CA VAL A 332 1.88 20.61 -30.35
C VAL A 332 2.43 21.98 -30.00
N PHE A 333 3.66 22.03 -29.50
CA PHE A 333 4.28 23.30 -29.17
C PHE A 333 4.46 24.17 -30.41
N SER A 334 4.82 23.56 -31.54
CA SER A 334 5.08 24.32 -32.75
C SER A 334 3.82 24.85 -33.39
N ALA A 335 2.65 24.27 -33.09
CA ALA A 335 1.40 24.84 -33.58
C ALA A 335 1.11 26.17 -32.92
N LEU A 336 1.39 26.29 -31.62
CA LEU A 336 1.20 27.58 -30.96
C LEU A 336 2.24 28.59 -31.42
N ILE A 337 3.47 28.15 -31.68
CA ILE A 337 4.45 29.05 -32.27
C ILE A 337 4.03 29.44 -33.68
N GLU A 338 3.41 28.52 -34.41
CA GLU A 338 2.96 28.82 -35.76
C GLU A 338 1.90 29.91 -35.75
N PHE A 339 0.93 29.81 -34.82
CA PHE A 339 -0.12 30.82 -34.77
C PHE A 339 0.42 32.18 -34.33
N ALA A 340 1.35 32.18 -33.39
CA ALA A 340 1.95 33.44 -32.94
C ALA A 340 2.63 34.15 -34.10
N THR A 341 3.25 33.39 -35.00
CA THR A 341 3.78 33.96 -36.23
C THR A 341 2.66 34.48 -37.11
N VAL A 342 1.58 33.70 -37.25
CA VAL A 342 0.44 34.16 -38.05
C VAL A 342 -0.17 35.40 -37.44
N ASN A 343 -0.30 35.45 -36.11
CA ASN A 343 -0.89 36.61 -35.46
C ASN A 343 -0.01 37.84 -35.61
N TYR A 344 1.29 37.65 -35.81
CA TYR A 344 2.21 38.77 -35.91
C TYR A 344 2.03 39.53 -37.23
N PHE A 345 1.41 38.91 -38.23
CA PHE A 345 1.19 39.57 -39.51
C PHE A 345 -0.29 39.81 -39.79
N THR A 346 -1.13 39.70 -38.77
CA THR A 346 -2.54 40.08 -38.89
C THR A 346 -2.62 41.59 -38.79
N LYS A 347 -2.93 42.25 -39.91
CA LYS A 347 -2.96 43.71 -39.92
C LYS A 347 -4.18 44.25 -39.21
N ARG A 348 -5.34 43.64 -39.42
CA ARG A 348 -6.61 44.16 -38.94
C ARG A 348 -7.17 43.29 -37.84
N GLY A 349 -7.86 43.91 -36.90
CA GLY A 349 -8.46 43.19 -35.81
C GLY A 349 -9.81 42.60 -36.06
N TYR A 350 -10.42 42.87 -37.21
CA TYR A 350 -11.75 42.38 -37.53
C TYR A 350 -11.66 41.34 -38.64
N ALA A 351 -12.50 40.33 -38.55
CA ALA A 351 -12.54 39.29 -39.55
C ALA A 351 -13.48 39.69 -40.68
N TRP A 352 -13.48 38.90 -41.75
CA TRP A 352 -14.37 39.14 -42.88
C TRP A 352 -15.82 39.09 -42.41
N ASP A 353 -16.62 40.04 -42.88
CA ASP A 353 -17.99 40.18 -42.42
C ASP A 353 -18.97 39.27 -43.14
N GLY A 354 -18.54 38.58 -44.20
CA GLY A 354 -19.41 37.69 -44.93
C GLY A 354 -20.22 38.34 -46.04
N LYS A 355 -20.12 39.65 -46.21
CA LYS A 355 -20.87 40.33 -47.27
C LYS A 355 -19.97 41.02 -48.27
N SER A 356 -19.00 41.79 -47.82
CA SER A 356 -18.20 42.62 -48.71
C SER A 356 -17.31 41.76 -49.60
N VAL A 357 -17.26 42.13 -50.89
CA VAL A 357 -16.34 41.48 -51.81
C VAL A 357 -14.91 41.83 -51.43
N VAL A 358 -14.01 40.85 -51.53
CA VAL A 358 -12.60 41.05 -51.22
C VAL A 358 -11.84 41.18 -52.54
N PRO A 359 -11.40 42.36 -52.93
CA PRO A 359 -10.64 42.51 -54.18
C PRO A 359 -9.20 42.04 -54.02
N GLU A 360 -8.56 41.83 -55.17
CA GLU A 360 -7.16 41.47 -55.20
C GLU A 360 -6.40 42.33 -56.21
N LYS A 419 -13.69 49.08 -47.45
CA LYS A 419 -12.74 48.63 -46.45
C LYS A 419 -11.97 47.42 -46.94
N THR A 420 -10.85 47.13 -46.28
CA THR A 420 -10.01 45.99 -46.62
C THR A 420 -10.08 44.94 -45.53
N PHE A 421 -9.76 43.71 -45.91
CA PHE A 421 -9.80 42.57 -45.01
C PHE A 421 -8.50 41.80 -45.11
N ASN A 422 -8.12 41.15 -44.01
CA ASN A 422 -6.95 40.30 -44.02
C ASN A 422 -7.16 39.15 -45.00
N SER A 423 -6.08 38.70 -45.61
CA SER A 423 -6.14 37.50 -46.44
C SER A 423 -5.84 36.27 -45.59
N VAL A 424 -6.19 35.11 -46.13
CA VAL A 424 -5.87 33.87 -45.44
C VAL A 424 -4.36 33.71 -45.40
N SER A 425 -3.84 33.45 -44.21
CA SER A 425 -2.40 33.42 -44.00
C SER A 425 -1.75 32.35 -44.88
N LYS A 426 -0.66 32.70 -45.55
CA LYS A 426 0.10 31.71 -46.29
C LYS A 426 0.76 30.73 -45.35
N ILE A 427 1.13 31.17 -44.15
CA ILE A 427 1.68 30.26 -43.16
C ILE A 427 0.64 29.23 -42.75
N ASP A 428 -0.61 29.66 -42.62
CA ASP A 428 -1.70 28.72 -42.31
C ASP A 428 -1.88 27.70 -43.43
N ARG A 429 -1.89 28.16 -44.68
CA ARG A 429 -2.14 27.25 -45.80
C ARG A 429 -1.05 26.20 -45.89
N LEU A 430 0.20 26.59 -45.67
CA LEU A 430 1.29 25.62 -45.67
CA LEU A 430 1.29 25.61 -45.67
C LEU A 430 1.22 24.71 -44.45
N SER A 431 0.84 25.26 -43.30
CA SER A 431 0.75 24.46 -42.09
C SER A 431 -0.36 23.42 -42.17
N ARG A 432 -1.44 23.73 -42.90
CA ARG A 432 -2.52 22.77 -43.06
C ARG A 432 -2.06 21.52 -43.80
N ILE A 433 -0.92 21.57 -44.46
CA ILE A 433 -0.36 20.42 -45.17
C ILE A 433 0.90 19.92 -44.49
N ALA A 434 1.82 20.81 -44.16
CA ALA A 434 3.12 20.39 -43.64
C ALA A 434 2.99 19.69 -42.29
N PHE A 435 2.21 20.27 -41.36
CA PHE A 435 2.07 19.65 -40.05
C PHE A 435 1.41 18.28 -40.10
N PRO A 436 0.27 18.08 -40.76
CA PRO A 436 -0.27 16.72 -40.87
C PRO A 436 0.66 15.77 -41.60
N LEU A 437 1.40 16.27 -42.58
CA LEU A 437 2.27 15.40 -43.37
C LEU A 437 3.50 14.97 -42.59
N LEU A 438 4.12 15.89 -41.86
CA LEU A 438 5.31 15.55 -41.09
C LEU A 438 4.99 14.64 -39.92
N PHE A 439 3.77 14.75 -39.37
CA PHE A 439 3.40 13.85 -38.28
C PHE A 439 3.06 12.47 -38.80
N GLY A 440 2.44 12.39 -39.97
CA GLY A 440 2.21 11.09 -40.59
C GLY A 440 3.52 10.40 -40.95
N ILE A 441 4.49 11.17 -41.44
CA ILE A 441 5.79 10.59 -41.78
C ILE A 441 6.52 10.15 -40.52
N PHE A 442 6.44 10.93 -39.44
CA PHE A 442 7.09 10.53 -38.20
C PHE A 442 6.52 9.23 -37.66
N ASN A 443 5.20 9.06 -37.74
CA ASN A 443 4.59 7.83 -37.27
C ASN A 443 5.04 6.63 -38.10
N LEU A 444 5.13 6.81 -39.42
CA LEU A 444 5.63 5.73 -40.26
C LEU A 444 7.04 5.36 -39.88
N VAL A 445 7.91 6.35 -39.64
CA VAL A 445 9.28 6.07 -39.25
C VAL A 445 9.33 5.51 -37.84
N TYR A 446 8.54 6.07 -36.92
CA TYR A 446 8.60 5.63 -35.53
C TYR A 446 8.13 4.19 -35.38
N TRP A 447 7.04 3.83 -36.05
CA TRP A 447 6.51 2.48 -35.87
C TRP A 447 7.31 1.44 -36.65
N ALA A 448 7.85 1.80 -37.80
CA ALA A 448 8.75 0.88 -38.50
C ALA A 448 10.04 0.65 -37.75
N THR A 449 10.47 1.62 -36.92
CA THR A 449 11.72 1.49 -36.20
C THR A 449 11.60 0.48 -35.06
N TYR A 450 10.52 0.56 -34.28
CA TYR A 450 10.42 -0.22 -33.06
C TYR A 450 9.60 -1.50 -33.20
N LEU A 451 8.60 -1.51 -34.08
CA LEU A 451 7.88 -2.75 -34.32
C LEU A 451 8.72 -3.76 -35.09
N ASN A 452 9.84 -3.34 -35.66
CA ASN A 452 10.76 -4.23 -36.34
C ASN A 452 11.93 -4.68 -35.47
N ARG A 453 12.06 -4.15 -34.27
CA ARG A 453 13.13 -4.59 -33.36
C ARG A 453 12.71 -5.86 -32.63
N ASN B 33 -15.44 -41.30 35.06
CA ASN B 33 -15.68 -40.56 33.82
C ASN B 33 -14.36 -40.11 33.19
N MET B 34 -13.83 -39.00 33.71
CA MET B 34 -12.66 -38.39 33.08
C MET B 34 -11.44 -39.27 33.15
N SER B 35 -11.34 -40.13 34.17
CA SER B 35 -10.23 -41.08 34.22
C SER B 35 -10.31 -42.07 33.06
N PHE B 36 -11.51 -42.58 32.78
CA PHE B 36 -11.67 -43.50 31.67
C PHE B 36 -11.40 -42.82 30.34
N VAL B 37 -11.91 -41.59 30.16
CA VAL B 37 -11.69 -40.87 28.91
C VAL B 37 -10.21 -40.58 28.71
N LYS B 38 -9.53 -40.14 29.76
CA LYS B 38 -8.10 -39.87 29.65
C LYS B 38 -7.33 -41.16 29.39
N GLU B 39 -7.74 -42.25 30.02
CA GLU B 39 -7.12 -43.54 29.73
C GLU B 39 -7.36 -43.95 28.29
N THR B 40 -8.57 -43.73 27.79
CA THR B 40 -8.89 -44.12 26.41
C THR B 40 -8.12 -43.27 25.40
N VAL B 41 -8.09 -41.96 25.60
CA VAL B 41 -7.44 -41.09 24.62
C VAL B 41 -5.94 -41.31 24.61
N ASP B 42 -5.34 -41.56 25.78
CA ASP B 42 -3.93 -41.92 25.82
C ASP B 42 -3.66 -43.22 25.08
N LYS B 43 -4.60 -44.16 25.16
CA LYS B 43 -4.44 -45.44 24.47
C LYS B 43 -4.42 -45.25 22.96
N LEU B 44 -5.21 -44.31 22.44
CA LEU B 44 -5.26 -44.10 21.00
C LEU B 44 -3.91 -43.65 20.46
N LEU B 45 -3.23 -42.75 21.18
CA LEU B 45 -2.00 -42.17 20.66
C LEU B 45 -0.77 -43.02 20.94
N LYS B 46 -0.88 -44.03 21.79
CA LYS B 46 0.25 -44.90 22.10
C LYS B 46 0.48 -45.85 20.92
N GLY B 47 1.65 -45.73 20.30
CA GLY B 47 1.97 -46.51 19.13
C GLY B 47 1.41 -45.97 17.84
N TYR B 48 0.74 -44.82 17.86
CA TYR B 48 0.20 -44.23 16.64
C TYR B 48 1.34 -43.70 15.78
N ASP B 49 1.29 -44.00 14.49
CA ASP B 49 2.30 -43.58 13.54
C ASP B 49 1.71 -42.47 12.67
N ILE B 50 2.16 -41.24 12.90
CA ILE B 50 1.64 -40.11 12.14
C ILE B 50 2.21 -40.09 10.72
N ARG B 51 3.27 -40.85 10.47
CA ARG B 51 3.89 -40.88 9.15
C ARG B 51 3.10 -41.71 8.16
N LEU B 52 2.21 -42.57 8.62
CA LEU B 52 1.44 -43.46 7.77
C LEU B 52 -0.01 -43.00 7.74
N ARG B 53 -0.57 -42.91 6.54
CA ARG B 53 -1.97 -42.60 6.38
C ARG B 53 -2.83 -43.78 6.82
N PRO B 54 -4.12 -43.55 7.08
CA PRO B 54 -5.02 -44.68 7.32
C PRO B 54 -5.03 -45.62 6.13
N ASP B 55 -5.07 -46.92 6.43
CA ASP B 55 -5.00 -47.96 5.40
C ASP B 55 -3.72 -47.85 4.57
N PHE B 56 -2.61 -47.48 5.20
CA PHE B 56 -1.36 -47.38 4.49
C PHE B 56 -0.97 -48.74 3.91
N GLY B 57 -0.53 -48.74 2.66
CA GLY B 57 -0.29 -49.98 1.98
C GLY B 57 -1.54 -50.73 1.57
N GLY B 58 -2.70 -50.11 1.68
CA GLY B 58 -3.94 -50.74 1.32
C GLY B 58 -4.83 -49.85 0.46
N PRO B 59 -6.13 -49.90 0.70
CA PRO B 59 -7.05 -49.13 -0.13
C PRO B 59 -6.91 -47.65 0.14
N PRO B 60 -7.32 -46.79 -0.79
CA PRO B 60 -7.31 -45.35 -0.55
C PRO B 60 -8.26 -44.96 0.57
N VAL B 61 -7.84 -43.97 1.34
CA VAL B 61 -8.68 -43.40 2.38
C VAL B 61 -9.57 -42.32 1.76
N CYS B 62 -10.87 -42.39 2.02
CA CYS B 62 -11.82 -41.47 1.44
C CYS B 62 -12.02 -40.28 2.36
N VAL B 63 -11.80 -39.08 1.83
CA VAL B 63 -11.91 -37.84 2.59
C VAL B 63 -13.04 -37.02 2.01
N GLY B 64 -14.06 -36.75 2.82
CA GLY B 64 -15.16 -35.90 2.42
C GLY B 64 -14.95 -34.48 2.92
N MET B 65 -15.50 -33.52 2.19
CA MET B 65 -15.23 -32.13 2.49
C MET B 65 -16.49 -31.30 2.44
N ASN B 66 -16.68 -30.45 3.44
CA ASN B 66 -17.70 -29.42 3.49
CA ASN B 66 -17.68 -29.41 3.38
C ASN B 66 -17.01 -28.07 3.62
N ILE B 67 -17.56 -27.05 2.98
CA ILE B 67 -17.06 -25.69 3.10
C ILE B 67 -18.24 -24.82 3.50
N ASP B 68 -18.13 -24.16 4.64
CA ASP B 68 -19.06 -23.11 5.02
C ASP B 68 -18.35 -21.79 4.80
N ILE B 69 -18.88 -20.98 3.89
CA ILE B 69 -18.20 -19.74 3.51
C ILE B 69 -18.60 -18.64 4.47
N ALA B 70 -17.60 -18.08 5.16
CA ALA B 70 -17.87 -16.96 6.06
C ALA B 70 -18.10 -15.67 5.29
N SER B 71 -17.28 -15.41 4.27
CA SER B 71 -17.37 -14.18 3.51
C SER B 71 -16.48 -14.29 2.27
N ILE B 72 -16.73 -13.40 1.33
CA ILE B 72 -15.83 -13.13 0.21
C ILE B 72 -15.57 -11.64 0.18
N ASP B 73 -14.31 -11.25 0.03
CA ASP B 73 -13.97 -9.85 0.04
C ASP B 73 -12.76 -9.62 -0.86
N MET B 74 -12.52 -8.34 -1.17
CA MET B 74 -11.36 -7.92 -1.95
C MET B 74 -11.26 -8.68 -3.27
N VAL B 75 -12.37 -8.71 -4.01
CA VAL B 75 -12.36 -9.23 -5.37
C VAL B 75 -11.65 -8.18 -6.22
N SER B 76 -10.37 -8.39 -6.51
CA SER B 76 -9.52 -7.38 -7.09
C SER B 76 -9.25 -7.70 -8.55
N GLU B 77 -9.68 -6.81 -9.44
CA GLU B 77 -9.24 -6.90 -10.83
C GLU B 77 -7.80 -6.44 -10.97
N VAL B 78 -7.36 -5.54 -10.10
CA VAL B 78 -5.98 -5.09 -10.12
C VAL B 78 -5.03 -6.26 -9.84
N ASN B 79 -5.33 -7.03 -8.79
CA ASN B 79 -4.49 -8.15 -8.39
C ASN B 79 -4.93 -9.47 -8.95
N MET B 80 -6.07 -9.53 -9.63
CA MET B 80 -6.61 -10.75 -10.22
C MET B 80 -6.78 -11.85 -9.19
N ASP B 81 -7.46 -11.52 -8.10
CA ASP B 81 -7.73 -12.51 -7.08
C ASP B 81 -8.95 -12.09 -6.27
N TYR B 82 -9.40 -13.00 -5.42
CA TYR B 82 -10.45 -12.75 -4.44
C TYR B 82 -10.01 -13.36 -3.12
N THR B 83 -10.49 -12.80 -2.03
CA THR B 83 -10.15 -13.28 -0.70
C THR B 83 -11.37 -13.97 -0.10
N LEU B 84 -11.16 -15.17 0.41
CA LEU B 84 -12.23 -16.03 0.86
C LEU B 84 -11.97 -16.47 2.29
N THR B 85 -12.93 -16.27 3.17
CA THR B 85 -12.92 -16.85 4.51
C THR B 85 -13.94 -17.97 4.55
N MET B 86 -13.57 -19.09 5.15
CA MET B 86 -14.43 -20.27 5.14
C MET B 86 -14.10 -21.17 6.31
N TYR B 87 -15.04 -22.03 6.64
CA TYR B 87 -14.83 -23.13 7.56
C TYR B 87 -14.64 -24.38 6.73
N PHE B 88 -13.43 -24.90 6.71
CA PHE B 88 -13.04 -25.98 5.80
C PHE B 88 -13.01 -27.28 6.59
N GLN B 89 -14.08 -28.06 6.50
CA GLN B 89 -14.21 -29.30 7.24
CA GLN B 89 -14.21 -29.30 7.24
C GLN B 89 -13.80 -30.48 6.38
N GLN B 90 -13.02 -31.38 6.95
CA GLN B 90 -12.60 -32.62 6.32
C GLN B 90 -13.07 -33.79 7.17
N TYR B 91 -13.48 -34.87 6.49
CA TYR B 91 -14.04 -36.03 7.15
CA TYR B 91 -14.05 -36.03 7.14
C TYR B 91 -13.37 -37.27 6.60
N TRP B 92 -12.87 -38.12 7.49
CA TRP B 92 -12.26 -39.38 7.07
C TRP B 92 -12.29 -40.34 8.23
N ARG B 93 -12.03 -41.61 7.94
CA ARG B 93 -12.02 -42.65 8.96
CA ARG B 93 -12.02 -42.65 8.95
C ARG B 93 -10.60 -43.16 9.17
N ASP B 94 -10.18 -43.21 10.43
CA ASP B 94 -8.88 -43.75 10.82
C ASP B 94 -9.16 -44.82 11.86
N LYS B 95 -9.12 -46.09 11.46
CA LYS B 95 -9.46 -47.17 12.37
C LYS B 95 -8.48 -47.29 13.53
N ARG B 96 -7.33 -46.64 13.45
CA ARG B 96 -6.43 -46.59 14.60
C ARG B 96 -6.99 -45.74 15.72
N LEU B 97 -8.02 -44.94 15.45
CA LEU B 97 -8.59 -44.03 16.43
C LEU B 97 -9.96 -44.49 16.93
N ALA B 98 -10.38 -45.71 16.61
CA ALA B 98 -11.64 -46.22 17.14
C ALA B 98 -11.52 -46.49 18.62
N TYR B 99 -12.57 -46.13 19.36
CA TYR B 99 -12.62 -46.35 20.80
C TYR B 99 -14.00 -46.84 21.18
N SER B 100 -14.08 -47.56 22.29
CA SER B 100 -15.32 -48.17 22.73
C SER B 100 -15.52 -47.91 24.22
N GLY B 101 -16.78 -48.02 24.65
CA GLY B 101 -17.15 -47.79 26.02
C GLY B 101 -17.49 -46.35 26.34
N ILE B 102 -17.26 -45.43 25.42
CA ILE B 102 -17.56 -44.02 25.62
C ILE B 102 -18.62 -43.62 24.60
N PRO B 103 -19.86 -43.50 25.00
CA PRO B 103 -20.94 -43.08 24.10
C PRO B 103 -20.90 -41.59 23.77
N LEU B 104 -19.73 -41.10 23.40
CA LEU B 104 -19.53 -39.68 23.15
C LEU B 104 -18.66 -39.50 21.91
N ASN B 105 -18.91 -38.42 21.20
CA ASN B 105 -17.99 -37.94 20.17
C ASN B 105 -16.99 -37.03 20.87
N LEU B 106 -15.73 -37.43 20.89
CA LEU B 106 -14.72 -36.73 21.66
C LEU B 106 -14.20 -35.53 20.89
N THR B 107 -14.58 -34.33 21.33
CA THR B 107 -13.97 -33.10 20.84
C THR B 107 -12.74 -32.86 21.68
N LEU B 108 -11.57 -33.02 21.09
CA LEU B 108 -10.33 -32.84 21.81
C LEU B 108 -9.75 -31.45 21.54
N ASP B 109 -8.89 -31.01 22.45
CA ASP B 109 -8.18 -29.75 22.24
C ASP B 109 -7.42 -29.81 20.92
N ASN B 110 -7.49 -28.74 20.15
CA ASN B 110 -7.08 -28.79 18.75
C ASN B 110 -5.61 -29.08 18.58
N ARG B 111 -4.80 -28.97 19.63
CA ARG B 111 -3.39 -29.31 19.53
C ARG B 111 -3.15 -30.79 19.29
N VAL B 112 -4.15 -31.64 19.54
CA VAL B 112 -4.00 -33.05 19.26
C VAL B 112 -3.87 -33.31 17.76
N ALA B 113 -4.28 -32.36 16.93
CA ALA B 113 -4.13 -32.51 15.49
C ALA B 113 -2.68 -32.60 15.06
N ASP B 114 -1.76 -32.10 15.89
CA ASP B 114 -0.35 -32.26 15.60
C ASP B 114 0.13 -33.68 15.83
N GLN B 115 -0.67 -34.51 16.51
CA GLN B 115 -0.31 -35.88 16.80
C GLN B 115 -1.03 -36.88 15.91
N LEU B 116 -1.89 -36.41 15.01
CA LEU B 116 -2.71 -37.28 14.18
C LEU B 116 -2.36 -37.06 12.72
N TRP B 117 -2.56 -38.10 11.93
CA TRP B 117 -2.54 -37.93 10.48
C TRP B 117 -3.73 -37.11 10.04
N VAL B 118 -3.49 -36.14 9.18
CA VAL B 118 -4.57 -35.38 8.54
C VAL B 118 -4.26 -35.29 7.06
N PRO B 119 -5.26 -35.14 6.19
CA PRO B 119 -4.99 -35.03 4.76
C PRO B 119 -4.13 -33.82 4.44
N ASP B 120 -3.24 -33.98 3.46
CA ASP B 120 -2.39 -32.88 3.02
C ASP B 120 -3.07 -32.06 1.93
N THR B 121 -4.28 -31.61 2.25
CA THR B 121 -5.06 -30.81 1.32
C THR B 121 -4.40 -29.46 1.09
N TYR B 122 -4.46 -28.98 -0.15
CA TYR B 122 -3.92 -27.68 -0.49
C TYR B 122 -4.77 -27.08 -1.61
N PHE B 123 -4.65 -25.76 -1.76
CA PHE B 123 -5.38 -25.05 -2.80
C PHE B 123 -4.41 -24.62 -3.88
N LEU B 124 -4.61 -25.12 -5.09
CA LEU B 124 -3.61 -24.95 -6.14
C LEU B 124 -3.46 -23.49 -6.53
N ASN B 125 -4.56 -22.75 -6.62
CA ASN B 125 -4.52 -21.35 -7.00
C ASN B 125 -4.41 -20.41 -5.82
N ASP B 126 -4.12 -20.93 -4.63
CA ASP B 126 -4.03 -20.13 -3.42
C ASP B 126 -2.74 -19.32 -3.44
N LYS B 127 -2.88 -17.99 -3.58
CA LYS B 127 -1.71 -17.13 -3.55
C LYS B 127 -1.19 -16.94 -2.13
N LYS B 128 -2.09 -16.75 -1.18
CA LYS B 128 -1.71 -16.50 0.20
C LYS B 128 -2.87 -16.87 1.11
N SER B 129 -2.58 -17.54 2.21
CA SER B 129 -3.63 -17.98 3.11
C SER B 129 -3.05 -18.21 4.50
N PHE B 130 -3.95 -18.24 5.48
CA PHE B 130 -3.57 -18.53 6.84
C PHE B 130 -4.76 -19.16 7.56
N VAL B 131 -4.45 -19.92 8.58
CA VAL B 131 -5.43 -20.38 9.56
C VAL B 131 -5.46 -19.34 10.67
N HIS B 132 -6.66 -18.89 11.02
CA HIS B 132 -6.81 -17.90 12.06
C HIS B 132 -6.33 -18.47 13.39
N GLY B 133 -5.76 -17.61 14.23
CA GLY B 133 -5.11 -18.07 15.43
C GLY B 133 -5.43 -17.33 16.70
N VAL B 134 -6.57 -16.66 16.75
CA VAL B 134 -7.06 -15.99 17.94
C VAL B 134 -8.43 -16.55 18.26
N THR B 135 -8.64 -16.97 19.51
CA THR B 135 -7.66 -16.86 20.59
C THR B 135 -6.69 -18.01 20.60
N VAL B 136 -7.09 -19.13 20.01
CA VAL B 136 -6.19 -20.23 19.73
C VAL B 136 -6.25 -20.48 18.23
N LYS B 137 -5.47 -21.42 17.74
CA LYS B 137 -5.58 -21.82 16.34
C LYS B 137 -7.00 -22.27 16.07
N ASN B 138 -7.66 -21.60 15.12
CA ASN B 138 -9.07 -21.87 14.82
C ASN B 138 -9.14 -23.23 14.12
N ARG B 139 -9.09 -24.28 14.93
CA ARG B 139 -9.00 -25.65 14.47
C ARG B 139 -9.82 -26.53 15.39
N MET B 140 -10.40 -27.59 14.83
CA MET B 140 -11.26 -28.49 15.58
C MET B 140 -10.94 -29.93 15.20
N ILE B 141 -10.78 -30.78 16.20
CA ILE B 141 -10.67 -32.21 16.02
C ILE B 141 -11.76 -32.85 16.86
N ARG B 142 -12.62 -33.62 16.21
CA ARG B 142 -13.68 -34.35 16.91
C ARG B 142 -13.57 -35.81 16.49
N LEU B 143 -13.34 -36.69 17.46
CA LEU B 143 -13.30 -38.11 17.18
C LEU B 143 -14.69 -38.71 17.31
N HIS B 144 -14.86 -39.86 16.68
CA HIS B 144 -16.09 -40.61 16.81
C HIS B 144 -15.74 -42.05 17.16
N PRO B 145 -16.65 -42.77 17.83
CA PRO B 145 -16.28 -44.10 18.34
C PRO B 145 -15.78 -45.06 17.28
N ASP B 146 -16.26 -44.95 16.05
CA ASP B 146 -15.85 -45.88 15.01
C ASP B 146 -14.53 -45.51 14.36
N GLY B 147 -13.90 -44.41 14.79
CA GLY B 147 -12.64 -43.98 14.23
C GLY B 147 -12.75 -42.82 13.25
N THR B 148 -13.94 -42.28 13.04
CA THR B 148 -14.10 -41.17 12.12
C THR B 148 -13.58 -39.88 12.73
N VAL B 149 -12.91 -39.07 11.91
CA VAL B 149 -12.31 -37.81 12.35
C VAL B 149 -12.99 -36.68 11.60
N LEU B 150 -13.51 -35.72 12.35
CA LEU B 150 -13.96 -34.45 11.80
C LEU B 150 -12.91 -33.40 12.11
N TYR B 151 -12.30 -32.85 11.06
CA TYR B 151 -11.20 -31.91 11.19
C TYR B 151 -11.58 -30.63 10.47
N GLY B 152 -11.87 -29.58 11.23
CA GLY B 152 -12.28 -28.30 10.69
C GLY B 152 -11.19 -27.26 10.89
N LEU B 153 -11.06 -26.38 9.90
CA LEU B 153 -10.13 -25.27 9.94
C LEU B 153 -10.84 -24.01 9.46
N ARG B 154 -10.51 -22.89 10.08
CA ARG B 154 -10.99 -21.59 9.63
C ARG B 154 -9.87 -20.93 8.86
N ILE B 155 -10.06 -20.78 7.56
CA ILE B 155 -9.01 -20.38 6.63
C ILE B 155 -9.47 -19.13 5.91
N THR B 156 -8.59 -18.14 5.80
CA THR B 156 -8.75 -17.04 4.87
C THR B 156 -7.71 -17.21 3.78
N THR B 157 -8.18 -17.40 2.55
CA THR B 157 -7.29 -17.64 1.42
C THR B 157 -7.51 -16.58 0.35
N THR B 158 -6.40 -16.07 -0.19
CA THR B 158 -6.44 -15.17 -1.35
C THR B 158 -6.16 -16.03 -2.57
N ALA B 159 -7.21 -16.47 -3.24
CA ALA B 159 -7.08 -17.33 -4.40
C ALA B 159 -7.10 -16.51 -5.68
N ALA B 160 -6.29 -16.92 -6.64
CA ALA B 160 -6.16 -16.21 -7.91
C ALA B 160 -7.26 -16.62 -8.87
N CYS B 161 -7.92 -15.64 -9.47
CA CYS B 161 -8.69 -15.87 -10.68
C CYS B 161 -8.33 -14.80 -11.70
N MET B 162 -8.03 -15.24 -12.92
CA MET B 162 -7.74 -14.32 -14.01
C MET B 162 -9.06 -13.92 -14.66
N MET B 163 -9.33 -12.63 -14.70
CA MET B 163 -10.62 -12.12 -15.13
C MET B 163 -10.53 -11.63 -16.56
N ASP B 164 -11.50 -12.01 -17.37
CA ASP B 164 -11.62 -11.51 -18.74
C ASP B 164 -12.44 -10.23 -18.68
N LEU B 165 -11.79 -9.10 -18.91
CA LEU B 165 -12.40 -7.80 -18.73
C LEU B 165 -12.83 -7.15 -20.04
N ARG B 166 -12.95 -7.94 -21.12
CA ARG B 166 -13.36 -7.37 -22.39
C ARG B 166 -14.77 -6.81 -22.36
N ARG B 167 -15.61 -7.26 -21.43
CA ARG B 167 -16.96 -6.74 -21.28
C ARG B 167 -17.10 -5.88 -20.03
N TYR B 168 -16.01 -5.54 -19.37
CA TYR B 168 -16.05 -4.72 -18.18
C TYR B 168 -16.64 -3.35 -18.51
N PRO B 169 -17.53 -2.81 -17.66
CA PRO B 169 -17.98 -3.30 -16.37
C PRO B 169 -19.19 -4.23 -16.44
N LEU B 170 -19.61 -4.62 -17.64
CA LEU B 170 -20.72 -5.54 -17.80
C LEU B 170 -20.26 -6.99 -17.88
N ASP B 171 -19.14 -7.31 -17.26
CA ASP B 171 -18.55 -8.62 -17.34
C ASP B 171 -19.12 -9.55 -16.27
N GLU B 172 -18.91 -10.84 -16.48
CA GLU B 172 -19.38 -11.89 -15.58
C GLU B 172 -18.21 -12.82 -15.35
N GLN B 173 -17.61 -12.74 -14.17
CA GLN B 173 -16.41 -13.51 -13.90
C GLN B 173 -16.75 -14.86 -13.29
N ASN B 174 -15.76 -15.74 -13.28
CA ASN B 174 -15.91 -17.09 -12.73
C ASN B 174 -14.62 -17.41 -11.98
N CYS B 175 -14.70 -17.35 -10.65
CA CYS B 175 -13.55 -17.56 -9.78
C CYS B 175 -13.72 -18.88 -9.05
N THR B 176 -12.66 -19.67 -9.00
CA THR B 176 -12.71 -21.04 -8.50
C THR B 176 -11.85 -21.19 -7.26
N LEU B 177 -11.81 -22.41 -6.73
CA LEU B 177 -10.92 -22.79 -5.64
C LEU B 177 -10.59 -24.26 -5.83
N GLU B 178 -9.38 -24.54 -6.30
CA GLU B 178 -8.95 -25.91 -6.53
C GLU B 178 -8.51 -26.53 -5.21
N ILE B 179 -9.00 -27.73 -4.93
CA ILE B 179 -8.71 -28.45 -3.69
C ILE B 179 -8.09 -29.77 -4.07
N GLU B 180 -6.85 -29.99 -3.64
CA GLU B 180 -6.13 -31.17 -4.09
C GLU B 180 -5.30 -31.74 -2.97
N SER B 181 -4.95 -33.01 -3.11
CA SER B 181 -3.97 -33.66 -2.26
C SER B 181 -2.60 -33.44 -2.88
N TYR B 182 -1.62 -33.05 -2.08
CA TYR B 182 -0.31 -32.80 -2.65
C TYR B 182 0.45 -34.09 -2.89
N GLY B 183 0.70 -34.86 -1.85
CA GLY B 183 1.54 -36.03 -1.99
C GLY B 183 0.86 -37.34 -2.20
N TYR B 184 -0.45 -37.41 -1.99
CA TYR B 184 -1.18 -38.66 -2.07
C TYR B 184 -1.95 -38.71 -3.38
N THR B 185 -1.73 -39.76 -4.16
CA THR B 185 -2.38 -39.94 -5.44
C THR B 185 -3.73 -40.61 -5.23
N THR B 186 -4.46 -40.84 -6.31
CA THR B 186 -5.76 -41.49 -6.21
C THR B 186 -5.64 -42.92 -5.70
N ASP B 187 -4.44 -43.50 -5.71
CA ASP B 187 -4.21 -44.79 -5.08
C ASP B 187 -4.21 -44.71 -3.57
N ASP B 188 -3.89 -43.55 -3.01
CA ASP B 188 -3.81 -43.37 -1.57
C ASP B 188 -4.97 -42.60 -0.98
N ILE B 189 -5.54 -41.65 -1.69
CA ILE B 189 -6.56 -40.78 -1.12
C ILE B 189 -7.63 -40.53 -2.17
N GLU B 190 -8.86 -40.36 -1.71
CA GLU B 190 -9.98 -39.99 -2.55
C GLU B 190 -10.71 -38.83 -1.93
N PHE B 191 -11.09 -37.86 -2.76
CA PHE B 191 -11.84 -36.70 -2.31
C PHE B 191 -13.28 -36.82 -2.77
N TYR B 192 -14.19 -36.30 -1.96
CA TYR B 192 -15.57 -36.15 -2.39
C TYR B 192 -16.21 -35.03 -1.59
N TRP B 193 -17.26 -34.46 -2.14
CA TRP B 193 -18.05 -33.45 -1.44
C TRP B 193 -19.01 -34.16 -0.52
N ARG B 194 -18.96 -33.83 0.77
CA ARG B 194 -19.84 -34.46 1.74
C ARG B 194 -21.18 -33.75 1.74
N GLY B 195 -22.23 -34.48 1.42
CA GLY B 195 -23.53 -33.89 1.18
C GLY B 195 -23.78 -33.50 -0.25
N GLY B 196 -22.89 -33.82 -1.17
CA GLY B 196 -23.09 -33.53 -2.58
C GLY B 196 -23.19 -32.05 -2.86
N ASP B 197 -24.31 -31.64 -3.46
CA ASP B 197 -24.53 -30.23 -3.78
C ASP B 197 -24.65 -29.37 -2.53
N LYS B 198 -24.97 -29.98 -1.39
CA LYS B 198 -25.10 -29.25 -0.13
C LYS B 198 -23.78 -29.14 0.62
N ALA B 199 -22.66 -29.51 -0.01
CA ALA B 199 -21.38 -29.50 0.69
C ALA B 199 -20.90 -28.10 0.98
N VAL B 200 -21.32 -27.11 0.19
CA VAL B 200 -20.91 -25.72 0.39
C VAL B 200 -22.14 -24.91 0.78
N THR B 201 -22.06 -24.23 1.91
CA THR B 201 -23.14 -23.40 2.41
C THR B 201 -22.65 -21.97 2.60
N GLY B 202 -23.60 -21.07 2.83
CA GLY B 202 -23.28 -19.68 3.06
C GLY B 202 -23.09 -18.84 1.82
N VAL B 203 -23.22 -19.43 0.64
CA VAL B 203 -23.06 -18.66 -0.59
C VAL B 203 -24.19 -17.65 -0.74
N GLU B 204 -25.39 -18.01 -0.31
CA GLU B 204 -26.54 -17.12 -0.44
C GLU B 204 -26.51 -15.98 0.56
N ARG B 205 -25.61 -16.00 1.53
CA ARG B 205 -25.49 -14.93 2.51
C ARG B 205 -24.31 -14.00 2.25
N ILE B 206 -23.60 -14.18 1.14
CA ILE B 206 -22.44 -13.36 0.84
C ILE B 206 -22.90 -12.05 0.21
N GLU B 207 -22.36 -10.94 0.70
CA GLU B 207 -22.65 -9.62 0.18
C GLU B 207 -21.35 -9.04 -0.39
N LEU B 208 -21.21 -9.11 -1.71
CA LEU B 208 -20.14 -8.40 -2.39
C LEU B 208 -20.67 -7.06 -2.87
N PRO B 209 -20.03 -5.93 -2.52
CA PRO B 209 -20.58 -4.64 -2.93
C PRO B 209 -20.69 -4.46 -4.43
N GLN B 210 -19.81 -5.07 -5.19
CA GLN B 210 -19.77 -4.87 -6.64
CA GLN B 210 -19.77 -4.87 -6.63
C GLN B 210 -20.34 -6.02 -7.44
N PHE B 211 -20.52 -7.20 -6.85
CA PHE B 211 -20.97 -8.36 -7.57
C PHE B 211 -22.21 -8.95 -6.93
N SER B 212 -22.89 -9.80 -7.68
CA SER B 212 -23.89 -10.70 -7.15
C SER B 212 -23.52 -12.11 -7.56
N ILE B 213 -23.45 -13.02 -6.60
CA ILE B 213 -23.08 -14.41 -6.89
C ILE B 213 -24.27 -15.06 -7.58
N VAL B 214 -24.18 -15.18 -8.91
CA VAL B 214 -25.28 -15.75 -9.68
C VAL B 214 -25.43 -17.23 -9.38
N GLU B 215 -24.30 -17.94 -9.34
CA GLU B 215 -24.33 -19.39 -9.23
C GLU B 215 -23.02 -19.85 -8.62
N HIS B 216 -23.08 -20.99 -7.95
CA HIS B 216 -21.89 -21.71 -7.54
C HIS B 216 -22.09 -23.18 -7.84
N ARG B 217 -21.00 -23.89 -8.14
CA ARG B 217 -21.13 -25.30 -8.41
C ARG B 217 -19.90 -26.04 -7.93
N LEU B 218 -20.05 -27.36 -7.78
CA LEU B 218 -19.05 -28.22 -7.20
C LEU B 218 -18.63 -29.26 -8.22
N VAL B 219 -17.32 -29.45 -8.37
CA VAL B 219 -16.77 -30.37 -9.37
C VAL B 219 -15.81 -31.31 -8.66
N SER B 220 -15.88 -32.59 -8.99
CA SER B 220 -14.93 -33.59 -8.54
C SER B 220 -14.29 -34.24 -9.76
N ARG B 221 -12.96 -34.30 -9.76
CA ARG B 221 -12.23 -34.89 -10.88
C ARG B 221 -10.84 -35.27 -10.41
N ASN B 222 -10.10 -35.92 -11.29
CA ASN B 222 -8.69 -36.24 -11.08
C ASN B 222 -7.84 -35.38 -11.98
N VAL B 223 -6.64 -35.04 -11.53
CA VAL B 223 -5.70 -34.26 -12.31
C VAL B 223 -4.40 -35.05 -12.39
N VAL B 224 -3.83 -35.14 -13.59
CA VAL B 224 -2.62 -35.91 -13.82
C VAL B 224 -1.43 -34.97 -13.89
N PHE B 225 -0.39 -35.27 -13.13
CA PHE B 225 0.89 -34.59 -13.20
C PHE B 225 1.96 -35.61 -13.54
N ALA B 226 3.21 -35.16 -13.54
CA ALA B 226 4.32 -36.07 -13.83
C ALA B 226 4.60 -37.03 -12.68
N THR B 227 4.04 -36.77 -11.50
CA THR B 227 4.29 -37.60 -10.33
C THR B 227 3.12 -38.53 -10.00
N GLY B 228 1.99 -38.37 -10.66
CA GLY B 228 0.86 -39.25 -10.42
C GLY B 228 -0.43 -38.56 -10.80
N ALA B 229 -1.54 -39.22 -10.48
CA ALA B 229 -2.87 -38.66 -10.67
C ALA B 229 -3.44 -38.30 -9.31
N TYR B 230 -3.94 -37.08 -9.17
CA TYR B 230 -4.36 -36.63 -7.86
C TYR B 230 -5.83 -36.23 -7.87
N PRO B 231 -6.56 -36.53 -6.80
CA PRO B 231 -7.97 -36.13 -6.74
C PRO B 231 -8.08 -34.63 -6.57
N ARG B 232 -9.02 -34.04 -7.30
CA ARG B 232 -9.26 -32.61 -7.19
C ARG B 232 -10.74 -32.33 -6.99
N LEU B 233 -11.05 -31.54 -5.98
CA LEU B 233 -12.35 -30.93 -5.80
C LEU B 233 -12.25 -29.49 -6.25
N SER B 234 -13.25 -29.02 -6.99
CA SER B 234 -13.26 -27.66 -7.51
C SER B 234 -14.55 -26.99 -7.10
N LEU B 235 -14.44 -25.83 -6.47
CA LEU B 235 -15.58 -24.98 -6.14
C LEU B 235 -15.44 -23.69 -6.93
N SER B 236 -16.47 -23.34 -7.70
CA SER B 236 -16.45 -22.16 -8.52
C SER B 236 -17.71 -21.34 -8.32
N PHE B 237 -17.55 -20.01 -8.35
CA PHE B 237 -18.65 -19.07 -8.28
C PHE B 237 -18.72 -18.30 -9.58
N ARG B 238 -19.91 -17.82 -9.92
CA ARG B 238 -20.10 -16.94 -11.07
CA ARG B 238 -20.11 -16.95 -11.07
C ARG B 238 -20.53 -15.58 -10.55
N LEU B 239 -19.64 -14.60 -10.69
CA LEU B 239 -19.87 -13.25 -10.19
C LEU B 239 -20.30 -12.36 -11.34
N LYS B 240 -21.48 -11.78 -11.24
CA LYS B 240 -21.95 -10.82 -12.22
C LYS B 240 -21.78 -9.42 -11.64
N ARG B 241 -20.96 -8.61 -12.29
CA ARG B 241 -20.65 -7.29 -11.78
C ARG B 241 -21.89 -6.40 -11.82
N ASN B 242 -22.11 -5.67 -10.75
CA ASN B 242 -23.18 -4.68 -10.72
C ASN B 242 -22.78 -3.47 -11.55
N ILE B 243 -23.78 -2.87 -12.20
CA ILE B 243 -23.54 -1.78 -13.14
C ILE B 243 -23.91 -0.41 -12.56
N GLY B 244 -24.61 -0.37 -11.43
CA GLY B 244 -25.11 0.91 -10.93
C GLY B 244 -24.02 1.87 -10.53
N TYR B 245 -22.91 1.34 -10.00
CA TYR B 245 -21.79 2.21 -9.63
C TYR B 245 -21.23 2.92 -10.85
N PHE B 246 -21.11 2.22 -11.97
CA PHE B 246 -20.49 2.79 -13.15
C PHE B 246 -21.43 3.71 -13.90
N ILE B 247 -22.73 3.61 -13.69
CA ILE B 247 -23.65 4.58 -14.26
C ILE B 247 -23.40 5.95 -13.65
N LEU B 248 -23.22 6.01 -12.34
CA LEU B 248 -23.02 7.28 -11.66
C LEU B 248 -21.63 7.84 -11.87
N GLN B 249 -20.61 6.99 -11.99
CA GLN B 249 -19.24 7.46 -12.02
C GLN B 249 -18.67 7.60 -13.42
N THR B 250 -19.14 6.83 -14.37
CA THR B 250 -18.50 6.88 -15.68
C THR B 250 -19.48 7.13 -16.81
N TYR B 251 -20.68 6.57 -16.76
CA TYR B 251 -21.58 6.66 -17.91
C TYR B 251 -22.36 7.97 -17.91
N MET B 252 -23.01 8.31 -16.80
CA MET B 252 -23.71 9.58 -16.73
C MET B 252 -22.80 10.79 -16.90
N PRO B 253 -21.62 10.86 -16.29
CA PRO B 253 -20.73 12.00 -16.57
C PRO B 253 -20.35 12.09 -18.04
N SER B 254 -20.20 10.96 -18.73
CA SER B 254 -19.83 11.00 -20.14
C SER B 254 -21.00 11.44 -21.01
N ILE B 255 -22.20 10.99 -20.69
CA ILE B 255 -23.37 11.38 -21.46
C ILE B 255 -23.64 12.88 -21.33
N LEU B 256 -23.55 13.39 -20.10
CA LEU B 256 -23.80 14.81 -19.89
C LEU B 256 -22.78 15.69 -20.59
N ILE B 257 -21.51 15.27 -20.57
CA ILE B 257 -20.48 16.02 -21.28
C ILE B 257 -20.72 15.96 -22.78
N THR B 258 -21.12 14.80 -23.29
CA THR B 258 -21.40 14.68 -24.72
C THR B 258 -22.58 15.54 -25.11
N ILE B 259 -23.60 15.62 -24.27
CA ILE B 259 -24.76 16.47 -24.56
C ILE B 259 -24.37 17.93 -24.54
N LEU B 260 -23.53 18.33 -23.58
CA LEU B 260 -23.14 19.73 -23.47
C LEU B 260 -22.24 20.17 -24.61
N SER B 261 -21.60 19.23 -25.30
CA SER B 261 -20.86 19.60 -26.50
C SER B 261 -21.78 19.95 -27.65
N TRP B 262 -23.05 19.56 -27.58
CA TRP B 262 -24.02 19.95 -28.60
C TRP B 262 -24.53 21.38 -28.41
N VAL B 263 -24.24 22.00 -27.27
CA VAL B 263 -24.69 23.38 -27.07
C VAL B 263 -24.04 24.29 -28.09
N SER B 264 -22.81 23.99 -28.51
CA SER B 264 -22.13 24.81 -29.50
C SER B 264 -22.86 24.84 -30.83
N PHE B 265 -23.75 23.88 -31.09
CA PHE B 265 -24.48 23.89 -32.35
C PHE B 265 -25.51 25.01 -32.38
N TRP B 266 -25.93 25.50 -31.22
CA TRP B 266 -26.85 26.62 -31.14
C TRP B 266 -26.16 27.96 -30.94
N ILE B 267 -24.86 27.97 -30.68
CA ILE B 267 -24.12 29.21 -30.51
CA ILE B 267 -24.12 29.21 -30.51
C ILE B 267 -23.81 29.79 -31.88
N ASN B 268 -23.84 31.12 -31.98
CA ASN B 268 -23.58 31.80 -33.23
C ASN B 268 -22.19 31.45 -33.76
N TYR B 269 -22.09 31.26 -35.07
CA TYR B 269 -20.81 30.87 -35.67
C TYR B 269 -19.74 31.93 -35.45
N ASP B 270 -20.14 33.19 -35.28
CA ASP B 270 -19.16 34.24 -35.04
C ASP B 270 -18.43 34.03 -33.72
N ALA B 271 -19.10 33.49 -32.71
CA ALA B 271 -18.51 33.32 -31.40
C ALA B 271 -17.49 32.20 -31.41
N SER B 272 -16.35 32.42 -32.09
CA SER B 272 -15.34 31.38 -32.19
C SER B 272 -14.74 31.04 -30.83
N ALA B 273 -14.50 32.05 -30.00
CA ALA B 273 -13.92 31.79 -28.69
C ALA B 273 -14.85 30.93 -27.84
N ALA B 274 -16.16 31.22 -27.89
CA ALA B 274 -17.11 30.47 -27.10
C ALA B 274 -17.19 29.01 -27.55
N ARG B 275 -17.25 28.78 -28.86
CA ARG B 275 -17.42 27.43 -29.36
C ARG B 275 -16.13 26.62 -29.29
N VAL B 276 -14.98 27.27 -29.41
CA VAL B 276 -13.71 26.56 -29.21
C VAL B 276 -13.52 26.23 -27.74
N ALA B 277 -13.87 27.16 -26.84
CA ALA B 277 -13.76 26.87 -25.41
C ALA B 277 -14.71 25.77 -24.99
N LEU B 278 -15.93 25.77 -25.53
CA LEU B 278 -16.85 24.67 -25.28
C LEU B 278 -16.34 23.37 -25.88
N GLY B 279 -15.80 23.44 -27.10
CA GLY B 279 -15.30 22.25 -27.75
C GLY B 279 -14.07 21.67 -27.08
N ILE B 280 -13.11 22.53 -26.74
CA ILE B 280 -11.89 22.04 -26.11
C ILE B 280 -12.18 21.46 -24.74
N THR B 281 -13.05 22.11 -23.97
CA THR B 281 -13.30 21.67 -22.60
C THR B 281 -13.91 20.29 -22.56
N THR B 282 -14.86 20.00 -23.45
CA THR B 282 -15.50 18.68 -23.45
C THR B 282 -14.50 17.60 -23.84
N VAL B 283 -13.62 17.89 -24.80
CA VAL B 283 -12.58 16.94 -25.15
C VAL B 283 -11.64 16.72 -23.97
N LEU B 284 -11.29 17.80 -23.26
CA LEU B 284 -10.48 17.68 -22.06
CA LEU B 284 -10.47 17.66 -22.06
C LEU B 284 -11.21 16.90 -20.98
N THR B 285 -12.50 17.17 -20.81
CA THR B 285 -13.27 16.49 -19.78
C THR B 285 -13.33 14.99 -20.02
N MET B 286 -13.46 14.58 -21.29
CA MET B 286 -13.53 13.16 -21.58
CA MET B 286 -13.52 13.16 -21.58
C MET B 286 -12.23 12.46 -21.17
N THR B 287 -11.09 13.10 -21.43
CA THR B 287 -9.82 12.55 -20.96
C THR B 287 -9.80 12.44 -19.44
N THR B 288 -10.26 13.48 -18.75
CA THR B 288 -10.28 13.46 -17.29
C THR B 288 -11.17 12.35 -16.77
N ILE B 289 -12.32 12.13 -17.42
CA ILE B 289 -13.17 11.00 -17.06
C ILE B 289 -12.43 9.70 -17.27
N ASN B 290 -11.70 9.59 -18.37
CA ASN B 290 -11.00 8.34 -18.67
C ASN B 290 -9.83 8.08 -17.73
N THR B 291 -9.11 9.15 -17.35
CA THR B 291 -7.96 8.97 -16.47
C THR B 291 -8.37 8.47 -15.09
N HIS B 292 -9.48 8.99 -14.57
CA HIS B 292 -9.98 8.52 -13.28
C HIS B 292 -10.29 7.03 -13.32
N LEU B 293 -10.93 6.58 -14.40
CA LEU B 293 -11.21 5.17 -14.57
C LEU B 293 -9.94 4.38 -14.88
N ARG B 294 -9.02 4.97 -15.64
CA ARG B 294 -7.80 4.27 -16.05
C ARG B 294 -6.98 3.85 -14.84
N GLU B 295 -6.94 4.69 -13.80
CA GLU B 295 -5.98 4.51 -12.72
C GLU B 295 -6.35 3.41 -11.73
N THR B 296 -7.54 2.83 -11.82
CA THR B 296 -8.00 1.85 -10.85
C THR B 296 -8.10 0.44 -11.43
N LEU B 297 -7.40 0.15 -12.51
CA LEU B 297 -7.51 -1.11 -13.22
C LEU B 297 -6.13 -1.61 -13.59
N PRO B 298 -5.98 -2.91 -13.83
CA PRO B 298 -4.70 -3.42 -14.33
C PRO B 298 -4.45 -2.95 -15.75
N LYS B 299 -3.24 -3.25 -16.23
CA LYS B 299 -2.81 -2.82 -17.56
C LYS B 299 -3.05 -3.93 -18.57
N ILE B 300 -4.32 -4.20 -18.84
CA ILE B 300 -4.70 -5.20 -19.83
C ILE B 300 -4.58 -4.58 -21.22
N PRO B 301 -4.16 -5.34 -22.22
CA PRO B 301 -3.88 -4.74 -23.52
C PRO B 301 -5.09 -4.56 -24.42
N TYR B 302 -6.21 -5.19 -24.09
CA TYR B 302 -7.37 -5.13 -24.96
C TYR B 302 -8.28 -3.98 -24.57
N VAL B 303 -9.29 -3.75 -25.41
CA VAL B 303 -10.27 -2.70 -25.19
C VAL B 303 -11.43 -3.28 -24.40
N LYS B 304 -11.75 -2.65 -23.27
CA LYS B 304 -12.88 -3.06 -22.45
C LYS B 304 -14.16 -2.42 -22.95
N ALA B 305 -15.29 -2.91 -22.45
CA ALA B 305 -16.58 -2.35 -22.85
C ALA B 305 -16.72 -0.91 -22.39
N ILE B 306 -16.09 -0.56 -21.26
CA ILE B 306 -16.13 0.82 -20.81
C ILE B 306 -15.27 1.70 -21.70
N ASP B 307 -14.17 1.16 -22.23
CA ASP B 307 -13.32 1.94 -23.14
C ASP B 307 -14.04 2.21 -24.45
N MET B 308 -14.83 1.25 -24.94
CA MET B 308 -15.58 1.47 -26.17
C MET B 308 -16.55 2.62 -26.03
N TYR B 309 -17.21 2.72 -24.86
CA TYR B 309 -18.13 3.83 -24.65
C TYR B 309 -17.39 5.16 -24.55
N LEU B 310 -16.32 5.21 -23.76
CA LEU B 310 -15.58 6.45 -23.59
C LEU B 310 -14.92 6.89 -24.89
N MET B 311 -14.40 5.94 -25.67
CA MET B 311 -13.92 6.28 -26.99
C MET B 311 -15.06 6.77 -27.87
N GLY B 312 -16.22 6.15 -27.78
CA GLY B 312 -17.37 6.61 -28.55
C GLY B 312 -17.79 8.01 -28.18
N CYS B 313 -17.86 8.30 -26.88
CA CYS B 313 -18.18 9.65 -26.44
C CYS B 313 -17.09 10.64 -26.81
N PHE B 314 -15.84 10.18 -26.87
CA PHE B 314 -14.77 11.06 -27.31
C PHE B 314 -14.92 11.43 -28.79
N VAL B 315 -15.25 10.45 -29.63
CA VAL B 315 -15.46 10.73 -31.05
C VAL B 315 -16.57 11.76 -31.22
N PHE B 316 -17.63 11.65 -30.42
CA PHE B 316 -18.76 12.56 -30.56
C PHE B 316 -18.38 13.99 -30.16
N VAL B 317 -17.64 14.15 -29.07
CA VAL B 317 -17.27 15.50 -28.68
C VAL B 317 -16.14 16.04 -29.55
N PHE B 318 -15.32 15.16 -30.10
CA PHE B 318 -14.28 15.59 -31.02
C PHE B 318 -14.89 16.05 -32.34
N LEU B 319 -15.85 15.30 -32.87
CA LEU B 319 -16.49 15.70 -34.11
C LEU B 319 -17.29 16.98 -33.96
N ALA B 320 -17.88 17.22 -32.79
CA ALA B 320 -18.56 18.48 -32.56
C ALA B 320 -17.59 19.65 -32.62
N LEU B 321 -16.39 19.47 -32.08
CA LEU B 321 -15.37 20.51 -32.20
C LEU B 321 -14.89 20.65 -33.64
N LEU B 322 -14.73 19.53 -34.34
CA LEU B 322 -14.41 19.59 -35.76
C LEU B 322 -15.56 20.15 -36.57
N GLU B 323 -16.78 20.07 -36.07
CA GLU B 323 -17.91 20.65 -36.78
C GLU B 323 -17.82 22.17 -36.80
N TYR B 324 -17.36 22.78 -35.72
CA TYR B 324 -17.20 24.23 -35.75
C TYR B 324 -16.03 24.65 -36.62
N ALA B 325 -14.95 23.88 -36.62
CA ALA B 325 -13.82 24.19 -37.48
C ALA B 325 -14.23 24.13 -38.95
N PHE B 326 -15.06 23.15 -39.29
CA PHE B 326 -15.63 23.11 -40.64
C PHE B 326 -16.54 24.29 -40.90
N VAL B 327 -17.37 24.65 -39.93
CA VAL B 327 -18.23 25.82 -40.08
C VAL B 327 -17.39 27.09 -40.21
N ASN B 328 -16.34 27.18 -39.39
CA ASN B 328 -15.46 28.35 -39.44
C ASN B 328 -14.71 28.41 -40.76
N TYR B 329 -14.23 27.28 -41.26
CA TYR B 329 -13.48 27.26 -42.50
C TYR B 329 -14.38 27.53 -43.70
N ILE B 330 -15.64 27.09 -43.65
CA ILE B 330 -16.55 27.34 -44.76
C ILE B 330 -16.88 28.82 -44.85
N PHE B 331 -17.08 29.48 -43.70
CA PHE B 331 -17.46 30.89 -43.73
C PHE B 331 -16.27 31.77 -44.06
N PHE B 332 -15.11 31.52 -43.46
CA PHE B 332 -13.96 32.39 -43.62
C PHE B 332 -12.94 31.88 -44.63
N GLY B 333 -12.64 30.59 -44.62
CA GLY B 333 -11.68 30.06 -45.57
C GLY B 333 -12.19 30.07 -47.00
N ARG B 334 -13.47 29.75 -47.19
CA ARG B 334 -14.04 29.66 -48.53
C ARG B 334 -15.11 30.71 -48.81
N GLY B 335 -15.55 31.45 -47.81
CA GLY B 335 -16.55 32.47 -48.00
C GLY B 335 -16.16 33.57 -48.97
N PRO B 336 -14.96 34.16 -48.79
CA PRO B 336 -14.51 35.18 -49.74
C PRO B 336 -14.42 34.67 -51.16
N GLN B 337 -14.01 33.42 -51.35
CA GLN B 337 -13.93 32.86 -52.70
C GLN B 337 -15.31 32.79 -53.35
N ARG B 338 -16.33 32.41 -52.57
CA ARG B 338 -17.72 32.28 -53.01
C ARG B 338 -17.88 31.76 -54.43
N ILE B 439 -28.24 15.19 -45.75
CA ILE B 439 -26.93 15.74 -46.06
C ILE B 439 -27.03 17.25 -46.11
N PRO B 440 -26.13 17.93 -45.40
CA PRO B 440 -26.19 19.39 -45.33
C PRO B 440 -25.79 20.04 -46.65
N ASP B 441 -26.08 21.34 -46.75
CA ASP B 441 -25.81 22.09 -47.96
C ASP B 441 -24.31 22.18 -48.25
N LEU B 442 -23.49 22.28 -47.20
CA LEU B 442 -22.03 22.37 -47.23
C LEU B 442 -21.53 23.71 -47.77
N THR B 443 -22.41 24.60 -48.20
CA THR B 443 -22.03 25.98 -48.50
C THR B 443 -22.70 26.99 -47.60
N ASP B 444 -23.82 26.63 -46.97
CA ASP B 444 -24.51 27.50 -46.02
C ASP B 444 -24.03 27.15 -44.63
N VAL B 445 -23.42 28.12 -43.95
CA VAL B 445 -22.88 27.88 -42.62
C VAL B 445 -23.99 27.50 -41.66
N ASN B 446 -25.13 28.20 -41.73
CA ASN B 446 -26.22 27.90 -40.81
C ASN B 446 -26.89 26.58 -41.13
N ALA B 447 -26.77 26.09 -42.36
CA ALA B 447 -27.32 24.79 -42.70
C ALA B 447 -26.55 23.67 -42.01
N ILE B 448 -25.22 23.79 -41.92
CA ILE B 448 -24.42 22.79 -41.23
C ILE B 448 -24.77 22.75 -39.75
N ASP B 449 -24.97 23.91 -39.14
CA ASP B 449 -25.36 23.95 -37.73
C ASP B 449 -26.73 23.32 -37.51
N ARG B 450 -27.69 23.61 -38.40
CA ARG B 450 -29.00 23.00 -38.27
C ARG B 450 -28.92 21.49 -38.43
N TRP B 451 -28.12 21.03 -39.38
CA TRP B 451 -27.94 19.59 -39.57
C TRP B 451 -27.33 18.94 -38.34
N SER B 452 -26.30 19.56 -37.76
CA SER B 452 -25.65 18.98 -36.60
C SER B 452 -26.55 18.95 -35.39
N ARG B 453 -27.49 19.88 -35.29
CA ARG B 453 -28.43 19.88 -34.16
C ARG B 453 -29.30 18.64 -34.14
N ILE B 454 -29.48 17.99 -35.28
CA ILE B 454 -30.32 16.80 -35.39
C ILE B 454 -29.50 15.53 -35.39
N VAL B 455 -28.42 15.51 -36.15
CA VAL B 455 -27.67 14.28 -36.36
C VAL B 455 -26.96 13.84 -35.09
N PHE B 456 -26.31 14.78 -34.41
CA PHE B 456 -25.55 14.41 -33.22
C PHE B 456 -26.42 13.82 -32.11
N PRO B 457 -27.55 14.41 -31.72
CA PRO B 457 -28.42 13.72 -30.75
C PRO B 457 -28.98 12.42 -31.27
N PHE B 458 -29.29 12.34 -32.56
CA PHE B 458 -29.84 11.12 -33.13
C PHE B 458 -28.79 10.01 -33.16
N THR B 459 -27.59 10.33 -33.66
CA THR B 459 -26.54 9.33 -33.76
C THR B 459 -26.07 8.85 -32.39
N PHE B 460 -25.97 9.76 -31.42
CA PHE B 460 -25.56 9.36 -30.08
C PHE B 460 -26.60 8.44 -29.45
N SER B 461 -27.89 8.72 -29.66
CA SER B 461 -28.92 7.79 -29.23
C SER B 461 -28.77 6.45 -29.94
N LEU B 462 -28.47 6.49 -31.24
CA LEU B 462 -28.21 5.26 -31.97
C LEU B 462 -26.98 4.54 -31.43
N PHE B 463 -25.94 5.29 -31.06
CA PHE B 463 -24.76 4.69 -30.47
C PHE B 463 -25.08 4.06 -29.13
N ASN B 464 -25.86 4.75 -28.30
CA ASN B 464 -26.24 4.18 -27.01
C ASN B 464 -27.18 2.99 -27.19
N LEU B 465 -28.05 3.04 -28.19
CA LEU B 465 -28.93 1.92 -28.45
C LEU B 465 -28.15 0.67 -28.83
N VAL B 466 -27.16 0.82 -29.70
CA VAL B 466 -26.36 -0.34 -30.11
C VAL B 466 -25.48 -0.83 -28.98
N TYR B 467 -24.82 0.09 -28.27
CA TYR B 467 -23.88 -0.31 -27.23
C TYR B 467 -24.57 -1.06 -26.11
N TRP B 468 -25.73 -0.60 -25.68
CA TRP B 468 -26.39 -1.21 -24.54
C TRP B 468 -27.07 -2.53 -24.92
N LEU B 469 -27.60 -2.63 -26.14
CA LEU B 469 -28.15 -3.90 -26.57
C LEU B 469 -27.07 -4.96 -26.72
N TYR B 470 -25.86 -4.57 -27.11
CA TYR B 470 -24.79 -5.53 -27.29
C TYR B 470 -24.24 -6.03 -25.95
N TYR B 471 -24.30 -5.21 -24.91
CA TYR B 471 -23.66 -5.55 -23.65
C TYR B 471 -24.63 -5.87 -22.52
N VAL B 472 -25.91 -5.55 -22.66
CA VAL B 472 -26.89 -5.94 -21.65
C VAL B 472 -27.70 -7.11 -22.16
N GLY C 64 9.73 -24.68 47.07
CA GLY C 64 8.70 -23.67 47.24
C GLY C 64 7.31 -24.28 47.32
N ASP C 65 6.47 -23.73 48.21
CA ASP C 65 5.12 -24.26 48.36
C ASP C 65 4.28 -24.01 47.11
N VAL C 66 4.47 -22.87 46.45
CA VAL C 66 3.75 -22.62 45.21
C VAL C 66 4.22 -23.56 44.12
N THR C 67 5.52 -23.88 44.11
CA THR C 67 6.03 -24.86 43.15
C THR C 67 5.41 -26.22 43.37
N VAL C 68 5.28 -26.64 44.64
CA VAL C 68 4.68 -27.93 44.94
C VAL C 68 3.21 -27.96 44.51
N ILE C 69 2.48 -26.88 44.78
CA ILE C 69 1.08 -26.82 44.37
C ILE C 69 0.96 -26.88 42.86
N LEU C 70 1.79 -26.10 42.17
CA LEU C 70 1.75 -26.07 40.71
C LEU C 70 2.09 -27.43 40.11
N ASN C 71 3.06 -28.13 40.71
CA ASN C 71 3.42 -29.44 40.20
C ASN C 71 2.34 -30.47 40.47
N ASN C 72 1.70 -30.40 41.63
CA ASN C 72 0.63 -31.34 41.94
C ASN C 72 -0.56 -31.15 41.01
N LEU C 73 -0.89 -29.89 40.69
CA LEU C 73 -2.02 -29.63 39.80
C LEU C 73 -1.79 -30.23 38.42
N LEU C 74 -0.58 -30.13 37.90
CA LEU C 74 -0.27 -30.57 36.55
C LEU C 74 0.15 -32.03 36.47
N GLU C 75 0.20 -32.74 37.59
CA GLU C 75 0.55 -34.15 37.59
C GLU C 75 -0.69 -34.95 37.25
N GLY C 76 -0.66 -35.64 36.11
CA GLY C 76 -1.82 -36.36 35.62
C GLY C 76 -2.84 -35.51 34.93
N TYR C 77 -2.60 -34.21 34.80
CA TYR C 77 -3.52 -33.32 34.11
C TYR C 77 -3.40 -33.54 32.61
N ASP C 78 -4.53 -33.63 31.93
CA ASP C 78 -4.57 -33.82 30.49
C ASP C 78 -5.27 -32.60 29.90
N ASN C 79 -4.48 -31.65 29.39
CA ASN C 79 -5.03 -30.44 28.84
C ASN C 79 -5.67 -30.65 27.47
N LYS C 80 -5.79 -31.89 27.01
CA LYS C 80 -6.57 -32.19 25.82
C LYS C 80 -8.05 -32.31 26.12
N LEU C 81 -8.44 -32.41 27.39
CA LEU C 81 -9.81 -32.68 27.78
C LEU C 81 -10.42 -31.46 28.45
N ARG C 82 -11.58 -31.05 27.96
CA ARG C 82 -12.34 -29.99 28.57
C ARG C 82 -12.84 -30.43 29.94
N PRO C 83 -12.87 -29.53 30.93
CA PRO C 83 -13.39 -29.92 32.25
C PRO C 83 -14.84 -30.36 32.15
N ASP C 84 -15.20 -31.35 32.96
CA ASP C 84 -16.54 -31.94 32.93
C ASP C 84 -16.87 -32.50 31.55
N ILE C 85 -15.93 -33.27 31.01
CA ILE C 85 -16.00 -33.67 29.61
C ILE C 85 -17.21 -34.55 29.34
N GLY C 86 -17.57 -35.40 30.30
CA GLY C 86 -18.73 -36.25 30.09
C GLY C 86 -19.80 -36.07 31.14
N VAL C 87 -19.90 -34.87 31.71
CA VAL C 87 -20.79 -34.64 32.85
C VAL C 87 -21.76 -33.51 32.53
N LYS C 88 -21.24 -32.33 32.26
CA LYS C 88 -22.06 -31.16 32.01
C LYS C 88 -21.29 -30.24 31.08
N PRO C 89 -21.96 -29.28 30.46
CA PRO C 89 -21.23 -28.28 29.68
C PRO C 89 -20.36 -27.43 30.58
N THR C 90 -19.27 -26.93 30.01
CA THR C 90 -18.40 -25.99 30.72
C THR C 90 -18.98 -24.59 30.56
N LEU C 91 -19.26 -23.94 31.68
CA LEU C 91 -19.79 -22.58 31.68
C LEU C 91 -18.64 -21.61 31.77
N ILE C 92 -18.53 -20.71 30.80
CA ILE C 92 -17.45 -19.74 30.70
C ILE C 92 -18.05 -18.36 30.76
N HIS C 93 -17.62 -17.57 31.72
CA HIS C 93 -18.06 -16.19 31.87
C HIS C 93 -17.05 -15.27 31.22
N THR C 94 -17.51 -14.40 30.33
CA THR C 94 -16.65 -13.56 29.53
C THR C 94 -16.79 -12.10 29.90
N ASP C 95 -15.67 -11.41 29.96
CA ASP C 95 -15.61 -9.97 30.12
C ASP C 95 -14.81 -9.38 28.98
N MET C 96 -15.05 -8.12 28.68
CA MET C 96 -14.35 -7.44 27.60
C MET C 96 -14.15 -6.00 28.00
N TYR C 97 -12.91 -5.56 28.02
CA TYR C 97 -12.59 -4.15 28.22
C TYR C 97 -12.08 -3.60 26.90
N VAL C 98 -12.77 -2.60 26.37
CA VAL C 98 -12.44 -2.02 25.07
C VAL C 98 -11.41 -0.92 25.28
N ASN C 99 -10.18 -1.17 24.83
CA ASN C 99 -9.15 -0.14 24.91
C ASN C 99 -9.40 0.94 23.86
N SER C 100 -9.79 0.54 22.66
CA SER C 100 -10.12 1.49 21.61
C SER C 100 -10.82 0.77 20.49
N ILE C 101 -11.84 1.42 19.93
CA ILE C 101 -12.43 1.00 18.67
C ILE C 101 -11.73 1.82 17.59
N GLY C 102 -10.87 1.17 16.83
CA GLY C 102 -10.01 1.84 15.89
C GLY C 102 -10.78 2.41 14.73
N PRO C 103 -10.10 2.63 13.62
CA PRO C 103 -10.76 3.24 12.47
C PRO C 103 -11.81 2.32 11.89
N VAL C 104 -12.86 2.92 11.34
CA VAL C 104 -13.85 2.20 10.57
C VAL C 104 -13.41 2.27 9.12
N ASN C 105 -13.10 1.12 8.54
CA ASN C 105 -12.68 1.06 7.13
C ASN C 105 -13.92 0.73 6.31
N ALA C 106 -14.55 1.76 5.73
CA ALA C 106 -15.74 1.53 4.94
C ALA C 106 -15.45 0.76 3.66
N ILE C 107 -14.29 1.01 3.04
CA ILE C 107 -13.97 0.36 1.78
C ILE C 107 -13.89 -1.15 1.95
N ASN C 108 -13.27 -1.60 3.03
CA ASN C 108 -13.18 -3.02 3.33
C ASN C 108 -14.33 -3.53 4.19
N MET C 109 -15.21 -2.64 4.66
CA MET C 109 -16.30 -3.02 5.56
C MET C 109 -15.75 -3.72 6.80
N GLU C 110 -14.94 -3.00 7.56
CA GLU C 110 -14.30 -3.55 8.74
C GLU C 110 -13.95 -2.43 9.70
N TYR C 111 -13.71 -2.81 10.95
CA TYR C 111 -13.25 -1.88 11.95
C TYR C 111 -12.25 -2.59 12.85
N THR C 112 -11.35 -1.82 13.46
CA THR C 112 -10.35 -2.37 14.36
C THR C 112 -10.78 -2.12 15.79
N ILE C 113 -10.61 -3.12 16.64
CA ILE C 113 -10.94 -2.98 18.05
C ILE C 113 -9.84 -3.65 18.88
N ASP C 114 -9.41 -2.95 19.92
CA ASP C 114 -8.38 -3.43 20.85
C ASP C 114 -9.08 -3.70 22.18
N ILE C 115 -9.01 -4.93 22.64
CA ILE C 115 -9.76 -5.33 23.83
C ILE C 115 -8.85 -6.09 24.78
N PHE C 116 -9.20 -6.03 26.06
CA PHE C 116 -8.71 -6.97 27.06
C PHE C 116 -9.81 -7.99 27.25
N PHE C 117 -9.59 -9.20 26.75
CA PHE C 117 -10.63 -10.21 26.70
C PHE C 117 -10.44 -11.19 27.86
N ALA C 118 -11.41 -11.23 28.76
CA ALA C 118 -11.31 -12.00 29.99
C ALA C 118 -12.30 -13.17 29.96
N GLN C 119 -11.84 -14.34 30.36
CA GLN C 119 -12.66 -15.54 30.42
C GLN C 119 -12.50 -16.18 31.79
N THR C 120 -13.60 -16.66 32.36
CA THR C 120 -13.57 -17.30 33.66
C THR C 120 -14.38 -18.58 33.59
N TRP C 121 -13.80 -19.68 34.04
CA TRP C 121 -14.51 -20.95 34.11
C TRP C 121 -14.01 -21.72 35.33
N TYR C 122 -14.53 -22.92 35.50
CA TYR C 122 -14.19 -23.78 36.63
C TYR C 122 -13.57 -25.08 36.13
N ASP C 123 -12.42 -25.42 36.67
CA ASP C 123 -11.73 -26.68 36.37
C ASP C 123 -11.45 -27.36 37.70
N ARG C 124 -12.24 -28.39 38.03
CA ARG C 124 -12.08 -29.08 39.30
C ARG C 124 -10.74 -29.78 39.43
N ARG C 125 -10.05 -30.04 38.31
CA ARG C 125 -8.71 -30.60 38.38
C ARG C 125 -7.69 -29.60 38.91
N LEU C 126 -8.05 -28.33 39.00
CA LEU C 126 -7.15 -27.28 39.46
C LEU C 126 -7.43 -26.85 40.88
N LYS C 127 -8.23 -27.62 41.63
CA LYS C 127 -8.45 -27.33 43.03
C LYS C 127 -7.19 -27.64 43.85
N PHE C 128 -6.95 -26.83 44.89
CA PHE C 128 -5.87 -27.10 45.81
C PHE C 128 -6.23 -26.52 47.17
N ASN C 129 -5.74 -27.16 48.23
CA ASN C 129 -5.95 -26.70 49.59
C ASN C 129 -4.63 -26.20 50.14
N SER C 130 -4.60 -24.93 50.57
CA SER C 130 -3.45 -24.35 51.23
C SER C 130 -3.85 -22.98 51.75
N THR C 131 -2.94 -22.38 52.52
CA THR C 131 -3.16 -21.01 52.97
C THR C 131 -3.20 -20.04 51.81
N ILE C 132 -2.58 -20.39 50.69
CA ILE C 132 -2.61 -19.55 49.49
C ILE C 132 -3.96 -19.70 48.82
N LYS C 133 -4.65 -18.58 48.63
CA LYS C 133 -6.02 -18.61 48.12
C LYS C 133 -6.11 -18.47 46.62
N VAL C 134 -5.06 -17.98 45.95
CA VAL C 134 -5.09 -17.79 44.52
C VAL C 134 -3.66 -17.80 44.00
N LEU C 135 -3.48 -18.39 42.82
CA LEU C 135 -2.19 -18.42 42.15
C LEU C 135 -2.20 -17.38 41.04
N ARG C 136 -1.41 -16.33 41.20
CA ARG C 136 -1.33 -15.25 40.24
C ARG C 136 -0.16 -15.53 39.30
N LEU C 137 -0.46 -15.86 38.05
CA LEU C 137 0.50 -16.42 37.13
C LEU C 137 0.59 -15.57 35.88
N ASN C 138 1.70 -15.72 35.18
CA ASN C 138 1.91 -15.07 33.88
C ASN C 138 1.46 -16.02 32.77
N SER C 139 1.91 -15.79 31.55
CA SER C 139 1.47 -16.58 30.41
C SER C 139 2.14 -17.94 30.29
N ASN C 140 3.08 -18.27 31.17
CA ASN C 140 3.82 -19.52 31.01
C ASN C 140 2.93 -20.74 31.13
N MET C 141 1.97 -20.71 32.05
CA MET C 141 1.09 -21.84 32.30
C MET C 141 -0.15 -21.86 31.43
N VAL C 142 -0.31 -20.88 30.54
CA VAL C 142 -1.52 -20.82 29.71
C VAL C 142 -1.59 -22.04 28.80
N GLY C 143 -0.45 -22.48 28.28
CA GLY C 143 -0.42 -23.67 27.45
C GLY C 143 -0.31 -24.98 28.19
N LYS C 144 -0.29 -24.96 29.52
CA LYS C 144 -0.18 -26.21 30.27
C LYS C 144 -1.54 -26.75 30.69
N ILE C 145 -2.53 -25.88 30.87
CA ILE C 145 -3.86 -26.29 31.28
C ILE C 145 -4.78 -26.23 30.07
N TRP C 146 -6.01 -26.71 30.25
CA TRP C 146 -7.01 -26.57 29.21
C TRP C 146 -7.46 -25.12 29.11
N ILE C 147 -7.65 -24.66 27.88
CA ILE C 147 -8.13 -23.32 27.60
C ILE C 147 -9.23 -23.44 26.57
N PRO C 148 -10.34 -22.71 26.71
CA PRO C 148 -11.38 -22.76 25.68
C PRO C 148 -10.87 -22.24 24.35
N ASP C 149 -11.39 -22.81 23.27
CA ASP C 149 -11.00 -22.41 21.92
C ASP C 149 -11.89 -21.29 21.39
N THR C 150 -12.01 -20.22 22.16
CA THR C 150 -12.80 -19.09 21.75
C THR C 150 -12.17 -18.44 20.51
N PHE C 151 -13.01 -18.10 19.55
CA PHE C 151 -12.58 -17.38 18.37
C PHE C 151 -13.65 -16.37 18.02
N PHE C 152 -13.28 -15.39 17.21
CA PHE C 152 -14.20 -14.33 16.82
C PHE C 152 -14.71 -14.60 15.42
N ARG C 153 -16.03 -14.75 15.30
CA ARG C 153 -16.61 -15.36 14.12
C ARG C 153 -16.58 -14.43 12.92
N ASN C 154 -16.65 -13.13 13.15
CA ASN C 154 -16.56 -12.16 12.07
C ASN C 154 -15.20 -11.50 12.00
N SER C 155 -14.20 -12.07 12.65
CA SER C 155 -12.84 -11.54 12.60
C SER C 155 -12.26 -11.73 11.20
N LYS C 156 -11.92 -10.63 10.53
CA LYS C 156 -11.15 -10.73 9.30
C LYS C 156 -9.70 -11.06 9.59
N LYS C 157 -9.14 -10.40 10.60
CA LYS C 157 -7.76 -10.61 11.00
C LYS C 157 -7.65 -10.20 12.46
N ALA C 158 -7.08 -11.05 13.28
CA ALA C 158 -6.91 -10.77 14.69
C ALA C 158 -5.51 -11.15 15.12
N ASP C 159 -5.02 -10.53 16.19
CA ASP C 159 -3.68 -10.81 16.66
C ASP C 159 -3.60 -10.55 18.16
N ALA C 160 -3.04 -11.51 18.88
CA ALA C 160 -2.69 -11.26 20.26
C ALA C 160 -1.39 -10.47 20.31
N HIS C 161 -1.03 -10.03 21.51
CA HIS C 161 0.13 -9.16 21.69
C HIS C 161 1.26 -9.94 22.35
N TRP C 162 2.49 -9.64 21.93
CA TRP C 162 3.64 -10.44 22.31
C TRP C 162 4.83 -9.61 22.77
N ILE C 163 4.66 -8.30 22.94
CA ILE C 163 5.72 -7.41 23.40
C ILE C 163 5.36 -6.92 24.79
N THR C 164 6.28 -7.07 25.73
CA THR C 164 7.58 -7.68 25.51
C THR C 164 7.52 -9.20 25.70
N THR C 165 6.40 -9.65 26.24
CA THR C 165 6.07 -11.05 26.46
C THR C 165 4.62 -11.24 26.07
N PRO C 166 4.15 -12.48 25.92
CA PRO C 166 2.73 -12.69 25.62
C PRO C 166 1.81 -12.00 26.61
N ASN C 167 1.02 -11.03 26.14
CA ASN C 167 0.16 -10.27 27.03
C ASN C 167 -1.01 -11.13 27.48
N ARG C 168 -0.74 -12.09 28.36
CA ARG C 168 -1.75 -13.00 28.87
C ARG C 168 -1.64 -13.10 30.38
N MET C 169 -2.76 -13.36 31.02
CA MET C 169 -2.84 -13.47 32.47
C MET C 169 -3.60 -14.73 32.83
N LEU C 170 -3.10 -15.46 33.83
CA LEU C 170 -3.76 -16.65 34.32
C LEU C 170 -3.82 -16.59 35.84
N ARG C 171 -5.01 -16.79 36.39
CA ARG C 171 -5.19 -16.80 37.84
C ARG C 171 -6.09 -17.96 38.21
N ILE C 172 -5.63 -18.79 39.13
CA ILE C 172 -6.34 -19.98 39.56
C ILE C 172 -6.63 -19.86 41.05
N TRP C 173 -7.89 -20.04 41.42
CA TRP C 173 -8.31 -20.00 42.81
C TRP C 173 -8.40 -21.40 43.38
N ASN C 174 -8.42 -21.49 44.71
CA ASN C 174 -8.33 -22.79 45.36
C ASN C 174 -9.55 -23.66 45.09
N ASP C 175 -10.69 -23.06 44.75
CA ASP C 175 -11.87 -23.82 44.38
C ASP C 175 -11.87 -24.22 42.91
N GLY C 176 -10.76 -24.01 42.21
CA GLY C 176 -10.62 -24.41 40.84
C GLY C 176 -11.03 -23.37 39.82
N ARG C 177 -11.51 -22.21 40.25
CA ARG C 177 -11.88 -21.17 39.30
C ARG C 177 -10.64 -20.65 38.58
N VAL C 178 -10.76 -20.50 37.27
CA VAL C 178 -9.68 -20.04 36.42
C VAL C 178 -10.08 -18.72 35.79
N LEU C 179 -9.22 -17.72 35.92
CA LEU C 179 -9.40 -16.44 35.22
C LEU C 179 -8.31 -16.33 34.17
N TYR C 180 -8.73 -16.19 32.92
CA TYR C 180 -7.80 -16.09 31.80
C TYR C 180 -8.09 -14.80 31.05
N THR C 181 -7.07 -13.96 30.91
CA THR C 181 -7.19 -12.68 30.25
C THR C 181 -6.06 -12.54 29.23
N LEU C 182 -6.37 -11.95 28.09
CA LEU C 182 -5.34 -11.66 27.11
C LEU C 182 -5.73 -10.42 26.33
N ARG C 183 -4.74 -9.74 25.76
CA ARG C 183 -4.96 -8.54 24.97
C ARG C 183 -5.03 -8.90 23.49
N LEU C 184 -6.04 -8.37 22.81
CA LEU C 184 -6.30 -8.71 21.43
C LEU C 184 -6.50 -7.45 20.60
N THR C 185 -6.08 -7.50 19.35
CA THR C 185 -6.48 -6.53 18.33
C THR C 185 -7.19 -7.29 17.23
N ILE C 186 -8.40 -6.85 16.89
CA ILE C 186 -9.26 -7.58 15.97
C ILE C 186 -9.70 -6.64 14.86
N ASP C 187 -9.47 -7.04 13.61
CA ASP C 187 -10.14 -6.43 12.46
C ASP C 187 -11.42 -7.23 12.24
N ALA C 188 -12.54 -6.64 12.64
CA ALA C 188 -13.83 -7.33 12.62
C ALA C 188 -14.64 -6.88 11.42
N GLU C 189 -15.27 -7.83 10.76
CA GLU C 189 -16.14 -7.51 9.63
C GLU C 189 -17.39 -6.76 10.10
N CYS C 190 -17.75 -5.73 9.35
CA CYS C 190 -18.96 -4.97 9.65
C CYS C 190 -19.56 -4.53 8.31
N GLN C 191 -20.63 -5.19 7.90
CA GLN C 191 -21.32 -4.81 6.67
C GLN C 191 -22.09 -3.52 6.91
N LEU C 192 -21.77 -2.50 6.13
CA LEU C 192 -22.36 -1.17 6.29
C LEU C 192 -23.35 -0.91 5.18
N GLN C 193 -24.54 -0.43 5.54
CA GLN C 193 -25.54 0.02 4.59
C GLN C 193 -25.36 1.53 4.45
N LEU C 194 -24.80 1.96 3.33
CA LEU C 194 -24.39 3.35 3.15
C LEU C 194 -25.43 4.18 2.40
N HIS C 195 -26.69 3.76 2.41
CA HIS C 195 -27.72 4.50 1.68
C HIS C 195 -27.87 5.92 2.20
N ASN C 196 -27.75 6.10 3.51
CA ASN C 196 -27.87 7.42 4.13
C ASN C 196 -26.55 8.14 4.27
N PHE C 197 -25.48 7.61 3.69
CA PHE C 197 -24.17 8.23 3.81
C PHE C 197 -24.21 9.64 3.24
N PRO C 198 -23.57 10.62 3.90
CA PRO C 198 -22.73 10.52 5.10
C PRO C 198 -23.49 10.75 6.40
N MET C 199 -24.80 10.60 6.40
CA MET C 199 -25.61 10.70 7.60
C MET C 199 -26.04 9.33 8.09
N ASP C 200 -25.13 8.35 7.99
CA ASP C 200 -25.44 6.95 8.24
C ASP C 200 -25.09 6.55 9.67
N GLU C 201 -25.78 5.54 10.14
CA GLU C 201 -25.60 4.95 11.46
C GLU C 201 -25.40 3.46 11.30
N HIS C 202 -24.54 2.89 12.14
CA HIS C 202 -24.22 1.47 12.05
C HIS C 202 -24.17 0.86 13.44
N SER C 203 -24.37 -0.45 13.50
CA SER C 203 -24.20 -1.23 14.72
C SER C 203 -23.26 -2.37 14.37
N CYS C 204 -21.96 -2.12 14.54
CA CYS C 204 -20.95 -3.08 14.12
C CYS C 204 -20.84 -4.20 15.14
N PRO C 205 -21.00 -5.45 14.74
CA PRO C 205 -20.97 -6.55 15.70
C PRO C 205 -19.55 -7.02 16.00
N LEU C 206 -19.46 -7.82 17.04
CA LEU C 206 -18.25 -8.57 17.35
C LEU C 206 -18.71 -9.89 17.98
N GLU C 207 -18.75 -10.94 17.17
CA GLU C 207 -19.25 -12.23 17.60
C GLU C 207 -18.10 -13.13 17.97
N PHE C 208 -18.26 -13.89 19.05
CA PHE C 208 -17.29 -14.92 19.39
C PHE C 208 -18.02 -16.14 19.93
N SER C 209 -17.40 -17.30 19.74
CA SER C 209 -17.95 -18.55 20.21
C SER C 209 -16.82 -19.55 20.38
N SER C 210 -17.16 -20.79 20.66
CA SER C 210 -16.19 -21.86 20.66
C SER C 210 -16.05 -22.41 19.26
N TYR C 211 -14.81 -22.72 18.86
CA TYR C 211 -14.63 -23.23 17.52
C TYR C 211 -15.08 -24.68 17.39
N GLY C 212 -14.80 -25.51 18.37
CA GLY C 212 -15.07 -26.92 18.24
C GLY C 212 -16.07 -27.50 19.21
N TYR C 213 -16.30 -26.84 20.33
CA TYR C 213 -17.15 -27.40 21.38
C TYR C 213 -18.57 -26.87 21.22
N PRO C 214 -19.56 -27.73 21.00
CA PRO C 214 -20.94 -27.25 20.82
C PRO C 214 -21.61 -26.85 22.12
N ARG C 215 -22.90 -26.50 22.04
CA ARG C 215 -23.62 -26.00 23.20
C ARG C 215 -23.75 -27.03 24.31
N GLU C 216 -23.57 -28.30 24.00
CA GLU C 216 -23.59 -29.33 25.03
C GLU C 216 -22.27 -29.47 25.75
N GLU C 217 -21.27 -28.70 25.35
CA GLU C 217 -19.94 -28.79 25.91
C GLU C 217 -19.40 -27.46 26.42
N ILE C 218 -19.66 -26.36 25.72
CA ILE C 218 -19.26 -25.04 26.18
C ILE C 218 -20.44 -24.11 26.08
N VAL C 219 -20.74 -23.40 27.17
CA VAL C 219 -21.74 -22.34 27.20
C VAL C 219 -21.06 -21.07 27.70
N TYR C 220 -21.23 -19.98 26.97
CA TYR C 220 -20.72 -18.69 27.40
C TYR C 220 -21.82 -17.88 28.05
N GLN C 221 -21.42 -16.93 28.87
CA GLN C 221 -22.38 -16.18 29.67
C GLN C 221 -21.78 -14.83 30.03
N TRP C 222 -22.50 -13.76 29.69
CA TRP C 222 -22.05 -12.42 30.05
C TRP C 222 -22.14 -12.21 31.55
N LYS C 223 -21.15 -11.54 32.09
CA LYS C 223 -21.13 -11.21 33.51
C LYS C 223 -21.95 -9.93 33.76
N ARG C 224 -21.85 -9.37 34.96
CA ARG C 224 -22.58 -8.15 35.26
C ARG C 224 -22.03 -6.96 34.49
N SER C 225 -20.71 -6.77 34.53
CA SER C 225 -20.06 -5.71 33.76
C SER C 225 -19.48 -6.35 32.51
N SER C 226 -20.37 -6.63 31.56
CA SER C 226 -20.00 -7.38 30.37
C SER C 226 -18.92 -6.66 29.58
N VAL C 227 -19.24 -5.50 29.03
CA VAL C 227 -18.33 -4.73 28.20
C VAL C 227 -18.09 -3.39 28.88
N GLU C 228 -16.83 -3.04 29.08
CA GLU C 228 -16.45 -1.76 29.63
C GLU C 228 -15.65 -0.98 28.61
N VAL C 229 -15.95 0.30 28.49
CA VAL C 229 -15.25 1.22 27.59
C VAL C 229 -14.60 2.30 28.44
N GLY C 230 -13.37 2.66 28.09
CA GLY C 230 -12.66 3.65 28.87
C GLY C 230 -12.91 5.08 28.43
N ASP C 231 -11.85 5.84 28.22
CA ASP C 231 -11.97 7.20 27.71
C ASP C 231 -12.17 7.11 26.20
N THR C 232 -13.43 7.25 25.77
CA THR C 232 -13.75 7.18 24.36
C THR C 232 -13.08 8.30 23.57
N ARG C 233 -12.69 9.39 24.23
CA ARG C 233 -12.07 10.51 23.52
C ARG C 233 -10.72 10.14 22.93
N SER C 234 -10.06 9.12 23.45
CA SER C 234 -8.77 8.67 22.93
C SER C 234 -8.91 7.67 21.80
N TRP C 235 -10.12 7.22 21.49
CA TRP C 235 -10.31 6.21 20.47
C TRP C 235 -10.01 6.79 19.09
N ARG C 236 -9.72 5.90 18.16
CA ARG C 236 -9.38 6.31 16.80
CA ARG C 236 -9.37 6.28 16.79
C ARG C 236 -10.60 6.22 15.88
N LEU C 237 -11.65 6.93 16.30
CA LEU C 237 -12.89 7.03 15.54
C LEU C 237 -12.94 8.44 14.97
N TYR C 238 -12.34 8.61 13.79
CA TYR C 238 -12.27 9.94 13.19
C TYR C 238 -13.63 10.41 12.69
N GLN C 239 -14.32 9.56 11.94
CA GLN C 239 -15.55 9.94 11.27
C GLN C 239 -16.80 9.47 12.00
N PHE C 240 -16.66 8.72 13.07
CA PHE C 240 -17.79 8.15 13.78
C PHE C 240 -17.75 8.55 15.23
N SER C 241 -18.91 8.60 15.85
CA SER C 241 -19.05 8.80 17.28
C SER C 241 -19.63 7.52 17.86
N PHE C 242 -19.05 7.05 18.96
CA PHE C 242 -19.58 5.88 19.63
C PHE C 242 -20.83 6.28 20.42
N VAL C 243 -21.94 5.59 20.15
CA VAL C 243 -23.22 5.92 20.74
C VAL C 243 -23.57 5.00 21.90
N GLY C 244 -23.35 3.71 21.73
CA GLY C 244 -23.65 2.76 22.80
C GLY C 244 -23.39 1.36 22.33
N LEU C 245 -23.51 0.42 23.26
CA LEU C 245 -23.27 -0.98 22.97
C LEU C 245 -24.35 -1.85 23.59
N ARG C 246 -24.56 -3.01 22.95
CA ARG C 246 -25.44 -4.06 23.45
C ARG C 246 -24.69 -5.38 23.38
N ASN C 247 -24.92 -6.25 24.35
CA ASN C 247 -24.38 -7.60 24.32
C ASN C 247 -25.50 -8.62 24.35
N THR C 248 -25.49 -9.54 23.40
CA THR C 248 -26.53 -10.53 23.23
C THR C 248 -25.95 -11.95 23.28
N THR C 249 -26.84 -12.91 23.39
CA THR C 249 -26.50 -14.32 23.37
C THR C 249 -27.47 -15.04 22.45
N GLU C 250 -26.96 -16.02 21.69
CA GLU C 250 -27.81 -16.79 20.80
C GLU C 250 -27.12 -18.11 20.50
N VAL C 251 -27.88 -19.03 19.94
CA VAL C 251 -27.37 -20.33 19.49
C VAL C 251 -27.42 -20.34 17.98
N VAL C 252 -26.27 -20.57 17.34
CA VAL C 252 -26.16 -20.64 15.90
C VAL C 252 -25.91 -22.08 15.50
N LYS C 253 -26.72 -22.57 14.57
CA LYS C 253 -26.63 -23.96 14.13
C LYS C 253 -25.74 -24.05 12.90
N THR C 254 -24.65 -24.77 13.02
CA THR C 254 -23.74 -25.03 11.93
C THR C 254 -23.80 -26.51 11.57
N THR C 255 -22.89 -26.94 10.69
CA THR C 255 -22.90 -28.33 10.28
C THR C 255 -22.25 -29.25 11.31
N SER C 256 -21.47 -28.71 12.24
CA SER C 256 -20.83 -29.51 13.28
C SER C 256 -21.57 -29.45 14.61
N GLY C 257 -22.69 -28.76 14.69
CA GLY C 257 -23.49 -28.74 15.89
C GLY C 257 -23.99 -27.34 16.18
N ASP C 258 -24.65 -27.20 17.33
CA ASP C 258 -25.20 -25.93 17.76
C ASP C 258 -24.22 -25.25 18.71
N TYR C 259 -23.92 -23.98 18.44
CA TYR C 259 -22.89 -23.26 19.15
C TYR C 259 -23.47 -22.01 19.80
N VAL C 260 -23.07 -21.76 21.05
CA VAL C 260 -23.45 -20.55 21.75
C VAL C 260 -22.58 -19.42 21.25
N VAL C 261 -23.20 -18.39 20.67
CA VAL C 261 -22.50 -17.27 20.06
C VAL C 261 -22.81 -16.02 20.87
N MET C 262 -21.75 -15.33 21.30
CA MET C 262 -21.89 -14.10 22.06
C MET C 262 -21.52 -12.93 21.17
N SER C 263 -22.33 -11.88 21.21
CA SER C 263 -22.15 -10.74 20.33
C SER C 263 -22.10 -9.45 21.14
N VAL C 264 -21.29 -8.51 20.69
CA VAL C 264 -21.32 -7.14 21.16
C VAL C 264 -21.58 -6.26 19.95
N TYR C 265 -22.57 -5.38 20.06
CA TYR C 265 -22.89 -4.44 18.98
C TYR C 265 -22.49 -3.05 19.42
N PHE C 266 -21.66 -2.40 18.62
CA PHE C 266 -21.22 -1.04 18.88
C PHE C 266 -21.95 -0.11 17.93
N ASP C 267 -22.84 0.70 18.48
CA ASP C 267 -23.57 1.68 17.68
C ASP C 267 -22.67 2.85 17.34
N LEU C 268 -22.62 3.20 16.06
CA LEU C 268 -21.77 4.28 15.58
C LEU C 268 -22.56 5.22 14.69
N SER C 269 -22.45 6.51 14.93
CA SER C 269 -23.03 7.53 14.08
C SER C 269 -21.90 8.27 13.37
N ARG C 270 -22.05 8.48 12.07
CA ARG C 270 -21.02 9.19 11.34
C ARG C 270 -21.04 10.67 11.68
N ARG C 271 -19.87 11.23 11.97
CA ARG C 271 -19.73 12.66 12.12
C ARG C 271 -19.72 13.32 10.75
N MET C 272 -20.47 14.40 10.62
CA MET C 272 -20.74 15.03 9.33
C MET C 272 -19.66 16.00 8.88
N GLY C 273 -18.79 16.47 9.78
CA GLY C 273 -17.98 17.63 9.50
C GLY C 273 -17.04 17.47 8.32
N TYR C 274 -16.41 16.30 8.19
CA TYR C 274 -15.42 16.11 7.15
C TYR C 274 -16.04 16.26 5.76
N PHE C 275 -17.17 15.61 5.53
CA PHE C 275 -17.77 15.62 4.20
C PHE C 275 -18.45 16.94 3.89
N THR C 276 -18.86 17.69 4.91
CA THR C 276 -19.27 19.07 4.68
C THR C 276 -18.13 19.90 4.15
N ILE C 277 -16.94 19.75 4.75
CA ILE C 277 -15.76 20.47 4.28
C ILE C 277 -15.29 19.90 2.95
N GLN C 278 -15.27 18.57 2.84
CA GLN C 278 -14.68 17.94 1.67
C GLN C 278 -15.58 18.05 0.44
N THR C 279 -16.89 17.85 0.62
CA THR C 279 -17.77 17.72 -0.53
C THR C 279 -18.89 18.74 -0.57
N TYR C 280 -19.64 18.91 0.52
CA TYR C 280 -20.86 19.72 0.43
C TYR C 280 -20.53 21.18 0.16
N ILE C 281 -19.57 21.75 0.88
CA ILE C 281 -19.20 23.14 0.65
C ILE C 281 -18.58 23.34 -0.73
N PRO C 282 -17.60 22.54 -1.18
CA PRO C 282 -17.11 22.72 -2.55
C PRO C 282 -18.19 22.58 -3.62
N CYS C 283 -19.08 21.59 -3.49
CA CYS C 283 -20.12 21.42 -4.50
C CYS C 283 -21.12 22.55 -4.46
N THR C 284 -21.44 23.06 -3.26
CA THR C 284 -22.34 24.19 -3.15
C THR C 284 -21.74 25.44 -3.78
N LEU C 285 -20.44 25.66 -3.58
CA LEU C 285 -19.80 26.88 -4.08
C LEU C 285 -19.71 26.86 -5.61
N ILE C 286 -19.48 25.69 -6.20
CA ILE C 286 -19.47 25.59 -7.65
C ILE C 286 -20.86 25.85 -8.21
N VAL C 287 -21.91 25.44 -7.47
CA VAL C 287 -23.27 25.74 -7.88
C VAL C 287 -23.53 27.24 -7.83
N VAL C 288 -23.11 27.89 -6.74
CA VAL C 288 -23.25 29.34 -6.64
C VAL C 288 -22.40 30.02 -7.69
N LEU C 289 -21.23 29.46 -8.00
CA LEU C 289 -20.37 30.02 -9.04
C LEU C 289 -21.10 30.07 -10.38
N SER C 290 -21.85 29.03 -10.72
CA SER C 290 -22.57 29.03 -11.99
C SER C 290 -23.63 30.13 -12.06
N TRP C 291 -24.10 30.62 -10.92
CA TRP C 291 -25.10 31.68 -10.92
C TRP C 291 -24.49 33.04 -11.21
N VAL C 292 -23.17 33.19 -11.07
CA VAL C 292 -22.52 34.45 -11.42
C VAL C 292 -22.77 34.75 -12.90
N SER C 293 -22.91 33.71 -13.71
CA SER C 293 -23.17 33.90 -15.14
C SER C 293 -24.44 34.70 -15.38
N PHE C 294 -25.45 34.54 -14.53
CA PHE C 294 -26.73 35.20 -14.77
C PHE C 294 -26.61 36.72 -14.68
N TRP C 295 -25.62 37.23 -13.96
CA TRP C 295 -25.41 38.66 -13.85
C TRP C 295 -24.38 39.20 -14.84
N ILE C 296 -23.74 38.34 -15.60
CA ILE C 296 -22.82 38.75 -16.64
C ILE C 296 -23.61 39.04 -17.90
N ASN C 297 -23.20 40.06 -18.64
CA ASN C 297 -23.94 40.49 -19.82
C ASN C 297 -24.09 39.35 -20.82
N LYS C 298 -25.30 39.21 -21.36
CA LYS C 298 -25.56 38.13 -22.30
C LYS C 298 -24.77 38.25 -23.59
N ASP C 299 -24.25 39.44 -23.89
CA ASP C 299 -23.40 39.59 -25.08
C ASP C 299 -22.03 38.98 -24.89
N ALA C 300 -21.61 38.74 -23.65
CA ALA C 300 -20.32 38.13 -23.37
C ALA C 300 -20.43 36.61 -23.56
N VAL C 301 -20.46 36.21 -24.83
CA VAL C 301 -20.62 34.80 -25.15
C VAL C 301 -19.45 33.96 -24.65
N PRO C 302 -18.18 34.32 -24.89
CA PRO C 302 -17.09 33.50 -24.36
C PRO C 302 -17.04 33.48 -22.85
N ALA C 303 -17.47 34.56 -22.19
CA ALA C 303 -17.39 34.63 -20.74
C ALA C 303 -18.39 33.69 -20.09
N ARG C 304 -19.63 33.68 -20.56
CA ARG C 304 -20.64 32.84 -19.95
C ARG C 304 -20.56 31.39 -20.42
N THR C 305 -20.08 31.15 -21.63
CA THR C 305 -19.90 29.77 -22.08
C THR C 305 -18.75 29.11 -21.34
N SER C 306 -17.63 29.82 -21.18
CA SER C 306 -16.51 29.28 -20.41
C SER C 306 -16.89 29.11 -18.95
N LEU C 307 -17.61 30.08 -18.38
CA LEU C 307 -18.05 29.95 -17.00
C LEU C 307 -19.00 28.76 -16.84
N GLY C 308 -19.94 28.59 -17.77
CA GLY C 308 -20.88 27.50 -17.67
C GLY C 308 -20.25 26.14 -17.83
N ILE C 309 -19.29 26.02 -18.76
CA ILE C 309 -18.74 24.70 -19.05
C ILE C 309 -17.64 24.30 -18.06
N THR C 310 -16.95 25.26 -17.44
CA THR C 310 -15.91 24.88 -16.49
C THR C 310 -16.52 24.43 -15.16
N THR C 311 -17.68 24.96 -14.79
CA THR C 311 -18.35 24.47 -13.60
C THR C 311 -18.76 23.02 -13.76
N VAL C 312 -19.26 22.65 -14.95
CA VAL C 312 -19.62 21.27 -15.21
C VAL C 312 -18.39 20.38 -15.15
N LEU C 313 -17.28 20.83 -15.73
CA LEU C 313 -16.04 20.07 -15.64
C LEU C 313 -15.60 19.90 -14.19
N THR C 314 -15.71 20.98 -13.40
CA THR C 314 -15.33 20.90 -11.99
C THR C 314 -16.28 20.00 -11.22
N MET C 315 -17.58 20.08 -11.50
CA MET C 315 -18.54 19.24 -10.81
C MET C 315 -18.30 17.77 -11.12
N THR C 316 -17.76 17.46 -12.30
CA THR C 316 -17.35 16.10 -12.61
C THR C 316 -16.19 15.65 -11.73
N THR C 317 -15.23 16.55 -11.51
CA THR C 317 -14.08 16.20 -10.67
C THR C 317 -14.49 16.01 -9.22
N LEU C 318 -15.43 16.83 -8.74
CA LEU C 318 -15.90 16.69 -7.36
C LEU C 318 -16.68 15.40 -7.17
N SER C 319 -17.38 14.94 -8.20
CA SER C 319 -18.18 13.72 -8.08
C SER C 319 -17.29 12.51 -7.81
N THR C 320 -16.15 12.42 -8.49
CA THR C 320 -15.29 11.26 -8.31
C THR C 320 -14.60 11.30 -6.95
N ILE C 321 -14.29 12.49 -6.45
CA ILE C 321 -13.65 12.62 -5.15
C ILE C 321 -14.59 12.19 -4.03
N ALA C 322 -15.87 12.51 -4.17
CA ALA C 322 -16.83 12.24 -3.09
C ALA C 322 -16.96 10.75 -2.81
N ARG C 323 -16.96 9.93 -3.87
CA ARG C 323 -17.10 8.49 -3.70
C ARG C 323 -15.78 7.76 -3.56
N LYS C 324 -14.65 8.48 -3.52
CA LYS C 324 -13.35 7.83 -3.48
C LYS C 324 -13.10 7.12 -2.16
N SER C 325 -13.80 7.51 -1.10
CA SER C 325 -13.62 6.92 0.22
C SER C 325 -14.60 5.80 0.51
N LEU C 326 -15.46 5.46 -0.44
CA LEU C 326 -16.50 4.47 -0.25
C LEU C 326 -16.20 3.20 -1.03
N PRO C 327 -16.74 2.06 -0.60
CA PRO C 327 -16.77 0.90 -1.46
C PRO C 327 -17.63 1.18 -2.68
N LYS C 328 -17.33 0.49 -3.78
CA LYS C 328 -18.03 0.74 -5.03
C LYS C 328 -19.42 0.11 -5.00
N VAL C 329 -20.21 0.54 -4.02
CA VAL C 329 -21.59 0.12 -3.92
C VAL C 329 -22.38 0.70 -5.09
N SER C 330 -23.41 -0.03 -5.51
CA SER C 330 -24.13 0.32 -6.72
C SER C 330 -25.49 0.98 -6.45
N TYR C 331 -25.75 1.38 -5.21
CA TYR C 331 -26.95 2.14 -4.91
C TYR C 331 -26.58 3.60 -4.71
N VAL C 332 -27.62 4.43 -4.59
CA VAL C 332 -27.45 5.88 -4.53
C VAL C 332 -27.48 6.31 -3.06
N THR C 333 -26.36 6.82 -2.58
CA THR C 333 -26.28 7.35 -1.23
C THR C 333 -26.82 8.78 -1.20
N ALA C 334 -26.96 9.32 0.01
CA ALA C 334 -27.36 10.71 0.12
C ALA C 334 -26.32 11.65 -0.47
N MET C 335 -25.05 11.27 -0.40
CA MET C 335 -24.00 12.06 -1.03
C MET C 335 -24.16 12.06 -2.54
N ASP C 336 -24.46 10.91 -3.13
CA ASP C 336 -24.66 10.83 -4.58
C ASP C 336 -25.82 11.69 -5.02
N LEU C 337 -26.90 11.71 -4.24
CA LEU C 337 -28.04 12.53 -4.61
C LEU C 337 -27.69 14.01 -4.61
N PHE C 338 -26.97 14.47 -3.59
CA PHE C 338 -26.59 15.88 -3.54
C PHE C 338 -25.68 16.25 -4.70
N VAL C 339 -24.68 15.43 -4.97
CA VAL C 339 -23.74 15.71 -6.05
C VAL C 339 -24.44 15.70 -7.39
N SER C 340 -25.33 14.74 -7.61
CA SER C 340 -26.04 14.65 -8.88
C SER C 340 -26.96 15.84 -9.09
N VAL C 341 -27.65 16.29 -8.05
CA VAL C 341 -28.52 17.45 -8.20
C VAL C 341 -27.71 18.70 -8.46
N CYS C 342 -26.60 18.88 -7.74
CA CYS C 342 -25.68 19.97 -8.04
C CYS C 342 -25.18 19.88 -9.47
N PHE C 343 -25.03 18.66 -10.00
CA PHE C 343 -24.70 18.49 -11.40
C PHE C 343 -25.82 18.99 -12.29
N ILE C 344 -27.07 18.76 -11.90
CA ILE C 344 -28.20 19.23 -12.69
C ILE C 344 -28.27 20.75 -12.70
N PHE C 345 -27.89 21.38 -11.58
CA PHE C 345 -27.94 22.83 -11.50
C PHE C 345 -26.88 23.49 -12.38
N VAL C 346 -25.64 22.99 -12.34
CA VAL C 346 -24.61 23.57 -13.19
C VAL C 346 -24.89 23.24 -14.65
N PHE C 347 -25.43 22.06 -14.94
CA PHE C 347 -25.79 21.69 -16.29
C PHE C 347 -26.89 22.60 -16.83
N SER C 348 -27.90 22.90 -16.01
CA SER C 348 -29.02 23.71 -16.47
C SER C 348 -28.63 25.16 -16.68
N ALA C 349 -27.68 25.67 -15.89
CA ALA C 349 -27.24 27.04 -16.07
C ALA C 349 -26.60 27.25 -17.44
N LEU C 350 -25.78 26.30 -17.87
CA LEU C 350 -25.20 26.39 -19.21
C LEU C 350 -26.26 26.28 -20.29
N VAL C 351 -27.23 25.38 -20.10
CA VAL C 351 -28.34 25.25 -21.03
C VAL C 351 -29.21 26.50 -20.99
N GLU C 352 -29.33 27.14 -19.83
CA GLU C 352 -30.09 28.38 -19.74
C GLU C 352 -29.49 29.47 -20.62
N TYR C 353 -28.16 29.59 -20.61
CA TYR C 353 -27.55 30.63 -21.44
C TYR C 353 -27.56 30.25 -22.91
N GLY C 354 -27.35 28.96 -23.21
CA GLY C 354 -27.46 28.52 -24.59
C GLY C 354 -28.83 28.79 -25.18
N THR C 355 -29.87 28.56 -24.38
CA THR C 355 -31.22 28.92 -24.82
C THR C 355 -31.38 30.42 -24.98
N LEU C 356 -30.85 31.20 -24.02
CA LEU C 356 -30.95 32.65 -24.10
C LEU C 356 -30.15 33.19 -25.27
N HIS C 357 -28.96 32.65 -25.51
CA HIS C 357 -28.15 33.11 -26.63
C HIS C 357 -28.81 32.79 -27.96
N TYR C 358 -29.38 31.60 -28.08
CA TYR C 358 -29.97 31.19 -29.36
C TYR C 358 -31.21 32.00 -29.68
N PHE C 359 -31.99 32.37 -28.69
CA PHE C 359 -33.27 33.04 -28.94
C PHE C 359 -33.13 34.55 -29.07
N VAL C 360 -31.96 35.11 -28.79
CA VAL C 360 -31.74 36.54 -28.87
C VAL C 360 -30.78 36.89 -30.00
N SER C 361 -29.68 36.14 -30.12
CA SER C 361 -28.68 36.38 -31.13
C SER C 361 -28.82 35.45 -32.33
N ASN C 362 -28.69 34.15 -32.12
CA ASN C 362 -28.76 33.19 -33.21
C ASN C 362 -30.18 32.98 -33.72
N ARG C 363 -31.09 33.91 -33.42
CA ARG C 363 -32.45 33.86 -33.93
C ARG C 363 -32.47 33.91 -35.45
N ARG C 445 -41.25 36.28 -20.53
CA ARG C 445 -40.71 36.26 -21.88
C ARG C 445 -39.37 35.55 -21.92
N ILE C 446 -39.03 35.01 -23.10
CA ILE C 446 -37.79 34.29 -23.26
C ILE C 446 -36.60 35.23 -23.16
N ALA C 447 -36.75 36.47 -23.62
CA ALA C 447 -35.65 37.43 -23.58
C ALA C 447 -35.28 37.79 -22.15
N LYS C 448 -36.23 37.73 -21.22
CA LYS C 448 -35.99 38.04 -19.81
C LYS C 448 -35.55 36.82 -19.01
N MET C 449 -34.97 35.82 -19.66
CA MET C 449 -34.66 34.58 -18.96
C MET C 449 -33.60 34.78 -17.89
N ASP C 450 -32.73 35.78 -18.05
CA ASP C 450 -31.72 36.04 -17.02
C ASP C 450 -32.35 36.50 -15.72
N SER C 451 -33.37 37.36 -15.80
CA SER C 451 -34.04 37.82 -14.59
C SER C 451 -34.72 36.68 -13.86
N TYR C 452 -35.37 35.78 -14.60
CA TYR C 452 -36.00 34.62 -13.98
C TYR C 452 -34.95 33.71 -13.35
N ALA C 453 -33.85 33.47 -14.06
CA ALA C 453 -32.83 32.57 -13.56
C ALA C 453 -32.13 33.13 -12.34
N ARG C 454 -32.10 34.45 -12.19
CA ARG C 454 -31.50 35.06 -11.01
C ARG C 454 -32.25 34.72 -9.74
N ILE C 455 -33.54 34.43 -9.84
CA ILE C 455 -34.35 34.08 -8.69
C ILE C 455 -34.63 32.59 -8.62
N PHE C 456 -35.04 31.99 -9.74
CA PHE C 456 -35.48 30.60 -9.75
C PHE C 456 -34.33 29.67 -9.33
N PHE C 457 -33.13 29.89 -9.86
CA PHE C 457 -32.01 29.03 -9.52
C PHE C 457 -31.60 29.09 -8.06
N PRO C 458 -31.40 30.27 -7.44
CA PRO C 458 -31.13 30.28 -6.00
C PRO C 458 -32.28 29.72 -5.18
N THR C 459 -33.51 29.93 -5.60
CA THR C 459 -34.66 29.44 -4.84
C THR C 459 -34.80 27.93 -4.97
N ALA C 460 -34.54 27.39 -6.15
CA ALA C 460 -34.65 25.93 -6.32
C ALA C 460 -33.54 25.20 -5.58
N PHE C 461 -32.35 25.80 -5.48
CA PHE C 461 -31.28 25.17 -4.72
C PHE C 461 -31.52 25.28 -3.22
N CYS C 462 -32.10 26.39 -2.77
CA CYS C 462 -32.52 26.49 -1.38
C CYS C 462 -33.64 25.50 -1.08
N LEU C 463 -34.61 25.38 -1.99
CA LEU C 463 -35.71 24.44 -1.79
C LEU C 463 -35.21 23.00 -1.78
N PHE C 464 -34.31 22.66 -2.69
CA PHE C 464 -33.76 21.31 -2.70
C PHE C 464 -32.99 21.03 -1.42
N ASN C 465 -32.22 22.02 -0.95
CA ASN C 465 -31.48 21.84 0.29
C ASN C 465 -32.44 21.65 1.46
N LEU C 466 -33.53 22.41 1.49
CA LEU C 466 -34.49 22.25 2.57
C LEU C 466 -35.08 20.85 2.59
N VAL C 467 -35.44 20.32 1.43
CA VAL C 467 -35.97 18.96 1.37
C VAL C 467 -34.89 17.94 1.66
N TYR C 468 -33.69 18.14 1.09
CA TYR C 468 -32.62 17.16 1.26
C TYR C 468 -32.20 17.03 2.71
N TRP C 469 -31.99 18.16 3.39
CA TRP C 469 -31.46 18.10 4.75
C TRP C 469 -32.53 17.65 5.73
N VAL C 470 -33.77 18.08 5.53
CA VAL C 470 -34.84 17.66 6.43
C VAL C 470 -35.06 16.16 6.32
N SER C 471 -35.07 15.62 5.10
CA SER C 471 -35.37 14.20 4.94
C SER C 471 -34.28 13.32 5.53
N TYR C 472 -33.02 13.71 5.40
CA TYR C 472 -31.92 12.88 5.84
C TYR C 472 -31.49 13.18 7.28
N LEU C 473 -32.02 14.22 7.91
CA LEU C 473 -31.67 14.51 9.29
C LEU C 473 -32.78 14.22 10.28
N TYR C 474 -34.03 14.16 9.84
CA TYR C 474 -35.13 13.95 10.75
C TYR C 474 -36.10 12.88 10.23
N LEU C 475 -36.15 12.71 8.93
CA LEU C 475 -37.01 11.71 8.31
C LEU C 475 -36.22 10.44 8.02
N GLY C 476 -36.79 9.56 7.21
CA GLY C 476 -36.14 8.32 6.85
C GLY C 476 -35.47 8.36 5.49
N THR D 47 36.34 -24.58 31.15
CA THR D 47 35.09 -24.30 30.44
C THR D 47 33.88 -24.85 31.18
N THR D 48 33.96 -26.12 31.60
CA THR D 48 32.84 -26.74 32.30
C THR D 48 32.56 -26.10 33.65
N VAL D 49 33.48 -25.29 34.17
CA VAL D 49 33.25 -24.62 35.44
C VAL D 49 32.00 -23.76 35.37
N PHE D 50 31.84 -23.01 34.27
CA PHE D 50 30.69 -22.14 34.12
C PHE D 50 29.44 -22.90 33.74
N THR D 51 29.58 -24.06 33.07
CA THR D 51 28.41 -24.88 32.79
C THR D 51 27.79 -25.41 34.07
N ARG D 52 28.62 -25.80 35.03
CA ARG D 52 28.10 -26.30 36.30
C ARG D 52 27.42 -25.19 37.10
N ILE D 53 27.90 -23.96 36.99
CA ILE D 53 27.24 -22.84 37.65
C ILE D 53 25.85 -22.64 37.06
N LEU D 54 25.77 -22.58 35.73
CA LEU D 54 24.48 -22.40 35.07
C LEU D 54 23.55 -23.58 35.33
N ASP D 55 24.10 -24.80 35.32
CA ASP D 55 23.29 -25.97 35.63
C ASP D 55 22.75 -25.91 37.06
N ARG D 56 23.59 -25.48 38.00
CA ARG D 56 23.14 -25.35 39.39
C ARG D 56 22.08 -24.26 39.54
N LEU D 57 22.24 -23.14 38.83
CA LEU D 57 21.28 -22.05 38.95
C LEU D 57 19.89 -22.48 38.53
N LEU D 58 19.77 -23.20 37.42
CA LEU D 58 18.47 -23.61 36.92
C LEU D 58 17.94 -24.89 37.56
N ASP D 59 18.76 -25.61 38.32
CA ASP D 59 18.33 -26.87 38.92
C ASP D 59 17.36 -26.57 40.06
N GLY D 60 16.10 -26.93 39.87
CA GLY D 60 15.06 -26.59 40.81
C GLY D 60 14.48 -25.20 40.65
N TYR D 61 14.90 -24.46 39.63
CA TYR D 61 14.38 -23.12 39.41
C TYR D 61 13.01 -23.18 38.75
N ASP D 62 12.10 -22.32 39.20
CA ASP D 62 10.73 -22.29 38.72
C ASP D 62 10.47 -20.93 38.09
N ASN D 63 10.54 -20.86 36.76
CA ASN D 63 10.31 -19.59 36.09
C ASN D 63 8.84 -19.21 36.00
N ARG D 64 7.96 -20.02 36.57
CA ARG D 64 6.56 -19.65 36.70
C ARG D 64 6.31 -18.71 37.87
N LEU D 65 7.29 -18.54 38.75
CA LEU D 65 7.14 -17.77 39.97
C LEU D 65 8.06 -16.57 39.95
N ARG D 66 7.53 -15.40 40.28
CA ARG D 66 8.33 -14.20 40.35
C ARG D 66 9.29 -14.27 41.53
N PRO D 67 10.41 -13.55 41.48
CA PRO D 67 11.32 -13.52 42.64
C PRO D 67 10.65 -12.88 43.84
N GLY D 68 10.95 -13.43 45.02
CA GLY D 68 10.38 -12.89 46.23
C GLY D 68 8.90 -13.10 46.38
N LEU D 69 8.32 -14.05 45.67
CA LEU D 69 6.90 -14.32 45.77
C LEU D 69 6.55 -14.77 47.19
N GLY D 70 5.49 -14.20 47.75
CA GLY D 70 5.08 -14.49 49.10
C GLY D 70 5.96 -13.92 50.18
N GLU D 71 6.96 -13.14 49.81
CA GLU D 71 7.93 -12.59 50.73
C GLU D 71 8.10 -11.09 50.58
N ARG D 72 8.03 -10.56 49.35
CA ARG D 72 8.21 -9.15 49.12
CA ARG D 72 8.23 -9.14 49.11
C ARG D 72 7.63 -8.80 47.76
N VAL D 73 7.68 -7.52 47.42
CA VAL D 73 7.26 -7.01 46.12
C VAL D 73 8.48 -7.00 45.21
N THR D 74 8.34 -7.58 44.03
CA THR D 74 9.41 -7.52 43.04
C THR D 74 9.54 -6.10 42.52
N GLU D 75 10.76 -5.56 42.58
CA GLU D 75 11.04 -4.21 42.12
CA GLU D 75 11.04 -4.21 42.13
C GLU D 75 11.86 -4.29 40.84
N VAL D 76 11.35 -3.69 39.78
CA VAL D 76 11.99 -3.71 38.47
C VAL D 76 12.47 -2.30 38.15
N LYS D 77 13.78 -2.13 38.02
CA LYS D 77 14.34 -0.87 37.56
C LYS D 77 14.29 -0.83 36.03
N THR D 78 13.97 0.32 35.48
CA THR D 78 13.75 0.44 34.05
C THR D 78 14.37 1.73 33.52
N ASP D 79 14.98 1.63 32.34
CA ASP D 79 15.34 2.81 31.58
C ASP D 79 15.18 2.50 30.10
N ILE D 80 15.01 3.54 29.31
CA ILE D 80 14.84 3.43 27.87
C ILE D 80 15.94 4.24 27.21
N PHE D 81 16.64 3.63 26.27
CA PHE D 81 17.53 4.35 25.36
C PHE D 81 16.87 4.37 24.00
N VAL D 82 16.47 5.56 23.55
CA VAL D 82 15.81 5.73 22.26
C VAL D 82 16.91 5.89 21.22
N THR D 83 17.15 4.83 20.44
CA THR D 83 18.18 4.91 19.40
C THR D 83 17.70 5.70 18.20
N SER D 84 16.40 5.73 17.96
CA SER D 84 15.82 6.59 16.93
C SER D 84 14.37 6.89 17.30
N PHE D 85 13.95 8.10 17.04
CA PHE D 85 12.56 8.51 17.22
C PHE D 85 11.93 8.56 15.84
N GLY D 86 11.20 7.50 15.49
CA GLY D 86 10.79 7.28 14.14
C GLY D 86 9.72 8.26 13.72
N PRO D 87 9.20 8.07 12.51
CA PRO D 87 8.22 9.00 11.97
C PRO D 87 6.94 8.98 12.78
N VAL D 88 6.27 10.12 12.81
CA VAL D 88 4.96 10.23 13.42
C VAL D 88 3.93 10.15 12.30
N SER D 89 2.98 9.24 12.44
CA SER D 89 1.93 9.03 11.45
C SER D 89 0.67 9.77 11.89
N ASP D 90 0.36 10.87 11.20
CA ASP D 90 -0.88 11.58 11.48
C ASP D 90 -2.10 10.72 11.16
N HIS D 91 -2.06 10.01 10.04
CA HIS D 91 -3.21 9.22 9.62
C HIS D 91 -3.59 8.17 10.64
N ASP D 92 -2.60 7.46 11.17
CA ASP D 92 -2.85 6.44 12.17
C ASP D 92 -2.84 6.99 13.58
N MET D 93 -2.51 8.27 13.76
CA MET D 93 -2.35 8.87 15.07
C MET D 93 -1.45 8.00 15.95
N GLU D 94 -0.27 7.69 15.41
CA GLU D 94 0.69 6.84 16.11
C GLU D 94 2.08 7.24 15.67
N TYR D 95 3.07 6.80 16.44
CA TYR D 95 4.47 7.10 16.17
C TYR D 95 5.30 5.85 16.38
N THR D 96 6.46 5.82 15.76
CA THR D 96 7.40 4.72 15.88
C THR D 96 8.59 5.16 16.71
N ILE D 97 9.14 4.25 17.48
CA ILE D 97 10.29 4.56 18.32
C ILE D 97 11.10 3.29 18.54
N ASP D 98 12.39 3.35 18.22
CA ASP D 98 13.29 2.22 18.39
C ASP D 98 14.11 2.41 19.65
N VAL D 99 14.08 1.41 20.54
CA VAL D 99 14.59 1.58 21.89
C VAL D 99 15.46 0.40 22.28
N PHE D 100 16.31 0.65 23.27
CA PHE D 100 16.89 -0.39 24.11
C PHE D 100 16.10 -0.35 25.41
N PHE D 101 15.19 -1.30 25.59
CA PHE D 101 14.34 -1.34 26.76
C PHE D 101 15.04 -2.15 27.84
N ARG D 102 15.63 -1.45 28.81
CA ARG D 102 16.44 -2.06 29.85
C ARG D 102 15.61 -2.30 31.09
N GLN D 103 15.67 -3.50 31.63
CA GLN D 103 15.01 -3.83 32.88
C GLN D 103 16.00 -4.52 33.79
N SER D 104 15.83 -4.30 35.08
CA SER D 104 16.72 -4.87 36.07
C SER D 104 15.95 -5.18 37.34
N TRP D 105 16.23 -6.33 37.93
CA TRP D 105 15.57 -6.74 39.15
C TRP D 105 16.47 -7.73 39.88
N LYS D 106 16.13 -8.00 41.13
CA LYS D 106 16.87 -8.92 41.97
C LYS D 106 16.15 -10.26 42.02
N ASP D 107 16.92 -11.34 41.92
CA ASP D 107 16.38 -12.70 42.06
C ASP D 107 17.41 -13.50 42.85
N GLU D 108 17.11 -13.75 44.13
CA GLU D 108 18.05 -14.45 45.00
C GLU D 108 18.32 -15.88 44.56
N ARG D 109 17.42 -16.46 43.77
CA ARG D 109 17.64 -17.82 43.30
C ARG D 109 18.80 -17.92 42.33
N LEU D 110 19.31 -16.79 41.82
CA LEU D 110 20.34 -16.78 40.80
C LEU D 110 21.68 -16.26 41.32
N LYS D 111 21.86 -16.20 42.64
CA LYS D 111 23.17 -15.91 43.18
C LYS D 111 24.15 -17.03 42.83
N PHE D 112 25.41 -16.66 42.60
CA PHE D 112 26.42 -17.66 42.31
C PHE D 112 27.77 -17.18 42.82
N LYS D 113 28.70 -18.12 42.94
CA LYS D 113 30.09 -17.82 43.29
C LYS D 113 30.98 -18.47 42.24
N GLY D 114 31.79 -17.66 41.57
CA GLY D 114 32.65 -18.16 40.53
C GLY D 114 33.78 -17.22 40.19
N PRO D 115 34.61 -17.61 39.23
CA PRO D 115 35.73 -16.75 38.81
C PRO D 115 35.31 -15.47 38.12
N MET D 116 34.02 -15.24 37.93
CA MET D 116 33.52 -13.99 37.38
C MET D 116 32.46 -13.42 38.31
N THR D 117 32.32 -12.09 38.29
CA THR D 117 31.26 -11.45 39.06
C THR D 117 30.01 -11.21 38.24
N VAL D 118 30.11 -11.13 36.92
CA VAL D 118 28.96 -10.97 36.05
C VAL D 118 29.00 -12.05 34.98
N LEU D 119 27.89 -12.74 34.79
CA LEU D 119 27.72 -13.71 33.71
C LEU D 119 27.00 -13.01 32.58
N ARG D 120 27.71 -12.74 31.49
CA ARG D 120 27.14 -12.10 30.32
C ARG D 120 26.69 -13.20 29.36
N LEU D 121 25.42 -13.56 29.46
CA LEU D 121 24.92 -14.81 28.92
C LEU D 121 24.13 -14.59 27.62
N ASN D 122 23.98 -15.68 26.88
CA ASN D 122 23.17 -15.68 25.69
C ASN D 122 21.70 -15.41 26.04
N ASN D 123 21.02 -14.69 25.17
CA ASN D 123 19.60 -14.38 25.41
C ASN D 123 18.73 -15.63 25.42
N LEU D 124 19.27 -16.78 25.02
CA LEU D 124 18.58 -18.05 25.24
C LEU D 124 18.33 -18.30 26.72
N MET D 125 19.24 -17.83 27.57
CA MET D 125 19.11 -18.06 29.00
C MET D 125 17.91 -17.33 29.60
N ALA D 126 17.53 -16.20 29.01
CA ALA D 126 16.44 -15.40 29.57
C ALA D 126 15.10 -16.13 29.50
N SER D 127 14.95 -17.04 28.55
CA SER D 127 13.70 -17.81 28.47
C SER D 127 13.61 -18.87 29.55
N LYS D 128 14.70 -19.19 30.21
CA LYS D 128 14.68 -20.19 31.27
C LYS D 128 14.38 -19.60 32.64
N ILE D 129 14.33 -18.28 32.77
CA ILE D 129 14.15 -17.63 34.07
C ILE D 129 12.94 -16.71 33.99
N TRP D 130 12.47 -16.30 35.17
CA TRP D 130 11.39 -15.33 35.23
C TRP D 130 11.89 -13.97 34.79
N THR D 131 11.14 -13.34 33.89
CA THR D 131 11.38 -11.96 33.50
C THR D 131 10.08 -11.19 33.65
N PRO D 132 10.15 -9.88 33.83
CA PRO D 132 8.92 -9.09 33.90
C PRO D 132 8.12 -9.23 32.61
N ASP D 133 6.80 -9.27 32.76
CA ASP D 133 5.92 -9.33 31.59
C ASP D 133 5.46 -7.94 31.17
N THR D 134 6.42 -7.06 30.94
CA THR D 134 6.10 -5.69 30.62
C THR D 134 5.45 -5.59 29.24
N PHE D 135 4.37 -4.84 29.17
CA PHE D 135 3.71 -4.54 27.91
C PHE D 135 3.41 -3.06 27.86
N PHE D 136 3.27 -2.54 26.65
CA PHE D 136 2.99 -1.12 26.46
C PHE D 136 1.49 -0.93 26.38
N HIS D 137 0.94 -0.12 27.29
CA HIS D 137 -0.51 0.05 27.39
C HIS D 137 -1.07 0.66 26.12
N ASN D 138 -0.42 1.69 25.59
CA ASN D 138 -0.82 2.30 24.34
C ASN D 138 -0.05 1.76 23.16
N GLY D 139 0.57 0.59 23.31
CA GLY D 139 1.33 0.01 22.24
C GLY D 139 0.43 -0.62 21.19
N LYS D 140 0.70 -0.28 19.94
CA LYS D 140 0.11 -0.95 18.78
C LYS D 140 1.07 -2.07 18.35
N LYS D 141 0.97 -2.55 17.13
CA LYS D 141 1.85 -3.62 16.67
C LYS D 141 3.32 -3.23 16.83
N SER D 142 3.99 -3.85 17.79
CA SER D 142 5.40 -3.60 18.04
C SER D 142 6.23 -4.81 17.60
N VAL D 143 7.51 -4.56 17.37
CA VAL D 143 8.41 -5.56 16.82
C VAL D 143 9.51 -5.84 17.82
N ALA D 144 9.73 -7.11 18.11
CA ALA D 144 10.94 -7.56 18.78
C ALA D 144 11.92 -8.01 17.70
N HIS D 145 13.08 -7.39 17.67
CA HIS D 145 14.02 -7.66 16.59
C HIS D 145 14.71 -9.00 16.80
N ASN D 146 14.80 -9.78 15.72
CA ASN D 146 15.31 -11.14 15.81
C ASN D 146 16.45 -11.40 14.84
N MET D 147 16.99 -10.37 14.21
CA MET D 147 18.06 -10.51 13.23
C MET D 147 19.36 -9.96 13.83
N THR D 148 20.43 -10.76 13.77
CA THR D 148 20.43 -12.10 13.19
C THR D 148 20.03 -13.13 14.24
N MET D 149 20.01 -12.70 15.49
CA MET D 149 19.61 -13.48 16.64
C MET D 149 18.70 -12.59 17.48
N PRO D 150 17.97 -13.16 18.44
CA PRO D 150 17.16 -12.31 19.32
C PRO D 150 17.95 -11.18 19.93
N ASN D 151 17.52 -9.95 19.69
CA ASN D 151 18.27 -8.75 20.07
C ASN D 151 18.07 -8.47 21.56
N LYS D 152 18.47 -9.43 22.37
CA LYS D 152 18.32 -9.36 23.82
C LYS D 152 19.65 -9.69 24.47
N LEU D 153 19.88 -9.13 25.64
CA LEU D 153 21.03 -9.50 26.45
C LEU D 153 20.54 -9.77 27.86
N LEU D 154 21.13 -10.78 28.50
CA LEU D 154 20.87 -11.09 29.88
C LEU D 154 22.18 -11.11 30.63
N ARG D 155 22.24 -10.44 31.77
CA ARG D 155 23.43 -10.42 32.60
C ARG D 155 23.04 -10.69 34.04
N ILE D 156 23.73 -11.64 34.66
CA ILE D 156 23.50 -12.02 36.04
C ILE D 156 24.75 -11.66 36.83
N THR D 157 24.60 -10.82 37.84
CA THR D 157 25.69 -10.57 38.76
C THR D 157 25.66 -11.61 39.88
N GLU D 158 26.77 -11.70 40.60
CA GLU D 158 26.93 -12.72 41.63
C GLU D 158 25.95 -12.56 42.78
N ASP D 159 25.44 -11.35 43.02
CA ASP D 159 24.46 -11.15 44.09
C ASP D 159 23.05 -11.50 43.66
N GLY D 160 22.84 -11.86 42.40
CA GLY D 160 21.54 -12.22 41.90
C GLY D 160 20.87 -11.16 41.05
N THR D 161 21.44 -9.97 40.98
CA THR D 161 20.83 -8.91 40.17
C THR D 161 20.89 -9.27 38.69
N LEU D 162 19.80 -9.03 38.00
CA LEU D 162 19.69 -9.33 36.57
C LEU D 162 19.56 -8.03 35.78
N LEU D 163 20.28 -7.94 34.68
CA LEU D 163 20.08 -6.90 33.69
C LEU D 163 19.54 -7.56 32.43
N TYR D 164 18.43 -7.05 31.92
CA TYR D 164 17.72 -7.69 30.81
C TYR D 164 17.24 -6.58 29.88
N THR D 165 17.95 -6.39 28.79
CA THR D 165 17.60 -5.36 27.81
C THR D 165 17.24 -6.03 26.50
N MET D 166 16.38 -5.37 25.73
CA MET D 166 15.95 -5.86 24.44
C MET D 166 15.81 -4.68 23.48
N ARG D 167 15.96 -4.96 22.19
CA ARG D 167 15.76 -3.95 21.16
C ARG D 167 14.37 -4.14 20.57
N LEU D 168 13.56 -3.10 20.65
CA LEU D 168 12.18 -3.13 20.21
C LEU D 168 11.91 -1.97 19.28
N THR D 169 11.10 -2.22 18.26
CA THR D 169 10.45 -1.16 17.50
C THR D 169 9.06 -1.02 18.07
N VAL D 170 8.79 0.09 18.73
CA VAL D 170 7.53 0.31 19.42
C VAL D 170 6.68 1.24 18.58
N ARG D 171 5.47 0.81 18.26
CA ARG D 171 4.46 1.66 17.65
C ARG D 171 3.41 1.93 18.70
N ALA D 172 3.28 3.19 19.10
CA ALA D 172 2.42 3.58 20.20
C ALA D 172 1.38 4.59 19.73
N GLU D 173 0.17 4.49 20.29
CA GLU D 173 -0.88 5.44 19.97
C GLU D 173 -0.50 6.83 20.47
N CYS D 174 -0.76 7.83 19.64
CA CYS D 174 -0.62 9.23 20.05
C CYS D 174 -1.88 9.96 19.65
N PRO D 175 -2.87 10.06 20.54
CA PRO D 175 -4.06 10.86 20.23
C PRO D 175 -3.67 12.30 19.95
N MET D 176 -4.24 12.84 18.87
CA MET D 176 -3.90 14.18 18.41
C MET D 176 -5.14 15.05 18.37
N HIS D 177 -4.99 16.30 18.79
CA HIS D 177 -6.02 17.32 18.65
C HIS D 177 -5.55 18.26 17.56
N LEU D 178 -6.09 18.07 16.35
CA LEU D 178 -5.61 18.77 15.17
C LEU D 178 -6.37 20.05 14.89
N GLU D 179 -6.90 20.71 15.91
CA GLU D 179 -7.58 21.98 15.67
C GLU D 179 -6.62 23.08 15.27
N ASP D 180 -5.35 22.99 15.65
CA ASP D 180 -4.35 24.01 15.35
C ASP D 180 -3.48 23.65 14.16
N PHE D 181 -3.77 22.55 13.48
CA PHE D 181 -2.95 22.11 12.37
C PHE D 181 -2.88 23.21 11.31
N PRO D 182 -1.71 23.44 10.70
CA PRO D 182 -0.43 22.74 10.83
C PRO D 182 0.47 23.31 11.90
N MET D 183 -0.06 24.15 12.79
CA MET D 183 0.70 24.73 13.89
C MET D 183 0.38 24.06 15.21
N ASP D 184 0.22 22.74 15.22
CA ASP D 184 -0.14 22.00 16.40
C ASP D 184 1.09 21.41 17.08
N ALA D 185 0.93 21.11 18.36
CA ALA D 185 1.94 20.46 19.17
C ALA D 185 1.28 19.30 19.91
N HIS D 186 2.05 18.25 20.17
CA HIS D 186 1.52 17.04 20.78
C HIS D 186 2.44 16.51 21.86
N ALA D 187 1.85 15.78 22.79
CA ALA D 187 2.58 15.08 23.84
C ALA D 187 2.29 13.60 23.64
N CYS D 188 3.15 12.92 22.89
CA CYS D 188 2.89 11.53 22.54
C CYS D 188 3.28 10.63 23.70
N PRO D 189 2.34 9.91 24.30
CA PRO D 189 2.66 9.13 25.49
C PRO D 189 3.28 7.78 25.16
N LEU D 190 3.94 7.22 26.17
CA LEU D 190 4.47 5.87 26.09
C LEU D 190 4.34 5.27 27.48
N LYS D 191 3.33 4.45 27.66
CA LYS D 191 3.01 3.87 28.96
C LYS D 191 3.27 2.38 28.95
N PHE D 192 3.86 1.86 30.01
CA PHE D 192 4.12 0.43 30.09
C PHE D 192 4.01 -0.03 31.53
N GLY D 193 3.87 -1.33 31.70
CA GLY D 193 3.77 -1.93 33.01
C GLY D 193 3.52 -3.41 32.87
N SER D 194 3.39 -4.07 34.02
CA SER D 194 3.14 -5.50 34.03
C SER D 194 1.75 -5.79 33.52
N TYR D 195 1.62 -6.80 32.66
CA TYR D 195 0.29 -7.21 32.25
C TYR D 195 -0.41 -8.01 33.34
N ALA D 196 0.33 -8.87 34.04
CA ALA D 196 -0.28 -9.87 34.91
C ALA D 196 -0.11 -9.60 36.39
N TYR D 197 0.88 -8.80 36.80
CA TYR D 197 1.21 -8.62 38.20
C TYR D 197 0.72 -7.26 38.68
N THR D 198 -0.11 -7.27 39.72
CA THR D 198 -0.61 -6.03 40.30
C THR D 198 0.50 -5.36 41.10
N ARG D 199 0.21 -4.15 41.58
CA ARG D 199 1.22 -3.36 42.27
C ARG D 199 1.62 -3.94 43.62
N ALA D 200 0.88 -4.91 44.13
CA ALA D 200 1.32 -5.65 45.32
C ALA D 200 2.30 -6.76 44.98
N GLU D 201 2.60 -6.98 43.71
CA GLU D 201 3.51 -8.03 43.27
C GLU D 201 4.71 -7.49 42.51
N VAL D 202 4.50 -6.61 41.55
CA VAL D 202 5.57 -6.05 40.74
C VAL D 202 5.40 -4.55 40.68
N VAL D 203 6.45 -3.82 41.04
CA VAL D 203 6.48 -2.37 40.92
C VAL D 203 7.67 -1.99 40.04
N TYR D 204 7.47 -0.99 39.20
CA TYR D 204 8.51 -0.49 38.33
C TYR D 204 9.04 0.84 38.86
N GLU D 205 10.35 1.03 38.75
CA GLU D 205 10.98 2.29 39.07
C GLU D 205 11.98 2.62 37.97
N TRP D 206 12.32 3.89 37.86
CA TRP D 206 13.33 4.30 36.91
C TRP D 206 14.72 4.04 37.48
N THR D 207 15.67 3.70 36.60
CA THR D 207 17.00 3.33 37.05
C THR D 207 17.70 4.48 37.73
N ARG D 208 17.53 5.68 37.20
CA ARG D 208 18.17 6.91 37.64
C ARG D 208 17.07 7.90 37.98
N GLU D 209 17.44 9.16 38.12
CA GLU D 209 16.42 10.20 38.23
C GLU D 209 15.47 10.07 37.04
N PRO D 210 14.17 10.22 37.25
CA PRO D 210 13.22 9.94 36.16
C PRO D 210 13.51 10.69 34.88
N ALA D 211 13.96 11.94 34.96
CA ALA D 211 14.26 12.70 33.75
C ALA D 211 15.41 12.06 32.98
N ARG D 212 16.41 11.53 33.69
CA ARG D 212 17.58 10.95 33.06
C ARG D 212 17.42 9.48 32.72
N SER D 213 16.25 8.90 32.94
CA SER D 213 16.03 7.49 32.68
C SER D 213 15.51 7.20 31.28
N VAL D 214 15.06 8.21 30.54
CA VAL D 214 14.73 8.08 29.13
C VAL D 214 15.67 8.99 28.37
N VAL D 215 16.53 8.41 27.55
CA VAL D 215 17.57 9.13 26.85
C VAL D 215 17.38 8.91 25.35
N VAL D 216 17.43 10.00 24.59
CA VAL D 216 17.30 9.93 23.14
C VAL D 216 18.68 10.14 22.52
N ALA D 217 19.02 9.29 21.55
CA ALA D 217 20.30 9.41 20.87
C ALA D 217 20.38 10.71 20.09
N GLU D 218 21.59 11.27 20.02
CA GLU D 218 21.79 12.57 19.39
C GLU D 218 21.44 12.52 17.90
N ASP D 219 21.82 11.46 17.22
CA ASP D 219 21.65 11.35 15.78
C ASP D 219 20.44 10.52 15.39
N GLY D 220 19.55 10.21 16.33
CA GLY D 220 18.45 9.31 16.08
C GLY D 220 17.18 9.90 15.52
N SER D 221 17.09 11.19 15.32
CA SER D 221 15.83 11.80 14.89
C SER D 221 15.48 11.29 13.49
N ARG D 222 14.44 10.49 13.39
CA ARG D 222 13.85 10.11 12.12
C ARG D 222 12.60 10.90 11.81
N LEU D 223 12.38 12.01 12.52
CA LEU D 223 11.22 12.86 12.27
C LEU D 223 11.43 13.72 11.04
N ASN D 224 10.38 13.86 10.25
CA ASN D 224 10.40 14.70 9.06
C ASN D 224 9.63 16.01 9.23
N GLN D 225 8.45 15.97 9.84
CA GLN D 225 7.64 17.17 9.99
C GLN D 225 7.37 17.50 11.45
N TYR D 226 8.24 17.05 12.36
CA TYR D 226 8.09 17.34 13.77
C TYR D 226 9.46 17.64 14.37
N ASP D 227 9.44 18.27 15.53
CA ASP D 227 10.62 18.49 16.35
C ASP D 227 10.41 17.81 17.69
N LEU D 228 11.43 17.13 18.18
CA LEU D 228 11.36 16.53 19.52
C LEU D 228 11.87 17.58 20.50
N LEU D 229 10.94 18.30 21.12
CA LEU D 229 11.33 19.36 22.05
C LEU D 229 11.91 18.77 23.33
N GLY D 230 11.36 17.67 23.80
CA GLY D 230 11.84 17.05 25.02
C GLY D 230 10.86 16.01 25.48
N GLN D 231 11.18 15.42 26.62
CA GLN D 231 10.34 14.36 27.19
C GLN D 231 10.07 14.62 28.66
N THR D 232 8.88 14.24 29.10
CA THR D 232 8.48 14.31 30.50
C THR D 232 8.26 12.90 31.01
N VAL D 233 8.87 12.57 32.14
CA VAL D 233 8.90 11.21 32.65
C VAL D 233 8.20 11.18 34.00
N ASP D 234 7.24 10.27 34.15
CA ASP D 234 6.43 10.19 35.35
C ASP D 234 6.05 8.74 35.61
N SER D 235 5.31 8.52 36.70
CA SER D 235 4.88 7.19 37.09
C SER D 235 3.58 7.31 37.87
N GLY D 236 2.82 6.23 37.92
CA GLY D 236 1.55 6.27 38.59
C GLY D 236 0.95 4.90 38.76
N ILE D 237 -0.35 4.89 39.04
CA ILE D 237 -1.12 3.66 39.25
C ILE D 237 -2.31 3.68 38.29
N VAL D 238 -2.54 2.58 37.61
CA VAL D 238 -3.71 2.40 36.76
C VAL D 238 -4.58 1.32 37.39
N GLN D 239 -5.89 1.55 37.40
CA GLN D 239 -6.83 0.65 38.05
CA GLN D 239 -6.85 0.66 38.05
C GLN D 239 -7.69 -0.04 36.99
N SER D 240 -7.75 -1.37 37.06
CA SER D 240 -8.54 -2.17 36.16
C SER D 240 -9.52 -3.00 36.97
N SER D 241 -10.27 -3.86 36.27
CA SER D 241 -11.16 -4.79 36.94
C SER D 241 -10.40 -5.91 37.65
N THR D 242 -9.11 -6.08 37.35
CA THR D 242 -8.31 -7.15 37.92
C THR D 242 -7.33 -6.68 38.97
N GLY D 243 -7.29 -5.41 39.28
CA GLY D 243 -6.46 -4.90 40.36
C GLY D 243 -5.83 -3.57 40.01
N GLU D 244 -4.87 -3.15 40.82
CA GLU D 244 -4.14 -1.91 40.64
C GLU D 244 -2.76 -2.24 40.09
N TYR D 245 -2.37 -1.54 39.03
CA TYR D 245 -1.12 -1.81 38.34
C TYR D 245 -0.25 -0.56 38.28
N VAL D 246 1.04 -0.74 38.47
CA VAL D 246 2.00 0.34 38.27
C VAL D 246 2.15 0.58 36.78
N VAL D 247 2.09 1.84 36.37
CA VAL D 247 2.31 2.24 34.99
C VAL D 247 3.40 3.29 34.95
N MET D 248 4.34 3.13 34.03
CA MET D 248 5.42 4.08 33.83
C MET D 248 5.12 4.89 32.57
N THR D 249 5.21 6.21 32.68
CA THR D 249 4.77 7.10 31.62
C THR D 249 5.93 7.96 31.16
N THR D 250 6.03 8.14 29.85
CA THR D 250 6.92 9.11 29.24
C THR D 250 6.12 9.84 28.18
N HIS D 251 6.20 11.16 28.16
CA HIS D 251 5.57 11.97 27.14
C HIS D 251 6.67 12.65 26.33
N PHE D 252 6.66 12.40 25.02
CA PHE D 252 7.54 13.09 24.10
C PHE D 252 6.78 14.28 23.53
N HIS D 253 7.41 15.45 23.56
CA HIS D 253 6.76 16.67 23.13
C HIS D 253 7.20 17.01 21.72
N LEU D 254 6.25 17.02 20.80
CA LEU D 254 6.51 17.20 19.38
C LEU D 254 5.83 18.46 18.89
N LYS D 255 6.56 19.30 18.18
CA LYS D 255 5.99 20.46 17.53
C LYS D 255 6.11 20.28 16.02
N ARG D 256 4.99 20.39 15.31
CA ARG D 256 5.00 20.24 13.87
C ARG D 256 5.79 21.37 13.24
N LYS D 257 6.55 21.04 12.20
CA LYS D 257 7.29 22.03 11.43
C LYS D 257 6.41 22.49 10.27
N ILE D 258 6.13 23.80 10.23
CA ILE D 258 5.15 24.34 9.30
C ILE D 258 5.70 24.54 7.90
N GLY D 259 7.00 24.29 7.69
CA GLY D 259 7.62 24.67 6.43
C GLY D 259 7.01 23.98 5.22
N TYR D 260 6.67 22.71 5.35
CA TYR D 260 6.09 21.98 4.22
C TYR D 260 4.76 22.60 3.80
N PHE D 261 3.93 22.99 4.76
CA PHE D 261 2.61 23.49 4.44
C PHE D 261 2.63 24.94 4.01
N VAL D 262 3.66 25.71 4.40
CA VAL D 262 3.86 27.02 3.80
C VAL D 262 4.13 26.89 2.31
N ILE D 263 5.01 25.95 1.95
CA ILE D 263 5.40 25.79 0.55
C ILE D 263 4.25 25.24 -0.27
N GLN D 264 3.55 24.23 0.25
CA GLN D 264 2.61 23.49 -0.57
C GLN D 264 1.17 23.98 -0.46
N THR D 265 0.80 24.63 0.65
CA THR D 265 -0.58 25.05 0.83
C THR D 265 -0.74 26.55 0.98
N TYR D 266 0.02 27.18 1.87
CA TYR D 266 -0.19 28.59 2.16
C TYR D 266 0.24 29.46 0.99
N LEU D 267 1.41 29.21 0.43
CA LEU D 267 1.88 30.01 -0.71
CA LEU D 267 1.88 30.00 -0.70
C LEU D 267 0.98 29.87 -1.92
N PRO D 268 0.58 28.66 -2.36
CA PRO D 268 -0.36 28.59 -3.49
C PRO D 268 -1.68 29.29 -3.21
N CYS D 269 -2.15 29.26 -1.96
CA CYS D 269 -3.36 29.99 -1.62
C CYS D 269 -3.13 31.49 -1.70
N ILE D 270 -2.02 31.98 -1.17
CA ILE D 270 -1.74 33.41 -1.19
C ILE D 270 -1.53 33.89 -2.62
N MET D 271 -0.79 33.12 -3.43
CA MET D 271 -0.60 33.50 -4.82
C MET D 271 -1.91 33.48 -5.59
N THR D 272 -2.80 32.54 -5.26
CA THR D 272 -4.10 32.50 -5.92
C THR D 272 -4.94 33.73 -5.59
N VAL D 273 -4.93 34.14 -4.32
CA VAL D 273 -5.66 35.35 -3.93
C VAL D 273 -5.06 36.57 -4.57
N ILE D 274 -3.73 36.64 -4.64
CA ILE D 274 -3.07 37.75 -5.30
C ILE D 274 -3.38 37.73 -6.80
N LEU D 275 -3.44 36.54 -7.39
CA LEU D 275 -3.76 36.44 -8.81
C LEU D 275 -5.18 36.91 -9.11
N SER D 276 -6.12 36.63 -8.21
CA SER D 276 -7.50 37.02 -8.45
C SER D 276 -7.70 38.53 -8.39
N GLN D 277 -6.90 39.22 -7.57
CA GLN D 277 -6.99 40.67 -7.47
C GLN D 277 -6.27 41.38 -8.60
N VAL D 278 -5.54 40.66 -9.44
CA VAL D 278 -4.93 41.26 -10.62
C VAL D 278 -6.00 41.75 -11.58
N SER D 279 -7.13 41.05 -11.65
CA SER D 279 -8.17 41.42 -12.60
C SER D 279 -8.77 42.78 -12.30
N PHE D 280 -8.58 43.30 -11.08
CA PHE D 280 -9.05 44.64 -10.76
C PHE D 280 -8.35 45.68 -11.61
N TRP D 281 -7.19 45.37 -12.18
CA TRP D 281 -6.41 46.33 -12.96
CA TRP D 281 -6.41 46.31 -12.96
C TRP D 281 -6.65 46.21 -14.45
N LEU D 282 -7.45 45.26 -14.91
CA LEU D 282 -7.78 45.16 -16.31
C LEU D 282 -9.01 46.01 -16.60
N ASN D 283 -9.14 46.43 -17.85
CA ASN D 283 -10.28 47.26 -18.20
C ASN D 283 -11.58 46.48 -18.05
N ARG D 284 -12.65 47.20 -17.71
CA ARG D 284 -13.93 46.55 -17.44
C ARG D 284 -14.56 45.91 -18.67
N GLU D 285 -14.04 46.20 -19.87
CA GLU D 285 -14.60 45.62 -21.08
C GLU D 285 -13.94 44.31 -21.46
N SER D 286 -12.92 43.86 -20.73
CA SER D 286 -12.30 42.58 -20.98
C SER D 286 -13.05 41.48 -20.23
N VAL D 287 -14.34 41.35 -20.57
CA VAL D 287 -15.21 40.44 -19.84
C VAL D 287 -14.73 39.00 -19.91
N PRO D 288 -14.39 38.44 -21.08
CA PRO D 288 -13.84 37.07 -21.08
C PRO D 288 -12.54 36.96 -20.30
N ALA D 289 -11.67 37.97 -20.37
CA ALA D 289 -10.40 37.91 -19.67
C ALA D 289 -10.60 37.96 -18.16
N ARG D 290 -11.46 38.87 -17.69
CA ARG D 290 -11.70 38.99 -16.26
C ARG D 290 -12.61 37.89 -15.73
N THR D 291 -13.37 37.23 -16.61
CA THR D 291 -14.13 36.06 -16.17
C THR D 291 -13.21 34.87 -15.97
N VAL D 292 -12.24 34.68 -16.86
CA VAL D 292 -11.27 33.60 -16.70
C VAL D 292 -10.46 33.82 -15.43
N PHE D 293 -10.11 35.06 -15.13
CA PHE D 293 -9.43 35.36 -13.88
C PHE D 293 -10.23 34.85 -12.69
N GLY D 294 -11.51 35.21 -12.61
CA GLY D 294 -12.33 34.82 -11.48
C GLY D 294 -12.59 33.33 -11.42
N VAL D 295 -12.92 32.72 -12.55
CA VAL D 295 -13.28 31.31 -12.54
C VAL D 295 -12.06 30.45 -12.25
N THR D 296 -10.93 30.78 -12.87
CA THR D 296 -9.72 29.97 -12.68
C THR D 296 -9.26 29.98 -11.24
N THR D 297 -9.28 31.15 -10.59
CA THR D 297 -8.81 31.21 -9.21
C THR D 297 -9.80 30.55 -8.26
N VAL D 298 -11.09 30.63 -8.55
CA VAL D 298 -12.09 29.93 -7.74
C VAL D 298 -11.91 28.43 -7.85
N LEU D 299 -11.72 27.94 -9.08
CA LEU D 299 -11.48 26.52 -9.26
C LEU D 299 -10.15 26.09 -8.67
N THR D 300 -9.15 26.96 -8.70
CA THR D 300 -7.86 26.64 -8.09
C THR D 300 -7.99 26.49 -6.58
N MET D 301 -8.72 27.40 -5.94
CA MET D 301 -8.95 27.27 -4.49
C MET D 301 -9.72 26.01 -4.17
N THR D 302 -10.60 25.56 -5.06
CA THR D 302 -11.30 24.30 -4.85
C THR D 302 -10.33 23.13 -4.82
N THR D 303 -9.38 23.11 -5.76
CA THR D 303 -8.35 22.06 -5.75
C THR D 303 -7.46 22.16 -4.53
N LEU D 304 -7.11 23.38 -4.13
CA LEU D 304 -6.27 23.57 -2.95
C LEU D 304 -6.97 23.06 -1.70
N SER D 305 -8.25 23.36 -1.56
CA SER D 305 -8.98 22.93 -0.37
C SER D 305 -9.03 21.41 -0.28
N ILE D 306 -9.29 20.74 -1.40
CA ILE D 306 -9.40 19.29 -1.40
C ILE D 306 -8.04 18.64 -1.18
N SER D 307 -7.00 19.21 -1.78
CA SER D 307 -5.66 18.65 -1.64
C SER D 307 -5.04 18.94 -0.28
N ALA D 308 -5.64 19.83 0.52
CA ALA D 308 -5.02 20.24 1.78
C ALA D 308 -5.14 19.20 2.87
N ARG D 309 -6.25 18.45 2.92
CA ARG D 309 -6.48 17.50 3.99
C ARG D 309 -5.95 16.11 3.68
N ASN D 310 -5.27 15.93 2.54
CA ASN D 310 -4.77 14.60 2.19
C ASN D 310 -3.75 14.08 3.19
N SER D 311 -3.06 14.97 3.89
CA SER D 311 -2.10 14.53 4.89
C SER D 311 -2.78 14.07 6.17
N LEU D 312 -3.87 14.71 6.54
CA LEU D 312 -4.50 14.52 7.83
C LEU D 312 -5.40 13.29 7.85
N PRO D 313 -5.66 12.74 9.03
CA PRO D 313 -6.79 11.83 9.17
C PRO D 313 -8.09 12.60 8.95
N LYS D 314 -9.11 11.89 8.47
CA LYS D 314 -10.34 12.56 8.11
C LYS D 314 -11.12 12.94 9.36
N VAL D 315 -10.59 13.91 10.12
CA VAL D 315 -11.26 14.38 11.32
C VAL D 315 -12.44 15.27 10.93
N ALA D 316 -13.39 15.39 11.84
CA ALA D 316 -14.66 16.03 11.55
C ALA D 316 -14.69 17.50 11.92
N TYR D 317 -13.59 18.08 12.38
CA TYR D 317 -13.54 19.48 12.73
C TYR D 317 -12.65 20.25 11.77
N ALA D 318 -12.74 21.57 11.85
CA ALA D 318 -11.93 22.44 11.00
C ALA D 318 -10.60 22.74 11.66
N THR D 319 -9.54 22.70 10.87
CA THR D 319 -8.20 23.02 11.35
C THR D 319 -7.89 24.48 11.06
N ALA D 320 -6.73 24.92 11.54
CA ALA D 320 -6.28 26.28 11.23
C ALA D 320 -6.02 26.44 9.75
N MET D 321 -5.61 25.37 9.08
CA MET D 321 -5.42 25.43 7.63
C MET D 321 -6.74 25.55 6.90
N ASP D 322 -7.78 24.90 7.41
CA ASP D 322 -9.10 24.99 6.78
C ASP D 322 -9.64 26.41 6.86
N TRP D 323 -9.43 27.09 7.97
CA TRP D 323 -9.91 28.46 8.10
C TRP D 323 -9.16 29.40 7.16
N PHE D 324 -7.84 29.20 7.01
CA PHE D 324 -7.08 30.02 6.08
C PHE D 324 -7.57 29.82 4.65
N ILE D 325 -7.81 28.56 4.26
CA ILE D 325 -8.27 28.28 2.91
C ILE D 325 -9.68 28.80 2.70
N ALA D 326 -10.53 28.71 3.73
CA ALA D 326 -11.88 29.24 3.62
C ALA D 326 -11.89 30.75 3.41
N VAL D 327 -11.03 31.47 4.14
CA VAL D 327 -10.96 32.91 3.95
C VAL D 327 -10.34 33.25 2.62
N CYS D 328 -9.33 32.49 2.19
CA CYS D 328 -8.78 32.66 0.85
C CYS D 328 -9.84 32.39 -0.21
N TYR D 329 -10.71 31.41 0.02
CA TYR D 329 -11.82 31.16 -0.88
C TYR D 329 -12.77 32.35 -0.93
N ALA D 330 -13.04 32.96 0.22
CA ALA D 330 -13.93 34.12 0.24
C ALA D 330 -13.33 35.30 -0.52
N PHE D 331 -12.04 35.54 -0.36
CA PHE D 331 -11.40 36.64 -1.10
C PHE D 331 -11.43 36.39 -2.59
N VAL D 332 -11.10 35.16 -3.00
CA VAL D 332 -11.13 34.81 -4.42
C VAL D 332 -12.55 34.89 -4.96
N PHE D 333 -13.52 34.37 -4.20
CA PHE D 333 -14.91 34.41 -4.65
C PHE D 333 -15.42 35.84 -4.72
N SER D 334 -15.06 36.68 -3.76
CA SER D 334 -15.52 38.06 -3.77
C SER D 334 -14.94 38.85 -4.93
N ALA D 335 -13.70 38.56 -5.33
CA ALA D 335 -13.10 39.27 -6.45
C ALA D 335 -13.84 38.98 -7.74
N LEU D 336 -14.40 37.77 -7.87
CA LEU D 336 -15.26 37.47 -9.01
C LEU D 336 -16.62 38.13 -8.87
N ILE D 337 -17.16 38.16 -7.66
CA ILE D 337 -18.43 38.85 -7.43
C ILE D 337 -18.25 40.34 -7.65
N GLU D 338 -17.07 40.87 -7.32
CA GLU D 338 -16.79 42.28 -7.61
C GLU D 338 -16.87 42.56 -9.09
N PHE D 339 -16.27 41.69 -9.92
CA PHE D 339 -16.30 41.93 -11.35
C PHE D 339 -17.71 41.84 -11.91
N ALA D 340 -18.52 40.91 -11.39
CA ALA D 340 -19.90 40.82 -11.84
C ALA D 340 -20.66 42.11 -11.56
N THR D 341 -20.42 42.72 -10.39
CA THR D 341 -21.02 44.02 -10.12
C THR D 341 -20.47 45.08 -11.06
N VAL D 342 -19.17 45.03 -11.35
CA VAL D 342 -18.59 45.96 -12.31
C VAL D 342 -19.22 45.76 -13.69
N ASN D 343 -19.36 44.50 -14.11
CA ASN D 343 -19.95 44.24 -15.42
C ASN D 343 -21.42 44.64 -15.48
N TYR D 344 -22.12 44.59 -14.34
CA TYR D 344 -23.52 44.97 -14.31
C TYR D 344 -23.70 46.46 -14.58
N PHE D 345 -22.69 47.26 -14.27
CA PHE D 345 -22.74 48.70 -14.51
C PHE D 345 -21.91 49.12 -15.72
N THR D 346 -21.45 48.18 -16.52
CA THR D 346 -20.71 48.48 -17.75
C THR D 346 -21.72 48.63 -18.88
N LYS D 347 -21.77 49.84 -19.46
CA LYS D 347 -22.79 50.17 -20.44
C LYS D 347 -22.41 49.73 -21.86
N ARG D 348 -21.20 50.07 -22.29
CA ARG D 348 -20.78 49.87 -23.67
C ARG D 348 -19.89 48.64 -23.79
N GLY D 349 -20.09 47.88 -24.86
CA GLY D 349 -19.36 46.66 -25.08
C GLY D 349 -17.99 46.81 -25.69
N TYR D 350 -17.57 48.04 -25.97
CA TYR D 350 -16.28 48.32 -26.57
C TYR D 350 -15.42 49.11 -25.59
N ALA D 351 -14.11 48.88 -25.66
CA ALA D 351 -13.17 49.58 -24.80
C ALA D 351 -12.68 50.86 -25.48
N TRP D 352 -11.93 51.66 -24.73
CA TRP D 352 -11.38 52.91 -25.26
C TRP D 352 -10.46 52.63 -26.43
N ASP D 353 -10.62 53.40 -27.50
CA ASP D 353 -9.92 53.13 -28.75
C ASP D 353 -8.48 53.62 -28.73
N GLY D 354 -8.04 54.29 -27.68
CA GLY D 354 -6.68 54.74 -27.56
C GLY D 354 -6.38 56.11 -28.12
N LYS D 355 -7.34 56.72 -28.80
CA LYS D 355 -7.15 58.04 -29.39
C LYS D 355 -8.13 59.07 -28.90
N SER D 356 -9.42 58.72 -28.81
CA SER D 356 -10.46 59.68 -28.45
C SER D 356 -10.27 60.16 -27.02
N VAL D 357 -10.49 61.44 -26.81
CA VAL D 357 -10.36 62.04 -25.49
C VAL D 357 -11.70 61.91 -24.77
N VAL D 358 -11.67 61.34 -23.57
CA VAL D 358 -12.88 61.14 -22.79
C VAL D 358 -13.30 62.47 -22.19
N PRO D 359 -14.47 62.99 -22.53
CA PRO D 359 -14.87 64.35 -22.10
C PRO D 359 -15.44 64.41 -20.68
N GLU D 360 -14.52 64.38 -19.71
CA GLU D 360 -14.89 64.41 -18.30
C GLU D 360 -15.45 65.77 -17.89
N LYS D 419 -17.78 59.26 -30.32
CA LYS D 419 -18.63 58.49 -29.42
C LYS D 419 -18.13 58.58 -27.98
N THR D 420 -18.90 58.02 -27.05
CA THR D 420 -18.54 57.99 -25.65
C THR D 420 -17.91 56.66 -25.29
N PHE D 421 -17.21 56.65 -24.17
CA PHE D 421 -16.53 55.47 -23.67
C PHE D 421 -16.81 55.28 -22.20
N ASN D 422 -16.85 54.03 -21.76
CA ASN D 422 -17.07 53.73 -20.36
C ASN D 422 -15.96 54.33 -19.51
N SER D 423 -16.30 54.76 -18.32
CA SER D 423 -15.30 55.22 -17.38
C SER D 423 -14.72 54.04 -16.61
N VAL D 424 -13.57 54.28 -15.97
CA VAL D 424 -12.99 53.29 -15.08
C VAL D 424 -13.89 53.15 -13.87
N SER D 425 -14.23 51.92 -13.51
CA SER D 425 -15.20 51.68 -12.46
C SER D 425 -14.65 52.17 -11.11
N LYS D 426 -15.51 52.83 -10.34
CA LYS D 426 -15.16 53.16 -8.97
C LYS D 426 -15.03 51.92 -8.11
N ILE D 427 -15.81 50.89 -8.40
CA ILE D 427 -15.67 49.61 -7.69
C ILE D 427 -14.30 49.03 -7.96
N ASP D 428 -13.85 49.08 -9.21
CA ASP D 428 -12.52 48.60 -9.54
C ASP D 428 -11.44 49.40 -8.84
N ARG D 429 -11.58 50.73 -8.81
CA ARG D 429 -10.59 51.57 -8.15
C ARG D 429 -10.56 51.32 -6.66
N LEU D 430 -11.73 51.16 -6.03
CA LEU D 430 -11.78 50.87 -4.60
CA LEU D 430 -11.78 50.87 -4.60
C LEU D 430 -11.23 49.48 -4.31
N SER D 431 -11.53 48.51 -5.16
CA SER D 431 -11.08 47.14 -4.94
C SER D 431 -9.58 47.01 -5.10
N ARG D 432 -8.94 47.89 -5.88
CA ARG D 432 -7.49 47.83 -6.02
C ARG D 432 -6.78 48.10 -4.70
N ILE D 433 -7.42 48.83 -3.80
CA ILE D 433 -6.86 49.14 -2.49
C ILE D 433 -7.46 48.25 -1.41
N ALA D 434 -8.77 48.11 -1.38
CA ALA D 434 -9.44 47.42 -0.28
C ALA D 434 -9.04 45.95 -0.21
N PHE D 435 -9.06 45.26 -1.35
CA PHE D 435 -8.78 43.83 -1.35
C PHE D 435 -7.36 43.50 -0.89
N PRO D 436 -6.30 44.13 -1.40
CA PRO D 436 -4.97 43.84 -0.85
C PRO D 436 -4.83 44.22 0.61
N LEU D 437 -5.49 45.30 1.03
CA LEU D 437 -5.37 45.76 2.41
C LEU D 437 -6.06 44.80 3.37
N LEU D 438 -7.29 44.41 3.05
CA LEU D 438 -8.01 43.49 3.93
C LEU D 438 -7.32 42.12 3.98
N PHE D 439 -6.83 41.65 2.83
CA PHE D 439 -6.13 40.36 2.83
C PHE D 439 -4.80 40.47 3.55
N GLY D 440 -4.13 41.62 3.45
CA GLY D 440 -2.91 41.81 4.22
C GLY D 440 -3.17 41.87 5.71
N ILE D 441 -4.28 42.50 6.10
CA ILE D 441 -4.66 42.56 7.50
C ILE D 441 -5.05 41.18 8.02
N PHE D 442 -5.79 40.41 7.21
CA PHE D 442 -6.15 39.06 7.62
C PHE D 442 -4.92 38.22 7.88
N ASN D 443 -3.92 38.32 7.01
CA ASN D 443 -2.70 37.55 7.20
C ASN D 443 -1.99 37.95 8.49
N LEU D 444 -1.95 39.25 8.79
CA LEU D 444 -1.35 39.70 10.04
C LEU D 444 -2.08 39.10 11.24
N VAL D 445 -3.41 39.15 11.23
CA VAL D 445 -4.18 38.63 12.35
C VAL D 445 -4.08 37.11 12.41
N TYR D 446 -4.12 36.45 11.25
CA TYR D 446 -4.08 34.99 11.23
C TYR D 446 -2.76 34.46 11.76
N TRP D 447 -1.65 35.00 11.29
CA TRP D 447 -0.36 34.46 11.68
C TRP D 447 -0.03 34.80 13.13
N ALA D 448 -0.35 36.02 13.56
CA ALA D 448 -0.15 36.38 14.96
C ALA D 448 -1.03 35.55 15.88
N THR D 449 -2.19 35.11 15.40
CA THR D 449 -3.07 34.28 16.21
C THR D 449 -2.44 32.93 16.50
N TYR D 450 -1.84 32.30 15.50
CA TYR D 450 -1.39 30.93 15.60
C TYR D 450 0.11 30.79 15.85
N LEU D 451 0.94 31.63 15.24
CA LEU D 451 2.37 31.54 15.48
C LEU D 451 2.71 31.94 16.91
N ASN D 452 2.04 32.97 17.44
CA ASN D 452 2.30 33.37 18.82
C ASN D 452 1.83 32.31 19.81
N ARG D 453 0.66 31.71 19.56
CA ARG D 453 0.16 30.65 20.42
C ARG D 453 0.63 29.28 19.95
N ASN E 33 33.54 -44.68 6.55
CA ASN E 33 34.07 -43.32 6.65
C ASN E 33 32.98 -42.36 7.06
N MET E 34 31.78 -42.56 6.51
CA MET E 34 30.66 -41.71 6.88
C MET E 34 30.22 -41.96 8.32
N SER E 35 30.35 -43.19 8.81
CA SER E 35 30.11 -43.46 10.22
C SER E 35 31.11 -42.72 11.09
N PHE E 36 32.35 -42.59 10.62
CA PHE E 36 33.35 -41.86 11.38
C PHE E 36 33.02 -40.38 11.47
N VAL E 37 32.46 -39.81 10.40
CA VAL E 37 32.04 -38.41 10.45
C VAL E 37 30.88 -38.24 11.42
N LYS E 38 29.91 -39.14 11.37
CA LYS E 38 28.77 -39.05 12.28
C LYS E 38 29.22 -39.14 13.72
N GLU E 39 30.12 -40.06 14.03
CA GLU E 39 30.65 -40.19 15.38
C GLU E 39 31.40 -38.94 15.79
N THR E 40 32.22 -38.40 14.89
CA THR E 40 33.01 -37.21 15.21
C THR E 40 32.12 -36.02 15.51
N VAL E 41 31.08 -35.81 14.70
CA VAL E 41 30.20 -34.67 14.93
C VAL E 41 29.42 -34.84 16.22
N ASP E 42 28.96 -36.06 16.52
CA ASP E 42 28.27 -36.30 17.78
C ASP E 42 29.17 -35.99 18.96
N LYS E 43 30.46 -36.27 18.83
CA LYS E 43 31.40 -36.00 19.91
C LYS E 43 31.56 -34.51 20.15
N LEU E 44 31.52 -33.71 19.07
CA LEU E 44 31.65 -32.27 19.21
C LEU E 44 30.49 -31.68 20.00
N LEU E 45 29.28 -32.12 19.72
CA LEU E 45 28.10 -31.54 20.34
C LEU E 45 27.74 -32.18 21.66
N LYS E 46 28.45 -33.21 22.08
CA LYS E 46 28.24 -33.82 23.38
C LYS E 46 28.95 -32.98 24.43
N GLY E 47 28.20 -32.45 25.39
CA GLY E 47 28.76 -31.55 26.36
C GLY E 47 28.94 -30.13 25.88
N TYR E 48 28.57 -29.83 24.63
CA TYR E 48 28.67 -28.47 24.13
C TYR E 48 27.62 -27.60 24.80
N ASP E 49 28.04 -26.43 25.26
CA ASP E 49 27.16 -25.51 25.97
C ASP E 49 26.90 -24.31 25.08
N ILE E 50 25.71 -24.25 24.49
CA ILE E 50 25.37 -23.17 23.58
C ILE E 50 25.19 -21.85 24.31
N ARG E 51 25.05 -21.87 25.63
CA ARG E 51 24.89 -20.64 26.40
C ARG E 51 26.19 -19.89 26.56
N LEU E 52 27.33 -20.50 26.27
CA LEU E 52 28.64 -19.91 26.50
C LEU E 52 29.32 -19.63 25.17
N ARG E 53 29.88 -18.43 25.05
CA ARG E 53 30.66 -18.08 23.88
C ARG E 53 31.98 -18.83 23.90
N PRO E 54 32.65 -18.93 22.75
CA PRO E 54 34.03 -19.46 22.77
C PRO E 54 34.92 -18.58 23.62
N ASP E 55 35.82 -19.23 24.38
CA ASP E 55 36.69 -18.56 25.34
C ASP E 55 35.88 -17.80 26.38
N PHE E 56 34.77 -18.37 26.82
CA PHE E 56 33.97 -17.75 27.87
C PHE E 56 34.83 -17.57 29.12
N GLY E 57 34.77 -16.38 29.70
CA GLY E 57 35.63 -16.05 30.82
C GLY E 57 37.06 -15.77 30.45
N GLY E 58 37.37 -15.63 29.16
CA GLY E 58 38.72 -15.40 28.71
C GLY E 58 38.79 -14.28 27.70
N PRO E 59 39.78 -14.34 26.81
CA PRO E 59 39.95 -13.28 25.83
C PRO E 59 38.75 -13.22 24.91
N PRO E 60 38.44 -12.04 24.38
CA PRO E 60 37.29 -11.92 23.47
C PRO E 60 37.48 -12.76 22.22
N VAL E 61 36.38 -13.31 21.72
CA VAL E 61 36.40 -14.07 20.48
C VAL E 61 36.33 -13.11 19.31
N CYS E 62 37.26 -13.27 18.37
CA CYS E 62 37.33 -12.39 17.20
C CYS E 62 36.45 -12.95 16.10
N VAL E 63 35.56 -12.12 15.58
CA VAL E 63 34.62 -12.52 14.54
C VAL E 63 34.93 -11.72 13.28
N GLY E 64 35.22 -12.41 12.20
CA GLY E 64 35.49 -11.78 10.91
C GLY E 64 34.24 -11.82 10.05
N MET E 65 34.02 -10.74 9.29
CA MET E 65 32.79 -10.59 8.55
C MET E 65 33.08 -10.31 7.09
N ASN E 66 32.42 -11.06 6.20
CA ASN E 66 32.38 -10.78 4.78
C ASN E 66 30.93 -10.50 4.39
N ILE E 67 30.76 -9.69 3.35
CA ILE E 67 29.44 -9.47 2.78
C ILE E 67 29.58 -9.52 1.27
N ASP E 68 28.77 -10.36 0.63
CA ASP E 68 28.59 -10.34 -0.81
C ASP E 68 27.22 -9.75 -1.05
N ILE E 69 27.18 -8.53 -1.58
CA ILE E 69 25.93 -7.81 -1.73
C ILE E 69 25.21 -8.30 -2.98
N ALA E 70 24.06 -8.93 -2.80
CA ALA E 70 23.29 -9.45 -3.92
C ALA E 70 22.62 -8.33 -4.69
N SER E 71 21.98 -7.39 -3.99
CA SER E 71 21.31 -6.29 -4.66
C SER E 71 20.97 -5.21 -3.65
N ILE E 72 20.90 -3.99 -4.15
CA ILE E 72 20.35 -2.85 -3.43
C ILE E 72 19.20 -2.30 -4.25
N ASP E 73 18.05 -2.10 -3.62
CA ASP E 73 16.90 -1.59 -4.33
C ASP E 73 15.97 -0.90 -3.34
N MET E 74 14.87 -0.36 -3.86
CA MET E 74 13.85 0.31 -3.06
C MET E 74 14.46 1.41 -2.19
N VAL E 75 15.34 2.21 -2.77
CA VAL E 75 15.88 3.36 -2.07
C VAL E 75 14.77 4.41 -2.01
N SER E 76 14.09 4.48 -0.88
CA SER E 76 12.86 5.24 -0.75
C SER E 76 13.15 6.55 -0.04
N GLU E 77 12.85 7.66 -0.71
CA GLU E 77 12.86 8.95 -0.03
C GLU E 77 11.63 9.13 0.82
N VAL E 78 10.52 8.49 0.46
CA VAL E 78 9.30 8.58 1.27
C VAL E 78 9.51 7.92 2.61
N ASN E 79 10.03 6.70 2.60
CA ASN E 79 10.24 5.94 3.83
C ASN E 79 11.61 6.15 4.44
N MET E 80 12.48 6.90 3.78
CA MET E 80 13.84 7.16 4.28
C MET E 80 14.56 5.86 4.59
N ASP E 81 14.49 4.91 3.67
CA ASP E 81 15.17 3.65 3.84
C ASP E 81 15.60 3.10 2.49
N TYR E 82 16.46 2.11 2.54
CA TYR E 82 16.84 1.34 1.37
C TYR E 82 16.81 -0.14 1.75
N THR E 83 16.59 -1.00 0.77
CA THR E 83 16.56 -2.44 1.00
C THR E 83 17.84 -3.05 0.45
N LEU E 84 18.46 -3.92 1.24
CA LEU E 84 19.74 -4.51 0.93
C LEU E 84 19.65 -6.02 1.08
N THR E 85 20.00 -6.75 0.04
CA THR E 85 20.08 -8.20 0.08
C THR E 85 21.54 -8.61 -0.03
N MET E 86 21.97 -9.49 0.88
CA MET E 86 23.39 -9.80 0.95
C MET E 86 23.59 -11.21 1.46
N TYR E 87 24.74 -11.77 1.10
CA TYR E 87 25.26 -12.98 1.74
C TYR E 87 26.17 -12.53 2.87
N PHE E 88 25.77 -12.79 4.10
CA PHE E 88 26.40 -12.25 5.28
C PHE E 88 27.16 -13.39 5.98
N GLN E 89 28.47 -13.34 5.91
CA GLN E 89 29.33 -14.40 6.42
C GLN E 89 30.04 -13.93 7.68
N GLN E 90 30.02 -14.77 8.71
CA GLN E 90 30.76 -14.51 9.94
C GLN E 90 31.76 -15.63 10.15
N TYR E 91 32.95 -15.27 10.62
CA TYR E 91 34.06 -16.20 10.76
CA TYR E 91 34.07 -16.19 10.75
C TYR E 91 34.62 -16.10 12.17
N TRP E 92 34.63 -17.23 12.87
CA TRP E 92 35.24 -17.24 14.20
C TRP E 92 35.74 -18.64 14.48
N ARG E 93 36.58 -18.75 15.50
CA ARG E 93 37.14 -20.02 15.92
C ARG E 93 36.52 -20.41 17.25
N ASP E 94 35.93 -21.61 17.28
CA ASP E 94 35.39 -22.21 18.50
C ASP E 94 36.19 -23.48 18.74
N LYS E 95 37.10 -23.44 19.71
CA LYS E 95 37.97 -24.59 19.95
C LYS E 95 37.20 -25.81 20.41
N ARG E 96 35.97 -25.64 20.92
CA ARG E 96 35.14 -26.78 21.25
C ARG E 96 34.74 -27.58 20.01
N LEU E 97 34.91 -27.02 18.81
CA LEU E 97 34.50 -27.65 17.57
C LEU E 97 35.67 -28.18 16.75
N ALA E 98 36.88 -28.17 17.31
CA ALA E 98 38.02 -28.73 16.59
C ALA E 98 37.89 -30.25 16.53
N TYR E 99 38.16 -30.83 15.36
CA TYR E 99 38.09 -32.26 15.17
C TYR E 99 39.31 -32.73 14.38
N SER E 100 39.74 -33.96 14.66
CA SER E 100 40.91 -34.53 14.02
C SER E 100 40.52 -35.80 13.29
N GLY E 101 41.42 -36.25 12.42
CA GLY E 101 41.24 -37.49 11.69
C GLY E 101 40.40 -37.37 10.43
N ILE E 102 39.82 -36.21 10.17
CA ILE E 102 39.00 -35.97 8.98
C ILE E 102 39.63 -34.83 8.19
N PRO E 103 40.36 -35.14 7.13
CA PRO E 103 40.98 -34.10 6.31
C PRO E 103 39.98 -33.41 5.37
N LEU E 104 38.91 -32.90 5.95
CA LEU E 104 37.83 -32.27 5.20
C LEU E 104 37.26 -31.12 5.99
N ASN E 105 36.65 -30.18 5.27
CA ASN E 105 35.89 -29.09 5.89
C ASN E 105 34.43 -29.51 5.90
N LEU E 106 33.87 -29.70 7.09
CA LEU E 106 32.53 -30.25 7.22
C LEU E 106 31.50 -29.18 6.93
N THR E 107 30.80 -29.30 5.80
CA THR E 107 29.60 -28.53 5.56
C THR E 107 28.44 -29.35 6.10
N LEU E 108 27.71 -28.79 7.06
CA LEU E 108 26.65 -29.51 7.72
C LEU E 108 25.31 -28.87 7.40
N ASP E 109 24.24 -29.66 7.59
CA ASP E 109 22.90 -29.14 7.37
C ASP E 109 22.67 -27.93 8.27
N ASN E 110 22.07 -26.88 7.70
CA ASN E 110 22.02 -25.59 8.39
C ASN E 110 21.27 -25.67 9.70
N ARG E 111 20.47 -26.71 9.92
CA ARG E 111 19.81 -26.88 11.20
C ARG E 111 20.78 -27.12 12.35
N VAL E 112 22.03 -27.47 12.05
CA VAL E 112 23.04 -27.62 13.09
C VAL E 112 23.45 -26.27 13.68
N ALA E 113 23.11 -25.17 13.02
CA ALA E 113 23.40 -23.84 13.53
C ALA E 113 22.64 -23.55 14.82
N ASP E 114 21.54 -24.24 15.07
CA ASP E 114 20.78 -24.06 16.29
C ASP E 114 21.37 -24.82 17.47
N GLN E 115 22.39 -25.64 17.23
CA GLN E 115 23.08 -26.35 18.30
C GLN E 115 24.43 -25.75 18.62
N LEU E 116 24.84 -24.72 17.88
CA LEU E 116 26.14 -24.09 18.06
C LEU E 116 25.95 -22.66 18.53
N TRP E 117 26.95 -22.14 19.23
CA TRP E 117 26.99 -20.72 19.53
C TRP E 117 27.31 -19.94 18.28
N VAL E 118 26.57 -18.87 18.03
CA VAL E 118 26.88 -17.95 16.93
C VAL E 118 26.85 -16.55 17.51
N PRO E 119 27.56 -15.59 16.94
CA PRO E 119 27.54 -14.23 17.48
C PRO E 119 26.15 -13.63 17.41
N ASP E 120 25.83 -12.81 18.41
CA ASP E 120 24.54 -12.14 18.44
C ASP E 120 24.57 -10.87 17.59
N THR E 121 24.97 -11.00 16.34
CA THR E 121 25.12 -9.86 15.47
C THR E 121 23.75 -9.28 15.12
N TYR E 122 23.63 -7.96 15.18
CA TYR E 122 22.41 -7.29 14.77
C TYR E 122 22.78 -6.02 14.03
N PHE E 123 21.81 -5.48 13.32
CA PHE E 123 21.97 -4.24 12.57
C PHE E 123 21.15 -3.17 13.28
N LEU E 124 21.82 -2.09 13.70
CA LEU E 124 21.15 -1.11 14.54
C LEU E 124 20.12 -0.32 13.76
N ASN E 125 20.44 0.09 12.54
CA ASN E 125 19.50 0.84 11.72
C ASN E 125 18.58 -0.06 10.91
N ASP E 126 18.47 -1.32 11.27
CA ASP E 126 17.61 -2.26 10.58
C ASP E 126 16.16 -2.02 10.96
N LYS E 127 15.31 -1.79 9.96
CA LYS E 127 13.89 -1.61 10.20
C LYS E 127 13.10 -2.90 10.05
N LYS E 128 13.39 -3.68 9.01
CA LYS E 128 12.69 -4.93 8.77
C LYS E 128 13.64 -5.83 7.99
N SER E 129 13.88 -7.03 8.51
CA SER E 129 14.82 -7.94 7.88
C SER E 129 14.35 -9.38 8.06
N PHE E 130 14.86 -10.24 7.19
CA PHE E 130 14.53 -11.66 7.25
C PHE E 130 15.64 -12.45 6.59
N VAL E 131 15.88 -13.64 7.11
CA VAL E 131 16.70 -14.63 6.43
C VAL E 131 15.81 -15.39 5.48
N HIS E 132 16.21 -15.48 4.21
CA HIS E 132 15.40 -16.16 3.21
C HIS E 132 15.21 -17.61 3.59
N GLY E 133 14.04 -18.16 3.26
CA GLY E 133 13.70 -19.48 3.75
C GLY E 133 13.23 -20.50 2.73
N VAL E 134 13.50 -20.27 1.45
CA VAL E 134 13.15 -21.19 0.38
C VAL E 134 14.43 -21.60 -0.33
N THR E 135 14.63 -22.91 -0.51
CA THR E 135 13.70 -23.97 -0.11
C THR E 135 13.83 -24.30 1.36
N VAL E 136 15.03 -24.15 1.88
CA VAL E 136 15.26 -24.20 3.32
C VAL E 136 15.79 -22.84 3.74
N LYS E 137 16.01 -22.65 5.03
CA LYS E 137 16.56 -21.41 5.52
C LYS E 137 17.93 -21.18 4.88
N ASN E 138 18.09 -20.03 4.24
CA ASN E 138 19.32 -19.73 3.49
C ASN E 138 20.44 -19.46 4.50
N ARG E 139 20.97 -20.54 5.04
CA ARG E 139 21.95 -20.49 6.11
C ARG E 139 23.02 -21.53 5.83
N MET E 140 24.27 -21.19 6.10
CA MET E 140 25.40 -22.07 5.85
C MET E 140 26.19 -22.26 7.13
N ILE E 141 26.55 -23.52 7.40
CA ILE E 141 27.50 -23.86 8.45
C ILE E 141 28.60 -24.69 7.81
N ARG E 142 29.84 -24.29 8.00
CA ARG E 142 30.99 -25.04 7.50
C ARG E 142 32.03 -25.08 8.60
N LEU E 143 32.21 -26.24 9.22
CA LEU E 143 33.23 -26.41 10.23
C LEU E 143 34.59 -26.66 9.58
N HIS E 144 35.64 -26.34 10.31
CA HIS E 144 37.00 -26.55 9.86
C HIS E 144 37.76 -27.31 10.94
N PRO E 145 38.78 -28.08 10.54
CA PRO E 145 39.42 -28.99 11.51
C PRO E 145 39.95 -28.31 12.76
N ASP E 146 40.45 -27.08 12.65
CA ASP E 146 41.00 -26.39 13.81
C ASP E 146 39.94 -25.72 14.67
N GLY E 147 38.66 -25.88 14.33
CA GLY E 147 37.58 -25.29 15.10
C GLY E 147 36.98 -24.05 14.49
N THR E 148 37.47 -23.59 13.36
CA THR E 148 36.92 -22.41 12.73
C THR E 148 35.53 -22.67 12.18
N VAL E 149 34.63 -21.72 12.41
CA VAL E 149 33.25 -21.81 11.93
C VAL E 149 33.04 -20.73 10.89
N LEU E 150 32.52 -21.12 9.74
CA LEU E 150 32.02 -20.18 8.75
C LEU E 150 30.50 -20.23 8.80
N TYR E 151 29.89 -19.10 9.12
CA TYR E 151 28.45 -19.02 9.32
C TYR E 151 27.90 -17.99 8.35
N GLY E 152 27.19 -18.45 7.33
CA GLY E 152 26.67 -17.59 6.28
C GLY E 152 25.16 -17.53 6.34
N LEU E 153 24.62 -16.36 6.04
CA LEU E 153 23.18 -16.12 6.02
C LEU E 153 22.85 -15.25 4.82
N ARG E 154 21.80 -15.59 4.11
CA ARG E 154 21.29 -14.74 3.04
C ARG E 154 20.18 -13.88 3.62
N ILE E 155 20.43 -12.58 3.72
CA ILE E 155 19.61 -11.66 4.48
C ILE E 155 19.12 -10.56 3.54
N THR E 156 17.83 -10.25 3.63
CA THR E 156 17.31 -9.02 3.06
C THR E 156 16.94 -8.12 4.24
N THR E 157 17.55 -6.95 4.29
CA THR E 157 17.34 -6.00 5.37
C THR E 157 16.91 -4.67 4.80
N THR E 158 15.95 -4.04 5.44
CA THR E 158 15.51 -2.69 5.10
C THR E 158 16.06 -1.77 6.18
N ALA E 159 17.19 -1.15 5.89
CA ALA E 159 17.85 -0.27 6.83
C ALA E 159 17.41 1.16 6.60
N ALA E 160 17.47 1.96 7.66
CA ALA E 160 17.07 3.36 7.59
C ALA E 160 18.26 4.24 7.26
N CYS E 161 18.05 5.21 6.38
CA CYS E 161 19.01 6.29 6.22
C CYS E 161 18.27 7.58 5.96
N MET E 162 18.41 8.52 6.87
CA MET E 162 17.82 9.84 6.67
C MET E 162 18.57 10.57 5.56
N MET E 163 17.82 11.13 4.62
CA MET E 163 18.38 11.77 3.44
C MET E 163 18.20 13.28 3.55
N ASP E 164 19.28 14.01 3.31
CA ASP E 164 19.22 15.46 3.18
C ASP E 164 18.79 15.76 1.75
N LEU E 165 17.55 16.21 1.58
CA LEU E 165 16.99 16.45 0.26
C LEU E 165 17.09 17.90 -0.16
N ARG E 166 17.96 18.69 0.47
CA ARG E 166 18.05 20.10 0.12
C ARG E 166 18.51 20.30 -1.32
N ARG E 167 19.35 19.41 -1.84
CA ARG E 167 19.80 19.50 -3.21
C ARG E 167 19.11 18.50 -4.12
N TYR E 168 18.05 17.86 -3.66
CA TYR E 168 17.32 16.91 -4.48
C TYR E 168 16.73 17.62 -5.70
N PRO E 169 16.82 17.03 -6.89
CA PRO E 169 17.34 15.70 -7.22
C PRO E 169 18.81 15.67 -7.59
N LEU E 170 19.55 16.77 -7.43
CA LEU E 170 20.99 16.77 -7.70
C LEU E 170 21.78 16.54 -6.42
N ASP E 171 21.44 15.49 -5.70
CA ASP E 171 21.98 15.23 -4.37
C ASP E 171 22.75 13.93 -4.35
N GLU E 172 23.72 13.85 -3.44
CA GLU E 172 24.39 12.61 -3.08
C GLU E 172 23.93 12.21 -1.69
N GLN E 173 23.52 10.95 -1.54
CA GLN E 173 23.13 10.43 -0.25
C GLN E 173 24.17 9.44 0.25
N ASN E 174 24.25 9.31 1.56
CA ASN E 174 25.15 8.38 2.22
C ASN E 174 24.30 7.50 3.12
N CYS E 175 24.17 6.23 2.77
CA CYS E 175 23.35 5.27 3.50
C CYS E 175 24.23 4.15 4.01
N THR E 176 24.03 3.77 5.27
CA THR E 176 24.94 2.87 5.96
C THR E 176 24.22 1.64 6.48
N LEU E 177 25.00 0.62 6.79
CA LEU E 177 24.55 -0.54 7.57
C LEU E 177 25.43 -0.63 8.80
N GLU E 178 24.82 -0.53 9.98
CA GLU E 178 25.55 -0.56 11.24
C GLU E 178 25.46 -1.96 11.83
N ILE E 179 26.58 -2.67 11.82
CA ILE E 179 26.65 -4.04 12.31
C ILE E 179 27.23 -4.00 13.72
N GLU E 180 26.56 -4.65 14.66
CA GLU E 180 26.97 -4.56 16.05
C GLU E 180 26.64 -5.85 16.77
N SER E 181 27.35 -6.08 17.87
CA SER E 181 27.02 -7.16 18.81
C SER E 181 26.05 -6.63 19.84
N TYR E 182 25.01 -7.39 20.14
CA TYR E 182 24.02 -6.87 21.08
C TYR E 182 24.45 -7.09 22.52
N GLY E 183 24.74 -8.33 22.88
CA GLY E 183 24.98 -8.60 24.29
C GLY E 183 26.42 -8.69 24.72
N TYR E 184 27.35 -8.80 23.79
CA TYR E 184 28.76 -8.99 24.11
C TYR E 184 29.50 -7.70 23.89
N THR E 185 30.20 -7.24 24.91
CA THR E 185 31.00 -6.03 24.83
C THR E 185 32.35 -6.36 24.21
N THR E 186 33.22 -5.36 24.12
CA THR E 186 34.54 -5.57 23.56
C THR E 186 35.41 -6.46 24.44
N ASP E 187 34.99 -6.73 25.68
CA ASP E 187 35.67 -7.72 26.50
C ASP E 187 35.34 -9.14 26.11
N ASP E 188 34.22 -9.34 25.40
CA ASP E 188 33.76 -10.66 25.01
C ASP E 188 33.91 -10.95 23.53
N ILE E 189 33.95 -9.92 22.68
CA ILE E 189 33.92 -10.14 21.24
C ILE E 189 34.58 -8.95 20.55
N GLU E 190 35.21 -9.22 19.42
CA GLU E 190 35.79 -8.18 18.58
C GLU E 190 35.39 -8.43 17.14
N PHE E 191 34.87 -7.41 16.48
CA PHE E 191 34.52 -7.48 15.08
C PHE E 191 35.70 -6.99 14.23
N TYR E 192 35.86 -7.57 13.05
CA TYR E 192 36.79 -7.04 12.06
C TYR E 192 36.29 -7.43 10.68
N TRP E 193 36.62 -6.61 9.70
CA TRP E 193 36.33 -6.94 8.31
C TRP E 193 37.37 -7.94 7.83
N ARG E 194 36.90 -9.11 7.43
CA ARG E 194 37.79 -10.18 7.00
CA ARG E 194 37.80 -10.17 7.00
C ARG E 194 38.20 -9.93 5.55
N GLY E 195 39.46 -9.59 5.34
CA GLY E 195 39.94 -9.21 4.03
C GLY E 195 40.15 -7.72 3.86
N GLY E 196 40.05 -6.94 4.92
CA GLY E 196 40.25 -5.51 4.81
C GLY E 196 39.18 -4.88 3.93
N ASP E 197 39.62 -4.10 2.95
CA ASP E 197 38.70 -3.43 2.06
C ASP E 197 38.08 -4.39 1.05
N LYS E 198 38.58 -5.62 0.95
CA LYS E 198 38.00 -6.63 0.10
C LYS E 198 36.98 -7.49 0.84
N ALA E 199 36.59 -7.08 2.05
CA ALA E 199 35.60 -7.84 2.79
C ALA E 199 34.22 -7.78 2.14
N VAL E 200 33.89 -6.66 1.52
CA VAL E 200 32.58 -6.48 0.89
C VAL E 200 32.79 -6.45 -0.62
N THR E 201 32.11 -7.36 -1.31
CA THR E 201 32.20 -7.51 -2.76
C THR E 201 30.81 -7.39 -3.36
N GLY E 202 30.77 -7.20 -4.67
CA GLY E 202 29.53 -7.08 -5.39
C GLY E 202 28.94 -5.69 -5.44
N VAL E 203 29.59 -4.70 -4.84
CA VAL E 203 29.10 -3.33 -4.89
C VAL E 203 29.21 -2.78 -6.31
N GLU E 204 30.28 -3.10 -7.01
CA GLU E 204 30.52 -2.54 -8.33
C GLU E 204 29.54 -3.07 -9.37
N ARG E 205 28.90 -4.21 -9.12
CA ARG E 205 27.93 -4.76 -10.05
C ARG E 205 26.51 -4.32 -9.76
N ILE E 206 26.27 -3.56 -8.69
CA ILE E 206 24.91 -3.15 -8.36
C ILE E 206 24.46 -2.09 -9.35
N GLU E 207 23.26 -2.28 -9.88
CA GLU E 207 22.67 -1.36 -10.84
C GLU E 207 21.36 -0.85 -10.27
N LEU E 208 21.32 0.42 -9.92
CA LEU E 208 20.08 1.06 -9.52
C LEU E 208 19.60 1.97 -10.63
N PRO E 209 18.32 1.94 -10.98
CA PRO E 209 17.84 2.82 -12.05
C PRO E 209 18.06 4.29 -11.77
N GLN E 210 17.93 4.71 -10.51
CA GLN E 210 17.94 6.12 -10.16
C GLN E 210 19.25 6.59 -9.54
N PHE E 211 20.12 5.68 -9.13
CA PHE E 211 21.34 6.02 -8.43
C PHE E 211 22.53 5.35 -9.07
N SER E 212 23.70 5.92 -8.83
CA SER E 212 24.97 5.28 -9.13
C SER E 212 25.80 5.29 -7.86
N ILE E 213 26.30 4.13 -7.46
CA ILE E 213 27.08 4.00 -6.24
C ILE E 213 28.46 4.59 -6.50
N VAL E 214 28.71 5.77 -5.94
CA VAL E 214 30.00 6.43 -6.15
C VAL E 214 31.11 5.65 -5.48
N GLU E 215 30.91 5.27 -4.21
CA GLU E 215 31.91 4.51 -3.49
C GLU E 215 31.24 3.83 -2.31
N HIS E 216 31.96 2.87 -1.74
CA HIS E 216 31.57 2.23 -0.50
C HIS E 216 32.76 2.23 0.44
N ARG E 217 32.48 2.33 1.73
CA ARG E 217 33.52 2.49 2.73
C ARG E 217 33.25 1.54 3.89
N LEU E 218 34.32 0.95 4.43
CA LEU E 218 34.24 0.02 5.55
C LEU E 218 34.88 0.64 6.78
N VAL E 219 34.15 0.66 7.89
CA VAL E 219 34.59 1.28 9.13
C VAL E 219 34.47 0.27 10.25
N SER E 220 35.46 0.23 11.13
CA SER E 220 35.45 -0.59 12.33
C SER E 220 35.77 0.29 13.52
N ARG E 221 34.87 0.35 14.50
CA ARG E 221 35.06 1.20 15.66
C ARG E 221 34.37 0.56 16.86
N ASN E 222 34.28 1.32 17.95
CA ASN E 222 33.58 0.92 19.16
C ASN E 222 32.53 1.97 19.49
N VAL E 223 31.37 1.51 19.97
CA VAL E 223 30.28 2.39 20.36
C VAL E 223 29.96 2.12 21.82
N VAL E 224 29.85 3.18 22.62
CA VAL E 224 29.66 3.07 24.05
C VAL E 224 28.21 3.38 24.38
N PHE E 225 27.58 2.49 25.13
CA PHE E 225 26.29 2.72 25.74
C PHE E 225 26.43 2.63 27.26
N ALA E 226 25.31 2.73 27.97
CA ALA E 226 25.35 2.60 29.41
C ALA E 226 25.73 1.20 29.86
N THR E 227 25.54 0.20 29.01
CA THR E 227 25.82 -1.19 29.34
C THR E 227 27.22 -1.63 28.93
N GLY E 228 28.01 -0.76 28.32
CA GLY E 228 29.38 -1.06 27.97
C GLY E 228 29.72 -0.63 26.56
N ALA E 229 30.96 -0.89 26.18
CA ALA E 229 31.44 -0.58 24.84
C ALA E 229 31.25 -1.79 23.94
N TYR E 230 30.75 -1.55 22.74
CA TYR E 230 30.45 -2.65 21.86
C TYR E 230 31.16 -2.48 20.52
N PRO E 231 31.66 -3.56 19.93
CA PRO E 231 32.23 -3.46 18.60
C PRO E 231 31.18 -3.10 17.57
N ARG E 232 31.58 -2.30 16.59
CA ARG E 232 30.70 -1.95 15.50
C ARG E 232 31.45 -1.97 14.18
N LEU E 233 30.86 -2.61 13.18
CA LEU E 233 31.31 -2.50 11.80
C LEU E 233 30.27 -1.69 11.04
N SER E 234 30.73 -0.72 10.26
CA SER E 234 29.85 0.13 9.48
C SER E 234 30.19 -0.01 8.01
N LEU E 235 29.19 -0.38 7.21
CA LEU E 235 29.31 -0.43 5.76
C LEU E 235 28.46 0.70 5.19
N SER E 236 29.09 1.62 4.47
CA SER E 236 28.43 2.80 3.94
C SER E 236 28.58 2.89 2.43
N PHE E 237 27.52 3.33 1.77
CA PHE E 237 27.53 3.58 0.34
C PHE E 237 27.22 5.05 0.10
N ARG E 238 27.95 5.66 -0.81
CA ARG E 238 27.65 7.02 -1.26
C ARG E 238 26.87 6.91 -2.55
N LEU E 239 25.62 7.35 -2.54
CA LEU E 239 24.72 7.23 -3.67
C LEU E 239 24.54 8.58 -4.33
N LYS E 240 24.82 8.66 -5.62
CA LYS E 240 24.59 9.86 -6.40
C LYS E 240 23.37 9.65 -7.28
N ARG E 241 22.43 10.59 -7.24
CA ARG E 241 21.18 10.45 -7.95
C ARG E 241 21.35 10.82 -9.41
N ASN E 242 20.88 9.96 -10.31
CA ASN E 242 20.87 10.28 -11.73
C ASN E 242 19.78 11.29 -12.01
N ILE E 243 20.12 12.35 -12.76
CA ILE E 243 19.16 13.43 -13.02
C ILE E 243 18.42 13.24 -14.33
N GLY E 244 18.76 12.21 -15.12
CA GLY E 244 18.15 12.07 -16.42
C GLY E 244 16.64 11.91 -16.35
N TYR E 245 16.14 11.24 -15.32
CA TYR E 245 14.71 11.10 -15.14
C TYR E 245 14.04 12.44 -14.89
N PHE E 246 14.63 13.27 -14.04
CA PHE E 246 14.00 14.52 -13.64
C PHE E 246 14.05 15.58 -14.74
N ILE E 247 14.98 15.47 -15.67
CA ILE E 247 14.96 16.35 -16.83
C ILE E 247 13.69 16.10 -17.64
N LEU E 248 13.38 14.84 -17.88
CA LEU E 248 12.20 14.50 -18.67
C LEU E 248 10.91 14.79 -17.92
N GLN E 249 10.89 14.61 -16.60
CA GLN E 249 9.66 14.70 -15.82
C GLN E 249 9.35 16.11 -15.37
N THR E 250 10.31 16.81 -14.79
CA THR E 250 10.05 18.09 -14.14
C THR E 250 10.67 19.26 -14.87
N TYR E 251 11.97 19.21 -15.14
CA TYR E 251 12.68 20.40 -15.63
C TYR E 251 12.22 20.78 -17.03
N MET E 252 12.20 19.82 -17.96
CA MET E 252 11.82 20.16 -19.33
C MET E 252 10.38 20.65 -19.44
N PRO E 253 9.38 20.00 -18.84
CA PRO E 253 8.04 20.60 -18.85
C PRO E 253 8.01 22.00 -18.27
N SER E 254 8.75 22.25 -17.18
CA SER E 254 8.76 23.57 -16.59
C SER E 254 9.41 24.58 -17.51
N ILE E 255 10.50 24.20 -18.17
CA ILE E 255 11.19 25.09 -19.10
C ILE E 255 10.27 25.44 -20.27
N LEU E 256 9.58 24.43 -20.81
CA LEU E 256 8.75 24.65 -21.98
C LEU E 256 7.54 25.53 -21.66
N ILE E 257 6.94 25.33 -20.49
CA ILE E 257 5.81 26.18 -20.08
C ILE E 257 6.28 27.62 -19.90
N THR E 258 7.46 27.81 -19.32
CA THR E 258 7.99 29.16 -19.16
C THR E 258 8.25 29.82 -20.49
N ILE E 259 8.80 29.08 -21.45
CA ILE E 259 9.00 29.61 -22.78
C ILE E 259 7.66 29.90 -23.44
N LEU E 260 6.67 29.03 -23.22
CA LEU E 260 5.34 29.24 -23.77
C LEU E 260 4.75 30.56 -23.30
N SER E 261 5.00 30.92 -22.04
CA SER E 261 4.45 32.14 -21.49
C SER E 261 4.98 33.39 -22.17
N TRP E 262 6.14 33.31 -22.83
CA TRP E 262 6.68 34.46 -23.53
C TRP E 262 5.95 34.76 -24.83
N VAL E 263 5.14 33.83 -25.33
CA VAL E 263 4.38 34.07 -26.56
C VAL E 263 3.47 35.27 -26.39
N SER E 264 2.99 35.50 -25.16
CA SER E 264 2.12 36.65 -24.90
C SER E 264 2.77 37.97 -25.31
N PHE E 265 4.09 38.07 -25.22
CA PHE E 265 4.76 39.33 -25.53
C PHE E 265 4.70 39.67 -27.01
N TRP E 266 4.34 38.72 -27.86
CA TRP E 266 4.18 38.96 -29.29
C TRP E 266 2.72 39.15 -29.69
N ILE E 267 1.82 39.27 -28.72
CA ILE E 267 0.40 39.49 -28.97
C ILE E 267 0.08 40.92 -28.60
N ASN E 268 -0.86 41.54 -29.33
CA ASN E 268 -1.17 42.94 -29.10
C ASN E 268 -1.79 43.16 -27.73
N TYR E 269 -1.61 44.37 -27.21
CA TYR E 269 -2.08 44.70 -25.87
C TYR E 269 -3.59 44.59 -25.75
N ASP E 270 -4.32 44.81 -26.84
CA ASP E 270 -5.78 44.83 -26.77
C ASP E 270 -6.39 43.45 -26.80
N ALA E 271 -5.61 42.41 -27.11
CA ALA E 271 -6.12 41.04 -27.09
C ALA E 271 -6.01 40.48 -25.67
N SER E 272 -6.88 41.00 -24.81
CA SER E 272 -6.84 40.63 -23.40
C SER E 272 -7.21 39.17 -23.19
N ALA E 273 -8.23 38.68 -23.91
CA ALA E 273 -8.67 37.30 -23.71
C ALA E 273 -7.57 36.32 -24.08
N ALA E 274 -6.83 36.59 -25.16
CA ALA E 274 -5.77 35.68 -25.57
C ALA E 274 -4.63 35.69 -24.57
N ARG E 275 -4.16 36.88 -24.18
CA ARG E 275 -2.97 36.97 -23.35
C ARG E 275 -3.26 36.53 -21.92
N VAL E 276 -4.45 36.83 -21.41
CA VAL E 276 -4.82 36.36 -20.07
C VAL E 276 -4.94 34.85 -20.06
N ALA E 277 -5.60 34.27 -21.06
CA ALA E 277 -5.74 32.82 -21.11
C ALA E 277 -4.39 32.15 -21.21
N LEU E 278 -3.50 32.70 -22.04
CA LEU E 278 -2.14 32.19 -22.12
C LEU E 278 -1.41 32.35 -20.80
N GLY E 279 -1.54 33.52 -20.16
CA GLY E 279 -0.85 33.74 -18.90
C GLY E 279 -1.41 32.91 -17.77
N ILE E 280 -2.73 32.80 -17.69
CA ILE E 280 -3.37 32.06 -16.60
C ILE E 280 -3.01 30.58 -16.67
N THR E 281 -3.08 30.00 -17.86
CA THR E 281 -2.86 28.56 -17.99
C THR E 281 -1.43 28.18 -17.66
N THR E 282 -0.45 28.99 -18.09
CA THR E 282 0.94 28.68 -17.77
C THR E 282 1.18 28.74 -16.27
N VAL E 283 0.56 29.69 -15.59
CA VAL E 283 0.62 29.72 -14.13
C VAL E 283 0.01 28.46 -13.55
N LEU E 284 -1.13 28.03 -14.10
CA LEU E 284 -1.75 26.79 -13.65
CA LEU E 284 -1.75 26.79 -13.65
C LEU E 284 -0.91 25.58 -14.02
N THR E 285 -0.38 25.55 -15.24
CA THR E 285 0.41 24.40 -15.66
C THR E 285 1.63 24.22 -14.78
N MET E 286 2.18 25.30 -14.24
CA MET E 286 3.27 25.16 -13.28
C MET E 286 2.81 24.44 -12.02
N THR E 287 1.58 24.73 -11.58
CA THR E 287 1.04 24.03 -10.42
C THR E 287 0.86 22.55 -10.69
N THR E 288 0.35 22.21 -11.88
CA THR E 288 0.17 20.81 -12.25
C THR E 288 1.50 20.07 -12.25
N ILE E 289 2.56 20.73 -12.71
CA ILE E 289 3.89 20.13 -12.65
C ILE E 289 4.33 19.93 -11.21
N ASN E 290 4.00 20.88 -10.35
CA ASN E 290 4.46 20.80 -8.96
C ASN E 290 3.67 19.78 -8.16
N THR E 291 2.34 19.72 -8.33
CA THR E 291 1.54 18.82 -7.52
C THR E 291 1.92 17.37 -7.76
N HIS E 292 2.14 16.99 -9.03
CA HIS E 292 2.56 15.63 -9.32
C HIS E 292 3.89 15.31 -8.64
N LEU E 293 4.81 16.26 -8.66
CA LEU E 293 6.09 16.08 -7.99
C LEU E 293 5.93 16.01 -6.48
N ARG E 294 5.01 16.81 -5.93
CA ARG E 294 4.80 16.83 -4.48
C ARG E 294 4.26 15.50 -3.98
N GLU E 295 3.37 14.87 -4.77
CA GLU E 295 2.66 13.68 -4.30
C GLU E 295 3.58 12.49 -4.07
N THR E 296 4.77 12.46 -4.67
CA THR E 296 5.65 11.31 -4.60
C THR E 296 6.81 11.49 -3.63
N LEU E 297 6.76 12.49 -2.76
CA LEU E 297 7.84 12.81 -1.85
C LEU E 297 7.29 12.97 -0.43
N PRO E 298 8.12 12.80 0.58
CA PRO E 298 7.65 12.95 1.96
C PRO E 298 7.42 14.40 2.32
N LYS E 299 6.77 14.61 3.46
CA LYS E 299 6.53 15.95 3.95
C LYS E 299 7.83 16.56 4.43
N ILE E 300 8.52 17.27 3.55
CA ILE E 300 9.83 17.83 3.84
C ILE E 300 9.64 19.30 4.19
N PRO E 301 10.13 19.76 5.35
CA PRO E 301 9.85 21.13 5.78
C PRO E 301 10.71 22.20 5.11
N TYR E 302 11.71 21.82 4.33
CA TYR E 302 12.60 22.79 3.71
C TYR E 302 12.44 22.78 2.21
N VAL E 303 13.08 23.75 1.57
CA VAL E 303 13.00 23.93 0.13
C VAL E 303 14.09 23.07 -0.53
N LYS E 304 13.68 22.19 -1.41
CA LYS E 304 14.61 21.36 -2.16
C LYS E 304 15.10 22.11 -3.38
N ALA E 305 16.12 21.56 -4.04
CA ALA E 305 16.64 22.17 -5.26
C ALA E 305 15.58 22.18 -6.35
N ILE E 306 14.74 21.15 -6.37
CA ILE E 306 13.66 21.10 -7.35
C ILE E 306 12.59 22.13 -7.04
N ASP E 307 12.38 22.44 -5.75
CA ASP E 307 11.43 23.47 -5.37
C ASP E 307 11.90 24.86 -5.80
N MET E 308 13.21 25.13 -5.68
CA MET E 308 13.72 26.42 -6.09
C MET E 308 13.50 26.66 -7.57
N TYR E 309 13.66 25.63 -8.39
CA TYR E 309 13.44 25.78 -9.82
C TYR E 309 11.97 26.03 -10.14
N LEU E 310 11.08 25.21 -9.56
CA LEU E 310 9.66 25.38 -9.83
C LEU E 310 9.16 26.73 -9.33
N MET E 311 9.63 27.17 -8.16
CA MET E 311 9.26 28.48 -7.68
C MET E 311 9.93 29.58 -8.49
N GLY E 312 11.12 29.31 -9.02
CA GLY E 312 11.73 30.24 -9.95
C GLY E 312 10.96 30.32 -11.27
N CYS E 313 10.56 29.17 -11.81
CA CYS E 313 9.78 29.16 -13.02
C CYS E 313 8.37 29.70 -12.80
N PHE E 314 7.84 29.56 -11.58
CA PHE E 314 6.54 30.14 -11.29
C PHE E 314 6.60 31.66 -11.26
N VAL E 315 7.69 32.23 -10.77
CA VAL E 315 7.83 33.69 -10.78
C VAL E 315 7.84 34.21 -12.21
N PHE E 316 8.54 33.52 -13.10
CA PHE E 316 8.64 33.99 -14.49
C PHE E 316 7.29 33.97 -15.19
N VAL E 317 6.52 32.89 -15.01
CA VAL E 317 5.21 32.87 -15.64
C VAL E 317 4.26 33.85 -14.96
N PHE E 318 4.42 34.06 -13.65
CA PHE E 318 3.57 35.02 -12.96
C PHE E 318 3.91 36.45 -13.38
N LEU E 319 5.20 36.77 -13.50
CA LEU E 319 5.59 38.10 -13.93
C LEU E 319 5.18 38.35 -15.38
N ALA E 320 5.24 37.31 -16.21
CA ALA E 320 4.79 37.46 -17.59
C ALA E 320 3.31 37.79 -17.66
N LEU E 321 2.51 37.21 -16.78
CA LEU E 321 1.10 37.57 -16.71
C LEU E 321 0.91 38.95 -16.10
N LEU E 322 1.67 39.27 -15.06
CA LEU E 322 1.64 40.61 -14.46
C LEU E 322 2.16 41.65 -15.43
N GLU E 323 3.00 41.25 -16.39
CA GLU E 323 3.46 42.20 -17.39
C GLU E 323 2.30 42.69 -18.26
N TYR E 324 1.37 41.79 -18.58
CA TYR E 324 0.24 42.21 -19.40
C TYR E 324 -0.71 43.10 -18.61
N ALA E 325 -1.00 42.74 -17.37
CA ALA E 325 -1.87 43.56 -16.54
C ALA E 325 -1.31 44.97 -16.40
N PHE E 326 0.00 45.08 -16.25
CA PHE E 326 0.64 46.39 -16.27
C PHE E 326 0.47 47.06 -17.62
N VAL E 327 0.65 46.30 -18.71
CA VAL E 327 0.47 46.86 -20.05
C VAL E 327 -0.98 47.27 -20.27
N ASN E 328 -1.92 46.42 -19.85
CA ASN E 328 -3.33 46.76 -19.98
C ASN E 328 -3.68 47.99 -19.17
N TYR E 329 -3.10 48.12 -17.98
CA TYR E 329 -3.42 49.26 -17.12
C TYR E 329 -2.85 50.55 -17.70
N ILE E 330 -1.67 50.50 -18.32
CA ILE E 330 -1.09 51.70 -18.90
C ILE E 330 -1.95 52.20 -20.06
N PHE E 331 -2.43 51.29 -20.91
CA PHE E 331 -3.19 51.73 -22.07
C PHE E 331 -4.61 52.14 -21.69
N PHE E 332 -5.28 51.36 -20.85
CA PHE E 332 -6.68 51.62 -20.57
C PHE E 332 -6.91 52.39 -19.28
N GLY E 333 -6.03 52.27 -18.30
CA GLY E 333 -6.18 53.04 -17.08
C GLY E 333 -5.55 54.42 -17.20
N ARG E 334 -4.26 54.45 -17.51
CA ARG E 334 -3.53 55.71 -17.62
C ARG E 334 -3.55 56.29 -19.02
N GLY E 335 -4.17 55.61 -19.97
CA GLY E 335 -4.24 56.09 -21.34
C GLY E 335 -5.11 57.32 -21.51
N PRO E 336 -6.40 57.21 -21.19
CA PRO E 336 -7.32 58.34 -21.45
C PRO E 336 -6.91 59.63 -20.77
N GLN E 337 -6.31 59.54 -19.57
CA GLN E 337 -5.85 60.72 -18.86
C GLN E 337 -4.48 61.18 -19.31
N ARG E 338 -3.88 60.50 -20.28
CA ARG E 338 -2.57 60.84 -20.82
C ARG E 338 -1.49 60.73 -19.76
N ILE E 439 15.35 49.66 -19.62
CA ILE E 439 14.03 49.99 -19.10
C ILE E 439 13.23 50.71 -20.17
N PRO E 440 12.01 50.23 -20.43
CA PRO E 440 11.19 50.84 -21.47
C PRO E 440 10.63 52.18 -21.01
N ASP E 441 9.94 52.85 -21.94
CA ASP E 441 9.41 54.18 -21.68
C ASP E 441 8.37 54.21 -20.57
N LEU E 442 7.68 53.09 -20.36
CA LEU E 442 6.59 52.95 -19.39
C LEU E 442 5.38 53.82 -19.72
N THR E 443 5.32 54.37 -20.93
CA THR E 443 4.12 55.02 -21.43
C THR E 443 3.67 54.47 -22.77
N ASP E 444 4.55 53.83 -23.53
CA ASP E 444 4.19 53.13 -24.76
C ASP E 444 4.14 51.63 -24.45
N VAL E 445 2.96 51.04 -24.62
CA VAL E 445 2.81 49.62 -24.32
C VAL E 445 3.61 48.77 -25.30
N ASN E 446 3.75 49.21 -26.55
CA ASN E 446 4.56 48.47 -27.50
C ASN E 446 6.01 48.39 -27.04
N ALA E 447 6.54 49.47 -26.47
CA ALA E 447 7.90 49.45 -25.95
C ALA E 447 8.04 48.44 -24.81
N ILE E 448 7.06 48.39 -23.91
CA ILE E 448 7.10 47.45 -22.80
C ILE E 448 7.04 46.02 -23.30
N ASP E 449 6.18 45.75 -24.28
CA ASP E 449 6.10 44.41 -24.84
C ASP E 449 7.41 44.01 -25.52
N ARG E 450 8.00 44.91 -26.29
CA ARG E 450 9.25 44.60 -26.96
C ARG E 450 10.41 44.50 -25.99
N TRP E 451 10.38 45.28 -24.91
CA TRP E 451 11.36 45.12 -23.84
C TRP E 451 11.22 43.76 -23.18
N SER E 452 9.98 43.31 -22.98
CA SER E 452 9.76 42.01 -22.36
C SER E 452 10.25 40.87 -23.24
N ARG E 453 10.15 41.01 -24.56
CA ARG E 453 10.56 39.95 -25.46
C ARG E 453 12.05 39.64 -25.34
N ILE E 454 12.84 40.57 -24.83
CA ILE E 454 14.27 40.38 -24.67
C ILE E 454 14.62 40.05 -23.23
N VAL E 455 14.11 40.83 -22.27
CA VAL E 455 14.51 40.68 -20.88
C VAL E 455 14.06 39.33 -20.32
N PHE E 456 12.82 38.94 -20.58
CA PHE E 456 12.32 37.69 -20.01
C PHE E 456 13.10 36.47 -20.48
N PRO E 457 13.35 36.27 -21.79
CA PRO E 457 14.24 35.17 -22.18
C PRO E 457 15.64 35.32 -21.64
N PHE E 458 16.16 36.55 -21.58
CA PHE E 458 17.52 36.77 -21.11
C PHE E 458 17.65 36.48 -19.63
N THR E 459 16.69 36.96 -18.83
CA THR E 459 16.75 36.71 -17.39
C THR E 459 16.55 35.24 -17.06
N PHE E 460 15.68 34.55 -17.81
CA PHE E 460 15.44 33.15 -17.53
C PHE E 460 16.68 32.30 -17.79
N SER E 461 17.43 32.63 -18.86
CA SER E 461 18.70 31.95 -19.09
C SER E 461 19.70 32.29 -18.00
N LEU E 462 19.67 33.54 -17.52
CA LEU E 462 20.51 33.91 -16.39
C LEU E 462 20.13 33.13 -15.15
N PHE E 463 18.82 32.94 -14.91
CA PHE E 463 18.38 32.11 -13.79
C PHE E 463 18.84 30.67 -13.96
N ASN E 464 18.72 30.14 -15.17
CA ASN E 464 19.20 28.77 -15.43
C ASN E 464 20.70 28.68 -15.25
N LEU E 465 21.43 29.73 -15.65
CA LEU E 465 22.88 29.72 -15.48
C LEU E 465 23.27 29.66 -14.02
N VAL E 466 22.64 30.47 -13.17
CA VAL E 466 22.97 30.48 -11.75
C VAL E 466 22.51 29.19 -11.08
N TYR E 467 21.32 28.71 -11.42
CA TYR E 467 20.80 27.49 -10.81
C TYR E 467 21.69 26.29 -11.10
N TRP E 468 21.99 26.06 -12.38
CA TRP E 468 22.70 24.85 -12.76
C TRP E 468 24.17 24.89 -12.35
N LEU E 469 24.75 26.08 -12.22
CA LEU E 469 26.12 26.16 -11.73
C LEU E 469 26.20 25.93 -10.24
N TYR E 470 25.17 26.33 -9.50
CA TYR E 470 25.19 26.16 -8.05
C TYR E 470 24.92 24.71 -7.63
N TYR E 471 24.10 23.99 -8.38
CA TYR E 471 23.71 22.64 -8.00
C TYR E 471 24.46 21.56 -8.77
N VAL E 472 25.46 21.93 -9.57
CA VAL E 472 26.30 20.95 -10.23
C VAL E 472 27.75 21.20 -9.87
#